data_3I3V
#
_entry.id   3I3V
#
_cell.length_a   91.314
_cell.length_b   91.314
_cell.length_c   370.019
_cell.angle_alpha   90.00
_cell.angle_beta   90.00
_cell.angle_gamma   120.00
#
_symmetry.space_group_name_H-M   'P 31 2 1'
#
loop_
_entity.id
_entity.type
_entity.pdbx_description
1 polymer 'Probable secreted solute-binding lipoprotein'
2 water water
#
_entity_poly.entity_id   1
_entity_poly.type   'polypeptide(L)'
_entity_poly.pdbx_seq_one_letter_code
;(MSE)SLDSDPDTLVVHTQLGTTAPGSPTYLAAVDRFREENPGVKIKNLVNGDDLAQVYETSRLARKEADVV(MSE)VNL
YDKTLAWTDVGATVDVKPYLDDWGLRGRVLPAALADWTDDEGRVRAFPYFATNWPVAYNRALLDRAGVDAIPTTGDQLIA
AARKLRAKGIAPVTVGGNDWTGQKLLAQIIQTFLSQDEARHVYSTGDFGVRGARLGIEYFAHLRDAGVFADKAQGLTSDS
(MSE)TTQFNTEEAAVQSA(MSE)SSALAKVPEKVAGHTEVGGWPLADGAAHDGPTVIRAYTLIGFWISPNGVRKIEQVE
KFLRF(MSE)YRPDVVARFVTESGRD(MSE)ALRTDAVSTGFPLVGAAQRLGSEVSQVLLPDVYVPPAAAQPLITATSTS
FTRGTSPARVRAALESAYRSVEGHHHHHH
;
_entity_poly.pdbx_strand_id   A,B,C,D
#
# COMPACT_ATOMS: atom_id res chain seq x y z
N PRO A 7 -12.78 16.02 5.54
CA PRO A 7 -11.49 16.47 5.01
C PRO A 7 -11.25 17.94 5.28
N ASP A 8 -10.52 18.18 6.36
CA ASP A 8 -10.18 19.48 6.87
C ASP A 8 -10.26 19.19 8.35
N THR A 9 -10.45 17.90 8.60
CA THR A 9 -10.55 17.35 9.94
C THR A 9 -9.40 16.35 10.09
N LEU A 10 -8.65 16.53 11.16
CA LEU A 10 -7.51 15.71 11.48
C LEU A 10 -7.97 14.28 11.81
N VAL A 11 -7.43 13.28 11.11
CA VAL A 11 -7.79 11.90 11.40
C VAL A 11 -6.59 11.25 12.09
N VAL A 12 -6.84 10.68 13.26
CA VAL A 12 -5.81 10.04 14.06
C VAL A 12 -6.10 8.54 14.19
N HIS A 13 -5.19 7.73 13.66
CA HIS A 13 -5.32 6.27 13.72
C HIS A 13 -4.51 5.84 14.96
N THR A 14 -5.20 5.46 16.02
CA THR A 14 -4.52 5.15 17.27
C THR A 14 -4.87 3.83 17.95
N GLN A 15 -3.94 3.33 18.75
CA GLN A 15 -4.13 2.10 19.50
C GLN A 15 -4.80 2.42 20.84
N LEU A 16 -4.89 3.71 21.16
CA LEU A 16 -5.51 4.13 22.40
C LEU A 16 -6.95 4.57 22.13
N GLY A 17 -7.82 4.36 23.11
CA GLY A 17 -9.23 4.71 22.97
C GLY A 17 -10.15 3.75 23.69
N THR A 18 -9.73 2.52 23.89
CA THR A 18 -10.56 1.54 24.58
C THR A 18 -9.84 0.81 25.72
N THR A 19 -9.12 -0.25 25.37
CA THR A 19 -8.42 -1.07 26.36
C THR A 19 -6.94 -0.76 26.62
N ALA A 20 -6.25 -0.28 25.60
CA ALA A 20 -4.84 0.06 25.74
C ALA A 20 -4.63 0.95 26.98
N PRO A 21 -3.50 0.76 27.69
CA PRO A 21 -3.19 1.54 28.89
C PRO A 21 -3.04 3.03 28.51
N GLY A 22 -3.65 3.92 29.29
CA GLY A 22 -3.57 5.35 29.03
C GLY A 22 -4.72 5.88 28.19
N SER A 23 -5.59 4.99 27.74
CA SER A 23 -6.73 5.38 26.90
C SER A 23 -7.63 6.43 27.56
N PRO A 24 -7.90 6.29 28.87
CA PRO A 24 -8.75 7.25 29.57
C PRO A 24 -8.19 8.67 29.52
N THR A 25 -6.89 8.80 29.78
CA THR A 25 -6.27 10.11 29.73
C THR A 25 -6.21 10.63 28.30
N TYR A 26 -5.94 9.75 27.34
CA TYR A 26 -5.88 10.16 25.94
C TYR A 26 -7.18 10.81 25.50
N LEU A 27 -8.29 10.20 25.92
CA LEU A 27 -9.63 10.69 25.61
C LEU A 27 -9.87 12.06 26.28
N ALA A 28 -9.33 12.26 27.47
CA ALA A 28 -9.48 13.54 28.15
C ALA A 28 -8.67 14.55 27.36
N ALA A 29 -7.45 14.16 26.99
CA ALA A 29 -6.56 15.04 26.23
C ALA A 29 -7.28 15.51 24.96
N VAL A 30 -7.85 14.57 24.21
CA VAL A 30 -8.59 14.87 22.99
C VAL A 30 -9.76 15.85 23.26
N ASP A 31 -10.54 15.57 24.30
CA ASP A 31 -11.67 16.43 24.66
C ASP A 31 -11.18 17.79 25.15
N ARG A 32 -10.05 17.79 25.84
CA ARG A 32 -9.42 19.00 26.34
C ARG A 32 -8.94 19.82 25.12
N PHE A 33 -8.31 19.14 24.17
CA PHE A 33 -7.81 19.76 22.94
C PHE A 33 -8.95 20.48 22.22
N ARG A 34 -10.13 19.87 22.22
CA ARG A 34 -11.30 20.45 21.58
C ARG A 34 -11.82 21.68 22.33
N GLU A 35 -11.64 21.73 23.66
CA GLU A 35 -12.08 22.89 24.42
C GLU A 35 -11.13 24.07 24.17
N GLU A 36 -9.85 23.76 23.96
CA GLU A 36 -8.84 24.79 23.72
C GLU A 36 -8.91 25.33 22.30
N ASN A 37 -9.47 24.53 21.40
CA ASN A 37 -9.60 24.91 20.01
C ASN A 37 -11.02 24.62 19.53
N PRO A 38 -11.97 25.51 19.86
CA PRO A 38 -13.38 25.41 19.50
C PRO A 38 -13.74 25.06 18.06
N GLY A 39 -12.97 25.51 17.09
CA GLY A 39 -13.34 25.18 15.73
C GLY A 39 -12.75 23.91 15.14
N VAL A 40 -11.67 23.42 15.73
CA VAL A 40 -10.98 22.23 15.23
C VAL A 40 -11.75 20.91 15.25
N LYS A 41 -11.67 20.19 14.13
CA LYS A 41 -12.32 18.90 14.02
C LYS A 41 -11.26 17.81 14.11
N ILE A 42 -11.49 16.87 15.01
CA ILE A 42 -10.57 15.77 15.19
C ILE A 42 -11.36 14.49 15.43
N LYS A 43 -10.94 13.44 14.75
CA LYS A 43 -11.60 12.13 14.78
C LYS A 43 -10.58 11.05 15.14
N ASN A 44 -11.03 9.98 15.77
CA ASN A 44 -10.13 8.90 16.13
C ASN A 44 -10.55 7.54 15.58
N LEU A 45 -9.56 6.83 15.04
CA LEU A 45 -9.75 5.49 14.49
C LEU A 45 -8.98 4.55 15.42
N VAL A 46 -9.69 3.70 16.14
CA VAL A 46 -9.07 2.78 17.08
C VAL A 46 -8.82 1.37 16.54
N ASN A 47 -7.61 0.86 16.79
CA ASN A 47 -7.21 -0.49 16.38
C ASN A 47 -6.10 -0.96 17.31
N GLY A 48 -6.17 -2.22 17.72
CA GLY A 48 -5.17 -2.79 18.61
C GLY A 48 -3.93 -3.30 17.89
N ASP A 49 -3.64 -4.60 18.04
CA ASP A 49 -2.47 -5.18 17.40
C ASP A 49 -2.55 -5.22 15.89
N ASP A 50 -3.74 -4.97 15.35
CA ASP A 50 -3.90 -5.00 13.92
C ASP A 50 -3.91 -3.60 13.29
N LEU A 51 -3.48 -2.60 14.03
CA LEU A 51 -3.49 -1.24 13.49
C LEU A 51 -2.57 -1.11 12.30
N ALA A 52 -1.33 -1.60 12.43
CA ALA A 52 -0.36 -1.53 11.35
C ALA A 52 -0.93 -2.08 10.06
N GLN A 53 -1.61 -3.22 10.15
CA GLN A 53 -2.23 -3.85 8.98
C GLN A 53 -3.42 -3.04 8.44
N VAL A 54 -4.24 -2.51 9.33
CA VAL A 54 -5.38 -1.72 8.87
C VAL A 54 -4.87 -0.43 8.25
N TYR A 55 -3.77 0.10 8.79
CA TYR A 55 -3.21 1.33 8.25
C TYR A 55 -2.63 1.13 6.85
N GLU A 56 -1.85 0.07 6.66
CA GLU A 56 -1.25 -0.19 5.36
C GLU A 56 -2.34 -0.36 4.30
N THR A 57 -3.47 -0.91 4.71
CA THR A 57 -4.59 -1.10 3.79
C THR A 57 -5.24 0.25 3.44
N SER A 58 -5.36 1.15 4.41
CA SER A 58 -5.96 2.44 4.13
C SER A 58 -5.01 3.24 3.23
N ARG A 59 -3.74 2.88 3.29
CA ARG A 59 -2.73 3.54 2.48
C ARG A 59 -2.86 3.12 1.01
N LEU A 60 -3.28 1.87 0.79
CA LEU A 60 -3.48 1.36 -0.58
C LEU A 60 -4.68 2.07 -1.20
N ALA A 61 -5.67 2.36 -0.37
CA ALA A 61 -6.89 3.03 -0.80
C ALA A 61 -6.64 4.54 -0.89
N ARG A 62 -5.44 4.95 -0.51
CA ARG A 62 -5.07 6.36 -0.52
C ARG A 62 -5.92 7.17 0.46
N LYS A 63 -6.45 6.52 1.49
CA LYS A 63 -7.27 7.22 2.50
C LYS A 63 -6.67 7.09 3.90
N GLU A 64 -5.35 6.89 4.01
CA GLU A 64 -4.74 6.70 5.33
C GLU A 64 -4.90 7.89 6.28
N ALA A 65 -4.96 7.59 7.57
CA ALA A 65 -5.11 8.60 8.60
C ALA A 65 -3.93 9.57 8.56
N ASP A 66 -4.16 10.79 9.03
CA ASP A 66 -3.13 11.83 9.04
C ASP A 66 -2.05 11.60 10.09
N VAL A 67 -2.45 11.10 11.25
CA VAL A 67 -1.48 10.85 12.32
C VAL A 67 -1.66 9.43 12.85
N VAL A 68 -0.56 8.78 13.20
CA VAL A 68 -0.64 7.40 13.68
C VAL A 68 -0.02 7.27 15.07
N VAL A 70 1.21 4.35 17.31
CA VAL A 70 1.54 2.95 17.44
C VAL A 70 2.98 2.88 17.91
N ASN A 71 3.39 1.74 18.45
CA ASN A 71 4.76 1.55 18.93
C ASN A 71 5.70 1.10 17.82
N LEU A 72 6.99 1.01 18.17
CA LEU A 72 8.00 0.58 17.22
C LEU A 72 8.29 -0.91 17.42
N TYR A 73 7.91 -1.69 16.42
CA TYR A 73 8.13 -3.14 16.45
C TYR A 73 8.33 -3.56 14.99
N ASP A 74 8.60 -4.83 14.74
CA ASP A 74 8.88 -5.29 13.38
C ASP A 74 8.02 -4.79 12.22
N LYS A 75 6.71 -4.65 12.41
CA LYS A 75 5.89 -4.18 11.31
C LYS A 75 6.05 -2.70 10.99
N THR A 76 6.27 -1.87 12.00
CA THR A 76 6.40 -0.43 11.76
C THR A 76 7.86 0.00 11.50
N LEU A 77 8.79 -0.91 11.78
CA LEU A 77 10.22 -0.68 11.58
C LEU A 77 10.57 -0.42 10.11
N ALA A 78 9.74 -0.94 9.20
CA ALA A 78 10.00 -0.77 7.78
C ALA A 78 9.22 0.37 7.16
N TRP A 79 8.41 1.05 7.97
CA TRP A 79 7.60 2.15 7.46
C TRP A 79 8.32 3.35 6.92
N THR A 80 9.33 3.81 7.66
CA THR A 80 10.09 4.98 7.29
C THR A 80 10.93 4.85 6.01
N ASP A 81 11.50 3.68 5.78
CA ASP A 81 12.34 3.48 4.59
C ASP A 81 11.55 3.37 3.28
N VAL A 82 10.32 2.86 3.35
CA VAL A 82 9.51 2.73 2.15
C VAL A 82 8.56 3.91 2.01
N GLY A 83 8.61 4.83 2.97
CA GLY A 83 7.76 6.00 2.90
C GLY A 83 6.29 5.84 3.28
N ALA A 84 5.94 4.78 4.00
CA ALA A 84 4.55 4.59 4.41
C ALA A 84 4.27 5.62 5.48
N THR A 85 5.35 6.20 6.00
CA THR A 85 5.28 7.16 7.06
C THR A 85 6.50 8.07 6.81
N VAL A 86 6.39 9.37 7.09
CA VAL A 86 7.51 10.29 6.81
C VAL A 86 8.51 10.57 7.93
N ASP A 87 9.64 11.16 7.53
CA ASP A 87 10.70 11.55 8.46
C ASP A 87 10.17 12.72 9.25
N VAL A 88 10.18 12.61 10.57
CA VAL A 88 9.67 13.65 11.44
C VAL A 88 10.70 14.67 11.95
N LYS A 89 11.96 14.45 11.61
CA LYS A 89 13.02 15.35 12.05
C LYS A 89 12.82 16.84 11.74
N PRO A 90 12.47 17.19 10.49
CA PRO A 90 12.28 18.62 10.20
C PRO A 90 11.12 19.28 10.94
N TYR A 91 10.14 18.48 11.37
CA TYR A 91 9.01 19.02 12.10
C TYR A 91 9.39 19.16 13.57
N LEU A 92 10.06 18.15 14.09
CA LEU A 92 10.55 18.15 15.46
C LEU A 92 11.42 19.39 15.69
N ASP A 93 12.22 19.73 14.68
CA ASP A 93 13.11 20.90 14.79
C ASP A 93 12.39 22.21 14.58
N ASP A 94 11.75 22.36 13.42
CA ASP A 94 11.06 23.59 13.11
C ASP A 94 10.04 23.98 14.17
N TRP A 95 9.34 23.01 14.74
CA TRP A 95 8.34 23.30 15.77
C TRP A 95 8.99 23.49 17.14
N GLY A 96 10.30 23.35 17.20
CA GLY A 96 11.03 23.53 18.46
C GLY A 96 10.65 22.52 19.52
N LEU A 97 10.35 21.29 19.11
CA LEU A 97 9.94 20.23 20.02
C LEU A 97 11.10 19.30 20.41
N ARG A 98 12.16 19.24 19.59
CA ARG A 98 13.30 18.41 19.94
C ARG A 98 13.69 19.04 21.27
N GLY A 99 14.15 18.26 22.22
CA GLY A 99 14.49 18.91 23.48
C GLY A 99 13.41 18.65 24.51
N ARG A 100 12.22 18.29 24.04
CA ARG A 100 11.14 17.94 24.95
C ARG A 100 11.34 16.42 25.09
N VAL A 101 12.09 15.87 24.15
CA VAL A 101 12.38 14.44 24.09
C VAL A 101 13.62 14.03 24.88
N LEU A 102 13.54 12.90 25.57
CA LEU A 102 14.68 12.38 26.33
C LEU A 102 15.73 12.04 25.26
N PRO A 103 17.00 12.46 25.44
CA PRO A 103 18.03 12.14 24.43
C PRO A 103 18.11 10.67 24.05
N ALA A 104 18.03 9.78 25.04
CA ALA A 104 18.10 8.35 24.79
C ALA A 104 16.88 7.87 24.01
N ALA A 105 15.73 8.55 24.18
CA ALA A 105 14.52 8.18 23.46
C ALA A 105 14.61 8.62 22.01
N LEU A 106 15.06 9.86 21.78
CA LEU A 106 15.18 10.37 20.43
C LEU A 106 16.16 9.50 19.62
N ALA A 107 17.24 9.07 20.27
CA ALA A 107 18.23 8.21 19.62
C ALA A 107 17.62 6.87 19.22
N ASP A 108 16.91 6.23 20.14
CA ASP A 108 16.27 4.94 19.86
C ASP A 108 15.22 5.04 18.75
N TRP A 109 14.68 6.23 18.54
CA TRP A 109 13.66 6.43 17.50
C TRP A 109 14.21 6.94 16.15
N THR A 110 15.53 7.07 16.07
CA THR A 110 16.18 7.56 14.85
C THR A 110 16.84 6.37 14.17
N ASP A 111 16.56 6.18 12.87
CA ASP A 111 17.14 5.04 12.15
C ASP A 111 18.57 5.29 11.69
N ASP A 112 19.12 4.34 10.94
CA ASP A 112 20.50 4.42 10.45
C ASP A 112 20.77 5.58 9.50
N GLU A 113 19.76 5.99 8.75
CA GLU A 113 19.95 7.10 7.84
C GLU A 113 19.74 8.45 8.53
N GLY A 114 19.64 8.43 9.86
CA GLY A 114 19.46 9.66 10.62
C GLY A 114 18.05 10.25 10.60
N ARG A 115 17.09 9.47 10.14
CA ARG A 115 15.71 9.93 10.07
C ARG A 115 15.01 9.59 11.38
N VAL A 116 14.16 10.50 11.86
CA VAL A 116 13.42 10.26 13.08
C VAL A 116 12.08 9.66 12.68
N ARG A 117 11.91 8.39 13.03
CA ARG A 117 10.71 7.64 12.68
C ARG A 117 9.39 8.26 13.10
N ALA A 118 9.31 8.70 14.34
CA ALA A 118 8.09 9.32 14.84
C ALA A 118 8.38 10.13 16.10
N PHE A 119 7.39 10.91 16.53
CA PHE A 119 7.54 11.70 17.74
C PHE A 119 7.41 10.75 18.92
N PRO A 120 8.46 10.63 19.74
CA PRO A 120 8.39 9.72 20.89
C PRO A 120 7.28 10.14 21.86
N TYR A 121 6.72 9.19 22.59
CA TYR A 121 5.71 9.55 23.57
C TYR A 121 5.72 8.61 24.78
N PHE A 122 5.33 7.35 24.60
CA PHE A 122 5.33 6.41 25.71
C PHE A 122 6.65 5.64 25.87
N ALA A 123 6.91 5.18 27.08
CA ALA A 123 8.14 4.43 27.37
C ALA A 123 7.80 3.32 28.36
N THR A 124 8.82 2.64 28.88
CA THR A 124 8.55 1.61 29.88
C THR A 124 9.69 1.32 30.82
N ASN A 125 9.36 1.29 32.10
CA ASN A 125 10.30 0.93 33.15
C ASN A 125 9.84 -0.50 33.41
N TRP A 126 10.79 -1.41 33.50
CA TRP A 126 10.49 -2.83 33.67
C TRP A 126 11.47 -3.33 34.71
N PRO A 127 11.19 -3.04 35.99
CA PRO A 127 12.02 -3.42 37.14
C PRO A 127 11.62 -4.73 37.81
N VAL A 128 12.29 -5.03 38.90
CA VAL A 128 11.99 -6.23 39.67
C VAL A 128 11.30 -5.80 40.97
N ALA A 129 10.15 -6.39 41.27
CA ALA A 129 9.43 -6.06 42.50
C ALA A 129 9.74 -7.13 43.55
N TYR A 130 10.02 -6.69 44.77
CA TYR A 130 10.33 -7.59 45.89
C TYR A 130 9.33 -7.39 47.02
N ASN A 131 8.56 -8.42 47.33
CA ASN A 131 7.58 -8.33 48.39
C ASN A 131 8.35 -8.44 49.71
N ARG A 132 8.45 -7.31 50.41
CA ARG A 132 9.19 -7.23 51.66
C ARG A 132 8.65 -8.05 52.84
N ALA A 133 7.32 -8.15 52.95
CA ALA A 133 6.72 -8.90 54.06
C ALA A 133 6.97 -10.40 53.90
N LEU A 134 7.02 -10.86 52.65
CA LEU A 134 7.27 -12.27 52.39
C LEU A 134 8.74 -12.56 52.71
N LEU A 135 9.62 -11.65 52.30
CA LEU A 135 11.04 -11.80 52.56
C LEU A 135 11.28 -11.83 54.07
N ASP A 136 10.71 -10.87 54.80
CA ASP A 136 10.88 -10.83 56.25
C ASP A 136 10.36 -12.12 56.85
N ARG A 137 9.17 -12.56 56.41
CA ARG A 137 8.56 -13.79 56.92
C ARG A 137 9.51 -14.98 56.79
N ALA A 138 10.23 -15.04 55.67
CA ALA A 138 11.16 -16.13 55.40
C ALA A 138 12.53 -15.95 56.06
N GLY A 139 12.81 -14.75 56.55
CA GLY A 139 14.10 -14.52 57.19
C GLY A 139 15.15 -13.88 56.31
N VAL A 140 14.73 -13.27 55.20
CA VAL A 140 15.64 -12.57 54.30
C VAL A 140 15.43 -11.12 54.70
N ASP A 141 16.42 -10.51 55.34
CA ASP A 141 16.29 -9.14 55.83
C ASP A 141 16.72 -8.03 54.88
N ALA A 142 17.17 -8.42 53.69
CA ALA A 142 17.60 -7.44 52.71
C ALA A 142 17.32 -7.95 51.31
N ILE A 143 17.10 -7.02 50.39
CA ILE A 143 16.84 -7.35 49.00
C ILE A 143 18.16 -7.82 48.43
N PRO A 144 18.16 -8.98 47.76
CA PRO A 144 19.40 -9.50 47.19
C PRO A 144 19.91 -8.70 46.00
N THR A 145 21.22 -8.50 45.92
CA THR A 145 21.83 -7.76 44.82
C THR A 145 22.84 -8.64 44.06
N THR A 146 23.11 -9.83 44.57
CA THR A 146 24.02 -10.76 43.89
C THR A 146 23.31 -12.09 43.71
N GLY A 147 23.84 -12.91 42.81
CA GLY A 147 23.27 -14.22 42.56
C GLY A 147 23.20 -15.09 43.79
N ASP A 148 24.31 -15.19 44.53
CA ASP A 148 24.35 -16.02 45.73
C ASP A 148 23.29 -15.58 46.74
N GLN A 149 23.14 -14.27 46.90
CA GLN A 149 22.13 -13.77 47.84
C GLN A 149 20.74 -14.15 47.32
N LEU A 150 20.55 -14.09 46.00
CA LEU A 150 19.26 -14.45 45.40
C LEU A 150 18.93 -15.92 45.63
N ILE A 151 19.92 -16.79 45.43
CA ILE A 151 19.71 -18.21 45.65
C ILE A 151 19.42 -18.46 47.12
N ALA A 152 20.20 -17.83 48.00
CA ALA A 152 20.01 -18.02 49.43
C ALA A 152 18.60 -17.60 49.85
N ALA A 153 18.11 -16.51 49.27
CA ALA A 153 16.78 -16.03 49.59
C ALA A 153 15.75 -16.98 49.03
N ALA A 154 16.01 -17.49 47.83
CA ALA A 154 15.10 -18.43 47.17
C ALA A 154 14.92 -19.69 48.02
N ARG A 155 16.02 -20.23 48.53
CA ARG A 155 15.94 -21.43 49.36
C ARG A 155 15.18 -21.13 50.65
N LYS A 156 15.44 -19.96 51.23
CA LYS A 156 14.77 -19.54 52.47
C LYS A 156 13.28 -19.36 52.23
N LEU A 157 12.93 -18.73 51.13
CA LEU A 157 11.52 -18.51 50.80
C LEU A 157 10.83 -19.86 50.67
N ARG A 158 11.40 -20.76 49.85
CA ARG A 158 10.81 -22.08 49.67
C ARG A 158 10.68 -22.82 51.00
N ALA A 159 11.56 -22.53 51.95
CA ALA A 159 11.52 -23.19 53.26
C ALA A 159 10.25 -22.79 54.00
N LYS A 160 9.75 -21.59 53.74
CA LYS A 160 8.54 -21.12 54.39
C LYS A 160 7.30 -21.39 53.56
N GLY A 161 7.47 -22.17 52.49
CA GLY A 161 6.35 -22.49 51.63
C GLY A 161 6.00 -21.40 50.65
N ILE A 162 6.92 -20.45 50.46
CA ILE A 162 6.70 -19.33 49.54
C ILE A 162 7.49 -19.53 48.24
N ALA A 163 6.86 -19.23 47.11
CA ALA A 163 7.53 -19.36 45.82
C ALA A 163 8.46 -18.16 45.71
N PRO A 164 9.68 -18.35 45.18
CA PRO A 164 10.59 -17.21 45.06
C PRO A 164 10.25 -16.24 43.93
N VAL A 165 10.77 -16.50 42.73
CA VAL A 165 10.50 -15.63 41.58
C VAL A 165 9.43 -16.23 40.67
N THR A 166 8.31 -15.53 40.49
CA THR A 166 7.27 -16.03 39.60
C THR A 166 7.46 -15.37 38.24
N VAL A 167 7.10 -16.09 37.19
CA VAL A 167 7.24 -15.59 35.83
C VAL A 167 6.60 -16.54 34.84
N GLY A 168 6.01 -16.00 33.78
CA GLY A 168 5.41 -16.82 32.76
C GLY A 168 6.48 -17.46 31.87
N GLY A 169 6.97 -18.61 32.30
CA GLY A 169 7.99 -19.30 31.54
C GLY A 169 7.54 -19.67 30.15
N ASN A 170 6.23 -19.68 29.89
CA ASN A 170 5.77 -20.05 28.56
C ASN A 170 5.18 -18.92 27.71
N ASP A 171 5.55 -17.67 28.00
CA ASP A 171 5.08 -16.55 27.20
C ASP A 171 6.07 -15.38 27.20
N TRP A 172 5.64 -14.22 26.72
CA TRP A 172 6.52 -13.05 26.64
C TRP A 172 7.23 -12.61 27.91
N THR A 173 6.65 -12.85 29.07
CA THR A 173 7.30 -12.43 30.31
C THR A 173 8.58 -13.22 30.59
N GLY A 174 8.48 -14.55 30.57
CA GLY A 174 9.65 -15.38 30.80
C GLY A 174 10.66 -15.12 29.71
N GLN A 175 10.14 -14.87 28.52
CA GLN A 175 10.94 -14.58 27.33
C GLN A 175 11.86 -13.37 27.56
N LYS A 176 11.34 -12.24 28.07
CA LYS A 176 12.21 -11.08 28.31
C LYS A 176 13.07 -11.25 29.55
N LEU A 177 12.56 -11.97 30.55
CA LEU A 177 13.34 -12.19 31.77
C LEU A 177 14.60 -13.03 31.44
N LEU A 178 14.45 -13.99 30.55
CA LEU A 178 15.57 -14.84 30.13
C LEU A 178 16.59 -13.95 29.45
N ALA A 179 16.11 -13.14 28.50
CA ALA A 179 16.99 -12.22 27.77
C ALA A 179 17.65 -11.27 28.75
N GLN A 180 16.91 -10.80 29.75
CA GLN A 180 17.48 -9.88 30.71
C GLN A 180 18.61 -10.50 31.53
N ILE A 181 18.36 -11.70 32.04
CA ILE A 181 19.34 -12.38 32.86
C ILE A 181 20.58 -12.69 32.02
N ILE A 182 20.38 -13.08 30.77
CA ILE A 182 21.49 -13.39 29.88
C ILE A 182 22.34 -12.12 29.66
N GLN A 183 21.67 -10.97 29.61
CA GLN A 183 22.39 -9.71 29.40
C GLN A 183 23.15 -9.29 30.66
N THR A 184 23.13 -10.14 31.68
CA THR A 184 23.89 -9.85 32.88
C THR A 184 25.37 -9.70 32.46
N PHE A 185 25.71 -10.31 31.33
CA PHE A 185 27.08 -10.30 30.82
C PHE A 185 27.16 -9.71 29.41
N LEU A 186 26.18 -8.91 29.03
CA LEU A 186 26.17 -8.30 27.71
C LEU A 186 25.92 -6.80 27.77
N SER A 187 26.78 -6.02 27.12
CA SER A 187 26.57 -4.58 27.07
C SER A 187 25.39 -4.44 26.11
N GLN A 188 24.73 -3.29 26.11
CA GLN A 188 23.60 -3.12 25.21
C GLN A 188 23.96 -3.33 23.75
N ASP A 189 25.19 -2.97 23.37
CA ASP A 189 25.63 -3.17 22.00
C ASP A 189 25.72 -4.66 21.70
N GLU A 190 26.32 -5.39 22.62
CA GLU A 190 26.48 -6.82 22.46
C GLU A 190 25.11 -7.49 22.41
N ALA A 191 24.19 -6.98 23.21
CA ALA A 191 22.84 -7.53 23.22
C ALA A 191 22.14 -7.33 21.88
N ARG A 192 22.23 -6.13 21.31
CA ARG A 192 21.59 -5.88 20.02
C ARG A 192 22.09 -6.87 18.99
N HIS A 193 23.39 -7.11 18.99
CA HIS A 193 23.99 -8.06 18.06
C HIS A 193 23.46 -9.48 18.28
N VAL A 194 23.43 -9.92 19.53
CA VAL A 194 22.93 -11.27 19.85
C VAL A 194 21.48 -11.49 19.39
N TYR A 195 20.57 -10.67 19.89
CA TYR A 195 19.17 -10.81 19.53
C TYR A 195 18.83 -10.48 18.08
N SER A 196 19.78 -9.85 17.38
CA SER A 196 19.58 -9.50 15.97
C SER A 196 19.99 -10.64 15.05
N THR A 197 21.13 -11.25 15.37
CA THR A 197 21.70 -12.31 14.58
C THR A 197 21.44 -13.73 15.08
N GLY A 198 20.96 -13.84 16.32
CA GLY A 198 20.69 -15.15 16.88
C GLY A 198 21.99 -15.87 17.20
N ASP A 199 23.04 -15.10 17.50
CA ASP A 199 24.34 -15.68 17.83
C ASP A 199 24.55 -15.73 19.34
N PHE A 200 24.04 -16.78 19.96
CA PHE A 200 24.19 -16.95 21.40
C PHE A 200 25.49 -17.67 21.74
N GLY A 201 26.46 -17.58 20.83
CA GLY A 201 27.74 -18.21 21.05
C GLY A 201 28.80 -17.25 21.60
N VAL A 202 28.51 -15.95 21.57
CA VAL A 202 29.46 -14.97 22.07
C VAL A 202 29.68 -15.19 23.58
N ARG A 203 30.90 -14.93 24.03
CA ARG A 203 31.26 -15.14 25.43
C ARG A 203 30.26 -14.59 26.45
N GLY A 204 29.72 -13.41 26.19
CA GLY A 204 28.77 -12.83 27.12
C GLY A 204 27.48 -13.62 27.21
N ALA A 205 26.99 -14.07 26.06
CA ALA A 205 25.75 -14.84 26.00
C ALA A 205 25.87 -16.19 26.72
N ARG A 206 27.01 -16.87 26.56
CA ARG A 206 27.21 -18.16 27.22
C ARG A 206 27.35 -17.94 28.71
N LEU A 207 28.01 -16.85 29.08
CA LEU A 207 28.21 -16.52 30.48
C LEU A 207 26.87 -16.26 31.13
N GLY A 208 25.97 -15.61 30.38
CA GLY A 208 24.64 -15.32 30.87
C GLY A 208 23.77 -16.57 30.90
N ILE A 209 23.86 -17.38 29.85
CA ILE A 209 23.09 -18.63 29.78
C ILE A 209 23.48 -19.51 30.98
N GLU A 210 24.78 -19.59 31.25
CA GLU A 210 25.27 -20.36 32.38
C GLU A 210 24.70 -19.82 33.69
N TYR A 211 24.74 -18.50 33.86
CA TYR A 211 24.22 -17.87 35.08
C TYR A 211 22.73 -18.20 35.23
N PHE A 212 21.99 -18.06 34.14
CA PHE A 212 20.57 -18.35 34.16
C PHE A 212 20.31 -19.81 34.57
N ALA A 213 21.04 -20.74 33.99
CA ALA A 213 20.87 -22.15 34.30
C ALA A 213 21.16 -22.44 35.77
N HIS A 214 22.17 -21.77 36.31
CA HIS A 214 22.54 -21.95 37.71
C HIS A 214 21.41 -21.47 38.65
N LEU A 215 20.89 -20.27 38.41
CA LEU A 215 19.82 -19.72 39.24
C LEU A 215 18.60 -20.63 39.14
N ARG A 216 18.29 -21.03 37.91
CA ARG A 216 17.14 -21.90 37.67
C ARG A 216 17.27 -23.24 38.40
N ASP A 217 18.39 -23.92 38.20
CA ASP A 217 18.59 -25.22 38.85
C ASP A 217 18.60 -25.10 40.37
N ALA A 218 18.87 -23.90 40.87
CA ALA A 218 18.88 -23.65 42.30
C ALA A 218 17.50 -23.35 42.90
N GLY A 219 16.47 -23.36 42.06
CA GLY A 219 15.11 -23.10 42.56
C GLY A 219 14.74 -21.65 42.72
N VAL A 220 15.37 -20.76 41.94
CA VAL A 220 15.07 -19.34 42.02
C VAL A 220 13.68 -19.01 41.48
N PHE A 221 13.21 -19.77 40.48
CA PHE A 221 11.87 -19.51 39.93
C PHE A 221 10.84 -20.48 40.52
N ALA A 222 9.57 -20.13 40.45
CA ALA A 222 8.52 -21.00 41.00
C ALA A 222 8.52 -22.37 40.31
N ASP A 223 8.04 -23.38 41.03
CA ASP A 223 7.98 -24.72 40.48
C ASP A 223 7.11 -24.70 39.22
N LYS A 224 7.52 -25.47 38.22
CA LYS A 224 6.79 -25.59 36.97
C LYS A 224 6.69 -24.26 36.21
N ALA A 225 7.63 -23.36 36.46
CA ALA A 225 7.63 -22.06 35.79
C ALA A 225 7.58 -22.12 34.26
N GLN A 226 8.07 -23.20 33.66
CA GLN A 226 8.06 -23.31 32.20
C GLN A 226 6.67 -23.35 31.61
N GLY A 227 5.67 -23.51 32.46
CA GLY A 227 4.31 -23.57 31.98
C GLY A 227 3.44 -22.39 32.37
N LEU A 228 3.97 -21.49 33.20
CA LEU A 228 3.21 -20.32 33.63
C LEU A 228 3.09 -19.27 32.54
N THR A 229 2.15 -18.36 32.72
CA THR A 229 1.90 -17.28 31.78
C THR A 229 1.89 -15.97 32.54
N SER A 230 1.79 -14.86 31.82
CA SER A 230 1.74 -13.55 32.45
C SER A 230 0.65 -13.53 33.52
N ASP A 231 -0.47 -14.19 33.23
CA ASP A 231 -1.58 -14.27 34.18
C ASP A 231 -1.19 -14.97 35.48
N SER A 232 -0.66 -16.19 35.37
CA SER A 232 -0.26 -16.98 36.55
C SER A 232 0.72 -16.18 37.40
N THR A 234 1.23 -12.73 37.59
CA THR A 234 0.64 -11.64 38.32
C THR A 234 -0.36 -12.13 39.36
N THR A 235 -1.01 -13.26 39.12
CA THR A 235 -1.95 -13.79 40.12
C THR A 235 -1.13 -14.26 41.34
N GLN A 236 -0.02 -14.96 41.08
CA GLN A 236 0.84 -15.44 42.15
C GLN A 236 1.43 -14.30 42.99
N PHE A 237 1.88 -13.24 42.33
CA PHE A 237 2.45 -12.12 43.09
C PHE A 237 1.39 -11.31 43.82
N ASN A 238 0.25 -11.08 43.18
CA ASN A 238 -0.82 -10.28 43.80
C ASN A 238 -1.46 -10.98 45.00
N THR A 239 -1.57 -12.30 44.95
CA THR A 239 -2.15 -13.06 46.06
C THR A 239 -1.05 -13.46 47.04
N GLU A 240 0.11 -12.82 46.89
CA GLU A 240 1.26 -13.07 47.73
C GLU A 240 1.71 -14.51 47.90
N GLU A 241 1.67 -15.28 46.81
CA GLU A 241 2.11 -16.68 46.82
C GLU A 241 3.59 -16.75 46.41
N ALA A 242 4.04 -15.72 45.71
CA ALA A 242 5.43 -15.62 45.27
C ALA A 242 5.94 -14.27 45.75
N ALA A 243 7.21 -14.20 46.13
CA ALA A 243 7.77 -12.96 46.66
C ALA A 243 8.50 -12.04 45.69
N VAL A 244 8.86 -12.52 44.51
CA VAL A 244 9.56 -11.67 43.57
C VAL A 244 8.99 -11.77 42.18
N GLN A 245 9.05 -10.67 41.44
CA GLN A 245 8.50 -10.65 40.10
C GLN A 245 9.07 -9.50 39.27
N SER A 246 9.54 -9.83 38.08
CA SER A 246 10.03 -8.83 37.16
C SER A 246 8.81 -8.49 36.34
N ALA A 247 8.51 -7.22 36.16
CA ALA A 247 7.33 -6.87 35.37
C ALA A 247 7.34 -5.42 34.90
N SER A 249 6.10 -1.66 34.20
CA SER A 249 5.53 -0.65 35.07
C SER A 249 4.00 -0.77 35.00
N SER A 250 3.48 -1.02 33.81
CA SER A 250 2.05 -1.18 33.58
C SER A 250 1.40 -2.28 34.42
N ALA A 251 2.09 -3.40 34.56
CA ALA A 251 1.56 -4.50 35.35
C ALA A 251 1.69 -4.16 36.86
N LEU A 252 2.81 -3.56 37.24
CA LEU A 252 3.06 -3.20 38.64
C LEU A 252 2.04 -2.17 39.12
N ALA A 253 1.48 -1.39 38.19
CA ALA A 253 0.49 -0.38 38.52
C ALA A 253 -0.81 -1.01 39.01
N LYS A 254 -0.98 -2.29 38.71
CA LYS A 254 -2.17 -3.01 39.10
C LYS A 254 -2.00 -3.91 40.33
N VAL A 255 -0.86 -3.81 41.02
CA VAL A 255 -0.63 -4.62 42.21
C VAL A 255 -1.52 -4.11 43.36
N PRO A 256 -2.39 -4.97 43.91
CA PRO A 256 -3.29 -4.57 45.00
C PRO A 256 -2.60 -3.70 46.06
N GLU A 257 -3.29 -2.64 46.45
CA GLU A 257 -2.81 -1.68 47.44
C GLU A 257 -2.11 -2.31 48.65
N LYS A 258 -2.78 -3.24 49.34
CA LYS A 258 -2.19 -3.86 50.52
C LYS A 258 -0.84 -4.47 50.19
N VAL A 259 -0.76 -5.12 49.03
CA VAL A 259 0.47 -5.75 48.59
C VAL A 259 1.52 -4.71 48.20
N ALA A 260 1.12 -3.72 47.42
CA ALA A 260 2.04 -2.67 46.97
C ALA A 260 2.64 -1.96 48.18
N GLY A 261 1.89 -1.93 49.28
CA GLY A 261 2.36 -1.26 50.48
C GLY A 261 3.67 -1.79 51.04
N HIS A 262 3.82 -3.11 51.08
CA HIS A 262 5.06 -3.69 51.57
C HIS A 262 5.81 -4.33 50.42
N THR A 263 5.92 -3.56 49.34
CA THR A 263 6.60 -3.98 48.13
C THR A 263 7.51 -2.87 47.62
N GLU A 264 8.76 -3.19 47.32
CA GLU A 264 9.66 -2.19 46.77
C GLU A 264 10.33 -2.72 45.50
N VAL A 265 10.73 -1.80 44.63
CA VAL A 265 11.35 -2.17 43.37
C VAL A 265 12.86 -1.98 43.34
N GLY A 266 13.51 -2.87 42.60
CA GLY A 266 14.95 -2.84 42.43
C GLY A 266 15.26 -3.50 41.10
N GLY A 267 16.50 -3.95 40.92
CA GLY A 267 16.87 -4.61 39.69
C GLY A 267 17.22 -6.07 39.92
N TRP A 268 17.53 -6.81 38.85
CA TRP A 268 17.88 -8.23 38.95
C TRP A 268 19.30 -8.43 39.44
N PRO A 269 19.47 -9.21 40.53
CA PRO A 269 20.78 -9.52 41.14
C PRO A 269 21.87 -9.86 40.14
N LEU A 270 23.07 -9.32 40.35
CA LEU A 270 24.16 -9.57 39.43
C LEU A 270 25.11 -10.69 39.86
N ALA A 271 25.68 -11.35 38.86
CA ALA A 271 26.66 -12.41 39.08
C ALA A 271 28.00 -11.69 39.03
N ASP A 272 29.03 -12.28 39.59
CA ASP A 272 30.35 -11.66 39.58
C ASP A 272 30.87 -11.60 38.14
N GLY A 273 31.57 -10.51 37.82
CA GLY A 273 32.10 -10.37 36.48
C GLY A 273 31.06 -9.79 35.54
N ALA A 274 29.94 -9.37 36.11
CA ALA A 274 28.84 -8.79 35.34
C ALA A 274 29.30 -7.62 34.48
N ALA A 275 28.62 -7.43 33.36
CA ALA A 275 28.94 -6.35 32.44
C ALA A 275 28.21 -5.05 32.81
N HIS A 276 27.61 -5.01 34.00
CA HIS A 276 26.88 -3.83 34.48
C HIS A 276 27.34 -3.48 35.90
N ASP A 277 27.03 -2.27 36.36
CA ASP A 277 27.45 -1.83 37.68
C ASP A 277 26.49 -2.18 38.81
N GLY A 278 25.23 -2.44 38.48
CA GLY A 278 24.28 -2.79 39.51
C GLY A 278 23.13 -3.64 39.01
N PRO A 279 22.24 -4.09 39.90
CA PRO A 279 21.09 -4.91 39.51
C PRO A 279 20.49 -4.32 38.24
N THR A 280 20.10 -5.18 37.31
CA THR A 280 19.55 -4.69 36.05
C THR A 280 18.03 -4.57 36.01
N VAL A 281 17.56 -3.66 35.15
CA VAL A 281 16.14 -3.45 34.93
C VAL A 281 16.02 -3.22 33.44
N ILE A 282 14.86 -3.53 32.87
CA ILE A 282 14.64 -3.32 31.45
C ILE A 282 14.00 -1.94 31.24
N ARG A 283 14.28 -1.34 30.09
CA ARG A 283 13.70 -0.05 29.78
C ARG A 283 13.69 0.14 28.27
N ALA A 284 12.61 0.73 27.76
CA ALA A 284 12.45 0.99 26.34
C ALA A 284 11.78 2.34 26.22
N TYR A 285 11.99 3.00 25.09
CA TYR A 285 11.42 4.32 24.82
C TYR A 285 10.64 4.22 23.52
N THR A 286 10.41 3.00 23.08
CA THR A 286 9.78 2.78 21.80
C THR A 286 8.35 2.30 21.78
N LEU A 287 7.60 2.58 22.83
CA LEU A 287 6.21 2.20 22.83
C LEU A 287 5.53 3.28 21.99
N ILE A 288 4.20 3.39 22.06
CA ILE A 288 3.44 4.36 21.27
C ILE A 288 4.03 5.77 21.07
N GLY A 289 4.07 6.19 19.80
CA GLY A 289 4.59 7.50 19.43
C GLY A 289 3.73 8.03 18.31
N PHE A 290 3.93 9.28 17.91
CA PHE A 290 3.12 9.90 16.85
C PHE A 290 3.84 9.90 15.50
N TRP A 291 3.23 9.25 14.51
CA TRP A 291 3.80 9.18 13.17
C TRP A 291 3.00 10.11 12.26
N ILE A 292 3.64 10.60 11.19
CA ILE A 292 2.92 11.45 10.25
C ILE A 292 2.89 10.74 8.90
N SER A 293 1.70 10.58 8.35
CA SER A 293 1.55 9.91 7.06
C SER A 293 1.67 10.93 5.93
N PRO A 294 1.75 10.46 4.67
CA PRO A 294 1.83 11.43 3.56
C PRO A 294 0.60 12.35 3.57
N ASN A 295 -0.57 11.77 3.88
CA ASN A 295 -1.80 12.53 3.98
C ASN A 295 -1.65 13.58 5.08
N GLY A 296 -0.99 13.19 6.17
CA GLY A 296 -0.80 14.11 7.27
C GLY A 296 -0.02 15.35 6.88
N VAL A 297 0.92 15.20 5.95
CA VAL A 297 1.73 16.33 5.51
C VAL A 297 0.88 17.38 4.78
N ARG A 298 -0.23 16.94 4.21
CA ARG A 298 -1.13 17.84 3.50
C ARG A 298 -1.98 18.63 4.51
N LYS A 299 -1.95 18.20 5.76
CA LYS A 299 -2.70 18.88 6.83
C LYS A 299 -1.69 19.20 7.91
N ILE A 300 -0.45 19.46 7.51
CA ILE A 300 0.62 19.73 8.47
C ILE A 300 0.35 20.76 9.55
N GLU A 301 -0.27 21.89 9.22
CA GLU A 301 -0.53 22.87 10.28
C GLU A 301 -1.53 22.31 11.29
N GLN A 302 -2.43 21.44 10.83
CA GLN A 302 -3.40 20.82 11.72
C GLN A 302 -2.67 19.79 12.60
N VAL A 303 -1.76 19.03 11.97
CA VAL A 303 -0.97 18.03 12.69
C VAL A 303 -0.16 18.74 13.77
N GLU A 304 0.46 19.86 13.40
CA GLU A 304 1.30 20.67 14.29
C GLU A 304 0.58 21.13 15.56
N LYS A 305 -0.65 21.62 15.41
CA LYS A 305 -1.43 22.11 16.55
C LYS A 305 -1.72 20.98 17.53
N PHE A 306 -1.97 19.79 16.99
CA PHE A 306 -2.27 18.60 17.79
C PHE A 306 -1.04 18.00 18.47
N LEU A 307 0.08 17.96 17.77
CA LEU A 307 1.27 17.40 18.37
C LEU A 307 1.92 18.28 19.41
N ARG A 308 1.85 19.61 19.25
CA ARG A 308 2.45 20.44 20.29
C ARG A 308 1.57 20.48 21.53
N PHE A 309 0.27 20.26 21.33
CA PHE A 309 -0.66 20.21 22.45
C PHE A 309 -0.27 18.94 23.18
N TYR A 311 2.51 17.42 23.22
CA TYR A 311 3.83 17.55 23.83
C TYR A 311 3.88 18.56 24.98
N ARG A 312 2.77 19.23 25.29
CA ARG A 312 2.77 20.22 26.35
C ARG A 312 2.99 19.54 27.71
N PRO A 313 3.86 20.15 28.56
CA PRO A 313 4.20 19.65 29.89
C PRO A 313 3.03 19.20 30.73
N ASP A 314 1.95 19.99 30.72
CA ASP A 314 0.78 19.66 31.51
C ASP A 314 0.01 18.49 30.95
N VAL A 315 0.08 18.27 29.63
CA VAL A 315 -0.62 17.12 29.04
C VAL A 315 0.16 15.85 29.40
N VAL A 316 1.48 15.90 29.20
CA VAL A 316 2.37 14.79 29.52
C VAL A 316 2.24 14.41 31.01
N ALA A 317 2.14 15.41 31.87
CA ALA A 317 2.04 15.17 33.30
C ALA A 317 0.76 14.40 33.69
N ARG A 318 -0.32 14.65 32.97
CA ARG A 318 -1.59 14.00 33.20
C ARG A 318 -1.44 12.50 32.94
N PHE A 319 -0.80 12.14 31.82
CA PHE A 319 -0.56 10.74 31.48
C PHE A 319 0.23 10.08 32.60
N VAL A 320 1.27 10.77 33.08
CA VAL A 320 2.10 10.23 34.17
C VAL A 320 1.31 10.14 35.48
N THR A 321 0.84 11.30 35.91
CA THR A 321 0.07 11.47 37.13
C THR A 321 -1.27 10.73 37.24
N GLU A 322 -2.04 10.77 36.16
CA GLU A 322 -3.37 10.17 36.14
C GLU A 322 -3.51 8.74 35.60
N SER A 323 -2.69 8.36 34.62
CA SER A 323 -2.75 7.00 34.09
C SER A 323 -1.58 6.15 34.56
N GLY A 324 -0.56 6.80 35.11
CA GLY A 324 0.62 6.08 35.58
C GLY A 324 1.53 5.58 34.48
N ARG A 325 1.62 6.32 33.37
CA ARG A 325 2.47 5.90 32.28
C ARG A 325 3.89 6.44 32.41
N ASP A 326 4.84 5.75 31.78
CA ASP A 326 6.23 6.19 31.76
C ASP A 326 6.36 6.97 30.45
N ALA A 328 8.52 9.08 27.19
CA ALA A 328 9.76 9.22 26.42
C ALA A 328 10.17 10.69 26.43
N LEU A 329 9.40 11.52 27.12
CA LEU A 329 9.68 12.95 27.19
C LEU A 329 10.08 13.43 28.59
N ARG A 330 10.81 14.54 28.63
CA ARG A 330 11.26 15.14 29.87
C ARG A 330 10.07 15.63 30.68
N THR A 331 9.97 15.16 31.93
CA THR A 331 8.89 15.56 32.79
C THR A 331 9.36 15.53 34.24
N ASP A 332 8.72 16.34 35.07
CA ASP A 332 9.02 16.43 36.50
C ASP A 332 7.96 15.65 37.23
N ALA A 333 6.99 15.15 36.49
CA ALA A 333 5.91 14.37 37.08
C ALA A 333 6.37 12.99 37.49
N VAL A 334 5.71 12.44 38.51
CA VAL A 334 6.01 11.10 39.02
C VAL A 334 4.66 10.47 39.31
N SER A 335 4.53 9.19 38.99
CA SER A 335 3.28 8.48 39.23
C SER A 335 3.10 8.10 40.71
N THR A 336 3.12 9.09 41.59
CA THR A 336 2.95 8.83 43.02
C THR A 336 1.66 8.08 43.36
N GLY A 337 0.64 8.25 42.52
CA GLY A 337 -0.65 7.59 42.74
C GLY A 337 -0.68 6.08 42.44
N PHE A 338 0.41 5.59 41.87
CA PHE A 338 0.59 4.16 41.56
C PHE A 338 1.97 3.90 42.13
N PRO A 339 2.02 3.66 43.44
CA PRO A 339 3.24 3.41 44.24
C PRO A 339 4.42 2.75 43.55
N LEU A 340 4.26 1.51 43.09
CA LEU A 340 5.37 0.81 42.44
C LEU A 340 5.83 1.50 41.16
N VAL A 341 4.90 2.08 40.41
CA VAL A 341 5.25 2.77 39.17
C VAL A 341 6.07 4.01 39.51
N GLY A 342 5.57 4.79 40.46
CA GLY A 342 6.30 5.98 40.88
C GLY A 342 7.68 5.61 41.40
N ALA A 343 7.77 4.47 42.09
CA ALA A 343 9.05 4.00 42.64
C ALA A 343 10.01 3.61 41.53
N ALA A 344 9.50 2.98 40.47
CA ALA A 344 10.33 2.57 39.35
C ALA A 344 10.85 3.79 38.61
N GLN A 345 10.09 4.89 38.65
CA GLN A 345 10.50 6.11 37.98
C GLN A 345 11.61 6.83 38.74
N ARG A 346 11.65 6.63 40.06
CA ARG A 346 12.67 7.28 40.91
C ARG A 346 13.96 6.48 41.00
N LEU A 347 14.00 5.31 40.37
CA LEU A 347 15.19 4.48 40.38
C LEU A 347 16.28 5.20 39.61
N GLY A 348 17.46 5.33 40.21
CA GLY A 348 18.54 6.03 39.54
C GLY A 348 19.69 5.18 39.04
N SER A 349 20.89 5.55 39.47
CA SER A 349 22.12 4.87 39.06
C SER A 349 22.39 3.61 39.88
N GLU A 350 21.54 3.31 40.86
CA GLU A 350 21.73 2.11 41.67
C GLU A 350 21.27 0.86 40.91
N VAL A 351 20.82 1.06 39.67
CA VAL A 351 20.38 -0.04 38.80
C VAL A 351 20.89 0.26 37.39
N SER A 352 21.22 -0.80 36.65
CA SER A 352 21.71 -0.63 35.28
C SER A 352 20.62 -1.06 34.30
N GLN A 353 20.52 -0.36 33.19
CA GLN A 353 19.51 -0.65 32.19
C GLN A 353 20.01 -1.67 31.17
N VAL A 354 19.15 -2.62 30.82
CA VAL A 354 19.49 -3.60 29.81
C VAL A 354 18.46 -3.45 28.71
N LEU A 355 18.78 -4.04 27.57
CA LEU A 355 17.94 -3.96 26.38
C LEU A 355 16.67 -4.81 26.32
N LEU A 356 15.59 -4.20 25.81
CA LEU A 356 14.34 -4.91 25.58
C LEU A 356 14.61 -5.38 24.14
N PRO A 357 14.85 -6.69 23.94
CA PRO A 357 15.14 -7.28 22.63
C PRO A 357 14.16 -7.10 21.44
N ASP A 358 12.87 -6.95 21.73
CA ASP A 358 11.83 -6.82 20.71
C ASP A 358 12.14 -6.22 19.32
N VAL A 359 12.54 -4.95 19.24
CA VAL A 359 12.79 -4.34 17.93
C VAL A 359 13.95 -4.92 17.14
N TYR A 360 14.84 -5.64 17.81
CA TYR A 360 15.99 -6.25 17.12
C TYR A 360 15.75 -7.68 16.68
N VAL A 361 14.78 -8.35 17.29
CA VAL A 361 14.46 -9.73 16.95
C VAL A 361 13.70 -9.85 15.63
N PRO A 362 14.24 -10.66 14.69
CA PRO A 362 13.59 -10.85 13.39
C PRO A 362 12.18 -11.35 13.63
N PRO A 363 11.20 -10.86 12.86
CA PRO A 363 9.83 -11.33 13.06
C PRO A 363 9.63 -12.84 13.04
N ALA A 364 10.47 -13.54 12.29
CA ALA A 364 10.36 -14.99 12.18
C ALA A 364 10.91 -15.75 13.40
N ALA A 365 11.74 -15.10 14.21
CA ALA A 365 12.31 -15.75 15.37
C ALA A 365 11.51 -15.51 16.65
N ALA A 366 10.52 -14.62 16.56
CA ALA A 366 9.70 -14.26 17.72
C ALA A 366 8.98 -15.40 18.40
N GLN A 367 8.01 -16.01 17.72
CA GLN A 367 7.26 -17.11 18.31
C GLN A 367 8.17 -18.27 18.75
N PRO A 368 9.09 -18.70 17.88
CA PRO A 368 9.98 -19.80 18.24
C PRO A 368 10.77 -19.46 19.50
N LEU A 369 11.15 -18.19 19.63
CA LEU A 369 11.91 -17.74 20.78
C LEU A 369 11.10 -17.93 22.07
N ILE A 370 9.78 -17.81 21.98
CA ILE A 370 8.93 -18.00 23.15
C ILE A 370 8.99 -19.49 23.50
N THR A 371 8.87 -20.32 22.48
CA THR A 371 8.91 -21.77 22.65
C THR A 371 10.25 -22.21 23.26
N ALA A 372 11.35 -21.68 22.73
CA ALA A 372 12.68 -22.02 23.25
C ALA A 372 12.85 -21.57 24.69
N THR A 373 12.07 -20.57 25.09
CA THR A 373 12.14 -20.05 26.46
C THR A 373 11.55 -21.05 27.45
N SER A 374 10.39 -21.60 27.12
CA SER A 374 9.74 -22.58 27.97
C SER A 374 10.68 -23.76 28.21
N THR A 375 11.24 -24.28 27.12
CA THR A 375 12.18 -25.40 27.20
C THR A 375 13.32 -25.02 28.16
N SER A 376 13.79 -23.78 28.03
CA SER A 376 14.87 -23.29 28.86
C SER A 376 14.57 -23.12 30.34
N PHE A 377 13.32 -22.86 30.72
CA PHE A 377 12.99 -22.68 32.13
C PHE A 377 12.84 -24.02 32.84
N THR A 378 12.86 -25.09 32.05
CA THR A 378 12.74 -26.43 32.59
C THR A 378 14.03 -26.80 33.31
N ARG A 379 13.90 -27.16 34.58
CA ARG A 379 15.03 -27.51 35.41
C ARG A 379 15.87 -28.68 34.91
N GLY A 380 17.18 -28.43 34.78
CA GLY A 380 18.06 -29.49 34.32
C GLY A 380 18.48 -29.39 32.87
N THR A 381 17.94 -28.42 32.13
CA THR A 381 18.28 -28.26 30.72
C THR A 381 19.66 -27.63 30.60
N SER A 382 20.63 -28.41 30.14
CA SER A 382 22.00 -27.93 30.01
C SER A 382 22.15 -26.60 29.28
N PRO A 383 23.16 -25.80 29.66
CA PRO A 383 23.38 -24.52 29.00
C PRO A 383 23.56 -24.74 27.51
N ALA A 384 24.16 -25.88 27.16
CA ALA A 384 24.37 -26.21 25.76
C ALA A 384 23.01 -26.34 25.05
N ARG A 385 22.08 -27.02 25.70
CA ARG A 385 20.75 -27.20 25.14
C ARG A 385 19.95 -25.91 25.14
N VAL A 386 20.15 -25.05 26.14
CA VAL A 386 19.44 -23.78 26.19
C VAL A 386 19.90 -22.98 24.98
N ARG A 387 21.22 -22.88 24.83
CA ARG A 387 21.83 -22.17 23.71
C ARG A 387 21.31 -22.71 22.37
N ALA A 388 21.19 -24.04 22.26
CA ALA A 388 20.71 -24.66 21.02
C ALA A 388 19.26 -24.32 20.71
N ALA A 389 18.40 -24.32 21.72
CA ALA A 389 16.98 -24.00 21.55
C ALA A 389 16.81 -22.54 21.14
N LEU A 390 17.51 -21.64 21.82
CA LEU A 390 17.47 -20.21 21.51
C LEU A 390 17.92 -20.01 20.05
N GLU A 391 19.07 -20.55 19.71
CA GLU A 391 19.59 -20.41 18.35
C GLU A 391 18.69 -21.01 17.26
N SER A 392 18.02 -22.11 17.55
CA SER A 392 17.16 -22.73 16.54
C SER A 392 15.93 -21.88 16.26
N ALA A 393 15.68 -20.89 17.10
CA ALA A 393 14.52 -20.03 16.92
C ALA A 393 14.76 -19.13 15.71
N TYR A 394 16.02 -18.96 15.36
CA TYR A 394 16.40 -18.11 14.24
C TYR A 394 16.62 -18.85 12.93
N ARG A 395 16.31 -20.14 12.88
CA ARG A 395 16.52 -20.92 11.66
C ARG A 395 15.52 -20.59 10.55
N SER A 396 14.39 -20.01 10.92
CA SER A 396 13.37 -19.66 9.94
C SER A 396 13.56 -18.25 9.39
N VAL A 397 14.54 -17.51 9.92
CA VAL A 397 14.79 -16.15 9.46
C VAL A 397 15.63 -16.13 8.19
N ASP B 8 8.46 -4.30 -21.03
CA ASP B 8 7.25 -5.13 -21.30
C ASP B 8 7.52 -6.63 -21.09
N THR B 9 8.47 -6.94 -20.22
CA THR B 9 8.77 -8.34 -19.91
C THR B 9 7.76 -8.74 -18.82
N LEU B 10 7.33 -9.99 -18.80
CA LEU B 10 6.37 -10.45 -17.79
C LEU B 10 7.09 -10.60 -16.44
N VAL B 11 6.73 -9.78 -15.46
CA VAL B 11 7.37 -9.83 -14.14
C VAL B 11 6.49 -10.50 -13.08
N VAL B 12 7.04 -11.52 -12.44
CA VAL B 12 6.34 -12.27 -11.40
C VAL B 12 6.98 -12.10 -10.03
N HIS B 13 6.18 -11.62 -9.08
CA HIS B 13 6.60 -11.43 -7.70
C HIS B 13 6.12 -12.70 -7.01
N THR B 14 7.05 -13.56 -6.61
CA THR B 14 6.71 -14.84 -6.02
C THR B 14 7.51 -15.22 -4.78
N GLN B 15 6.96 -16.10 -3.96
CA GLN B 15 7.66 -16.55 -2.76
C GLN B 15 8.48 -17.80 -3.03
N LEU B 16 8.36 -18.33 -4.24
CA LEU B 16 9.07 -19.54 -4.64
C LEU B 16 10.29 -19.14 -5.45
N GLY B 17 11.36 -19.92 -5.32
CA GLY B 17 12.57 -19.61 -6.06
C GLY B 17 13.79 -19.94 -5.22
N THR B 18 13.63 -19.96 -3.90
CA THR B 18 14.75 -20.29 -3.03
C THR B 18 14.48 -21.44 -2.04
N THR B 19 14.07 -21.10 -0.83
CA THR B 19 13.83 -22.11 0.21
C THR B 19 12.40 -22.60 0.36
N ALA B 20 11.45 -21.88 -0.21
CA ALA B 20 10.04 -22.24 -0.10
C ALA B 20 9.77 -23.56 -0.84
N PRO B 21 8.98 -24.45 -0.23
CA PRO B 21 8.61 -25.76 -0.79
C PRO B 21 8.00 -25.62 -2.18
N GLY B 22 8.44 -26.47 -3.10
CA GLY B 22 7.94 -26.42 -4.46
C GLY B 22 8.81 -25.54 -5.36
N SER B 23 9.82 -24.90 -4.78
CA SER B 23 10.74 -24.02 -5.50
C SER B 23 11.51 -24.65 -6.67
N PRO B 24 12.07 -25.86 -6.45
CA PRO B 24 12.81 -26.46 -7.57
C PRO B 24 11.91 -26.65 -8.78
N THR B 25 10.75 -27.28 -8.58
CA THR B 25 9.82 -27.52 -9.67
C THR B 25 9.32 -26.22 -10.31
N TYR B 26 9.09 -25.18 -9.50
CA TYR B 26 8.66 -23.90 -10.07
C TYR B 26 9.74 -23.33 -11.01
N LEU B 27 11.01 -23.40 -10.62
CA LEU B 27 12.09 -22.91 -11.48
C LEU B 27 12.19 -23.72 -12.77
N ALA B 28 11.99 -25.03 -12.68
CA ALA B 28 12.00 -25.91 -13.84
C ALA B 28 10.84 -25.51 -14.76
N ALA B 29 9.71 -25.13 -14.17
CA ALA B 29 8.54 -24.74 -14.95
C ALA B 29 8.85 -23.46 -15.71
N VAL B 30 9.48 -22.50 -15.03
CA VAL B 30 9.86 -21.24 -15.65
C VAL B 30 10.84 -21.49 -16.80
N ASP B 31 11.77 -22.44 -16.63
CA ASP B 31 12.71 -22.71 -17.71
C ASP B 31 12.01 -23.47 -18.83
N ARG B 32 11.04 -24.30 -18.47
CA ARG B 32 10.27 -25.05 -19.45
C ARG B 32 9.51 -23.99 -20.25
N PHE B 33 8.83 -23.11 -19.54
CA PHE B 33 8.05 -22.04 -20.15
C PHE B 33 8.83 -21.26 -21.21
N ARG B 34 10.12 -21.03 -20.96
CA ARG B 34 10.96 -20.28 -21.90
C ARG B 34 11.31 -21.09 -23.14
N GLU B 35 11.57 -22.38 -22.96
CA GLU B 35 11.89 -23.26 -24.10
C GLU B 35 10.67 -23.27 -25.02
N GLU B 36 9.49 -23.35 -24.43
CA GLU B 36 8.25 -23.38 -25.19
C GLU B 36 7.95 -22.06 -25.90
N ASN B 37 8.35 -20.95 -25.28
CA ASN B 37 8.11 -19.62 -25.87
C ASN B 37 9.39 -18.80 -26.01
N PRO B 38 10.33 -19.23 -26.88
CA PRO B 38 11.60 -18.53 -27.10
C PRO B 38 11.62 -17.01 -26.94
N GLY B 39 10.68 -16.32 -27.56
CA GLY B 39 10.67 -14.86 -27.48
C GLY B 39 10.21 -14.24 -26.17
N VAL B 40 9.42 -14.96 -25.40
CA VAL B 40 8.89 -14.41 -24.15
C VAL B 40 9.94 -14.11 -23.08
N LYS B 41 9.86 -12.90 -22.56
CA LYS B 41 10.74 -12.47 -21.50
C LYS B 41 9.96 -12.53 -20.20
N ILE B 42 10.45 -13.33 -19.27
CA ILE B 42 9.82 -13.49 -17.97
C ILE B 42 10.90 -13.29 -16.92
N LYS B 43 10.53 -12.62 -15.83
CA LYS B 43 11.47 -12.32 -14.76
C LYS B 43 10.79 -12.58 -13.42
N ASN B 44 11.52 -13.13 -12.46
CA ASN B 44 10.99 -13.41 -11.13
C ASN B 44 11.58 -12.53 -10.07
N LEU B 45 10.74 -12.11 -9.14
CA LEU B 45 11.15 -11.30 -8.00
C LEU B 45 10.78 -12.15 -6.80
N VAL B 46 11.78 -12.65 -6.09
CA VAL B 46 11.53 -13.50 -4.92
C VAL B 46 11.57 -12.77 -3.58
N ASN B 47 10.55 -13.00 -2.76
CA ASN B 47 10.43 -12.44 -1.42
C ASN B 47 9.73 -13.50 -0.57
N GLY B 48 10.01 -13.49 0.73
CA GLY B 48 9.41 -14.46 1.62
C GLY B 48 8.22 -13.91 2.37
N ASP B 49 8.31 -13.92 3.71
CA ASP B 49 7.21 -13.45 4.53
C ASP B 49 6.85 -11.99 4.33
N ASP B 50 7.75 -11.23 3.73
CA ASP B 50 7.50 -9.82 3.52
C ASP B 50 7.12 -9.49 2.09
N LEU B 51 6.65 -10.49 1.33
CA LEU B 51 6.27 -10.23 -0.05
C LEU B 51 5.09 -9.27 -0.16
N ALA B 52 4.03 -9.51 0.62
CA ALA B 52 2.87 -8.63 0.59
C ALA B 52 3.29 -7.17 0.86
N GLN B 53 4.18 -6.97 1.82
CA GLN B 53 4.63 -5.62 2.15
C GLN B 53 5.40 -5.01 0.98
N VAL B 54 6.28 -5.80 0.35
CA VAL B 54 7.06 -5.32 -0.79
C VAL B 54 6.16 -5.07 -2.00
N TYR B 55 5.17 -5.94 -2.19
CA TYR B 55 4.24 -5.76 -3.30
C TYR B 55 3.41 -4.48 -3.13
N GLU B 56 2.92 -4.23 -1.90
CA GLU B 56 2.12 -3.04 -1.64
C GLU B 56 2.89 -1.74 -1.91
N THR B 57 4.17 -1.72 -1.52
CA THR B 57 4.98 -0.52 -1.73
C THR B 57 5.17 -0.24 -3.22
N SER B 58 5.44 -1.29 -4.01
CA SER B 58 5.63 -1.10 -5.45
C SER B 58 4.31 -0.70 -6.14
N ARG B 59 3.21 -1.16 -5.56
CA ARG B 59 1.86 -0.88 -6.05
C ARG B 59 1.51 0.61 -5.93
N LEU B 60 1.84 1.19 -4.77
CA LEU B 60 1.60 2.60 -4.50
C LEU B 60 2.50 3.45 -5.39
N ALA B 61 3.59 2.84 -5.85
CA ALA B 61 4.52 3.53 -6.71
C ALA B 61 4.23 3.21 -8.18
N ARG B 62 3.17 2.44 -8.42
CA ARG B 62 2.80 2.07 -9.77
C ARG B 62 3.94 1.42 -10.57
N LYS B 63 4.71 0.56 -9.89
CA LYS B 63 5.85 -0.12 -10.50
C LYS B 63 5.75 -1.61 -10.12
N GLU B 64 4.55 -2.02 -9.70
CA GLU B 64 4.25 -3.38 -9.27
C GLU B 64 4.31 -4.47 -10.33
N ALA B 65 4.64 -5.68 -9.88
CA ALA B 65 4.74 -6.84 -10.75
C ALA B 65 3.41 -7.17 -11.40
N ASP B 66 3.47 -7.89 -12.53
CA ASP B 66 2.27 -8.29 -13.27
C ASP B 66 1.51 -9.43 -12.61
N VAL B 67 2.24 -10.43 -12.10
CA VAL B 67 1.63 -11.58 -11.42
C VAL B 67 2.28 -11.76 -10.05
N VAL B 68 1.49 -12.17 -9.06
CA VAL B 68 2.03 -12.37 -7.71
C VAL B 68 1.75 -13.81 -7.29
N VAL B 70 1.58 -15.81 -3.83
CA VAL B 70 1.62 -15.81 -2.38
C VAL B 70 0.34 -16.49 -1.89
N ASN B 71 0.32 -16.91 -0.63
CA ASN B 71 -0.86 -17.59 -0.08
C ASN B 71 -1.92 -16.61 0.42
N LEU B 72 -3.01 -17.14 0.97
CA LEU B 72 -4.08 -16.29 1.47
C LEU B 72 -4.00 -16.21 2.98
N TYR B 73 -3.68 -15.02 3.48
CA TYR B 73 -3.58 -14.80 4.91
C TYR B 73 -3.95 -13.36 5.19
N ASP B 74 -3.87 -12.99 6.47
CA ASP B 74 -4.22 -11.66 6.92
C ASP B 74 -4.05 -10.51 5.93
N LYS B 75 -2.81 -10.21 5.57
CA LYS B 75 -2.56 -9.09 4.66
C LYS B 75 -3.16 -9.22 3.25
N THR B 76 -3.03 -10.37 2.60
CA THR B 76 -3.59 -10.49 1.24
C THR B 76 -5.11 -10.66 1.22
N LEU B 77 -5.69 -10.91 2.37
CA LEU B 77 -7.14 -11.09 2.48
C LEU B 77 -7.86 -9.77 2.20
N ALA B 78 -7.11 -8.67 2.21
CA ALA B 78 -7.66 -7.33 1.99
C ALA B 78 -7.37 -6.73 0.62
N TRP B 79 -6.47 -7.36 -0.13
CA TRP B 79 -6.10 -6.86 -1.44
C TRP B 79 -7.25 -6.66 -2.40
N THR B 80 -8.08 -7.68 -2.55
CA THR B 80 -9.19 -7.63 -3.47
C THR B 80 -10.15 -6.46 -3.24
N ASP B 81 -10.56 -6.23 -2.00
CA ASP B 81 -11.48 -5.12 -1.75
C ASP B 81 -10.89 -3.75 -2.01
N VAL B 82 -9.63 -3.54 -1.63
CA VAL B 82 -9.01 -2.23 -1.88
C VAL B 82 -8.56 -2.10 -3.32
N GLY B 83 -8.69 -3.18 -4.07
CA GLY B 83 -8.29 -3.17 -5.47
C GLY B 83 -6.79 -3.22 -5.72
N ALA B 84 -6.00 -3.65 -4.74
CA ALA B 84 -4.55 -3.74 -4.93
C ALA B 84 -4.28 -4.86 -5.94
N THR B 85 -5.19 -5.81 -5.95
CA THR B 85 -5.16 -6.96 -6.85
C THR B 85 -6.54 -7.07 -7.47
N VAL B 86 -6.62 -7.47 -8.73
CA VAL B 86 -7.93 -7.57 -9.39
C VAL B 86 -8.65 -8.90 -9.20
N ASP B 87 -9.96 -8.86 -9.39
CA ASP B 87 -10.83 -10.04 -9.30
C ASP B 87 -10.55 -10.84 -10.57
N VAL B 88 -10.09 -12.06 -10.42
CA VAL B 88 -9.72 -12.92 -11.55
C VAL B 88 -10.85 -13.73 -12.18
N LYS B 89 -12.02 -13.75 -11.55
CA LYS B 89 -13.14 -14.53 -12.09
C LYS B 89 -13.35 -14.32 -13.59
N PRO B 90 -13.29 -13.07 -14.08
CA PRO B 90 -13.48 -12.79 -15.51
C PRO B 90 -12.51 -13.59 -16.39
N TYR B 91 -11.25 -13.61 -15.96
CA TYR B 91 -10.19 -14.30 -16.68
C TYR B 91 -10.31 -15.80 -16.50
N LEU B 92 -10.77 -16.22 -15.33
CA LEU B 92 -10.94 -17.64 -15.04
C LEU B 92 -11.96 -18.19 -16.03
N ASP B 93 -13.00 -17.40 -16.31
CA ASP B 93 -14.06 -17.80 -17.23
C ASP B 93 -13.64 -17.69 -18.69
N ASP B 94 -13.14 -16.51 -19.07
CA ASP B 94 -12.73 -16.28 -20.45
C ASP B 94 -11.71 -17.31 -20.94
N TRP B 95 -10.67 -17.54 -20.14
CA TRP B 95 -9.63 -18.48 -20.52
C TRP B 95 -10.09 -19.93 -20.46
N GLY B 96 -11.21 -20.18 -19.76
CA GLY B 96 -11.74 -21.52 -19.67
C GLY B 96 -10.99 -22.44 -18.72
N LEU B 97 -10.45 -21.87 -17.64
CA LEU B 97 -9.70 -22.63 -16.66
C LEU B 97 -10.49 -22.91 -15.39
N ARG B 98 -11.70 -22.37 -15.30
CA ARG B 98 -12.55 -22.56 -14.14
C ARG B 98 -12.70 -24.02 -13.78
N GLY B 99 -12.98 -24.85 -14.80
CA GLY B 99 -13.17 -26.27 -14.58
C GLY B 99 -11.95 -27.05 -14.11
N ARG B 100 -10.80 -26.40 -14.10
CA ARG B 100 -9.57 -27.06 -13.67
C ARG B 100 -9.42 -27.05 -12.15
N VAL B 101 -10.20 -26.19 -11.50
CA VAL B 101 -10.12 -26.03 -10.04
C VAL B 101 -11.09 -26.90 -9.25
N LEU B 102 -10.58 -27.53 -8.18
CA LEU B 102 -11.44 -28.36 -7.33
C LEU B 102 -12.54 -27.41 -6.87
N PRO B 103 -13.79 -27.91 -6.79
CA PRO B 103 -14.91 -27.07 -6.35
C PRO B 103 -14.71 -26.40 -5.00
N ALA B 104 -14.26 -27.15 -4.01
CA ALA B 104 -14.06 -26.59 -2.68
C ALA B 104 -12.96 -25.52 -2.70
N ALA B 105 -11.90 -25.79 -3.45
CA ALA B 105 -10.78 -24.86 -3.56
C ALA B 105 -11.23 -23.51 -4.11
N LEU B 106 -12.06 -23.56 -5.15
CA LEU B 106 -12.56 -22.35 -5.78
C LEU B 106 -13.43 -21.54 -4.80
N ALA B 107 -14.20 -22.25 -3.99
CA ALA B 107 -15.07 -21.61 -3.02
C ALA B 107 -14.24 -20.84 -2.00
N ASP B 108 -13.28 -21.56 -1.39
CA ASP B 108 -12.40 -20.97 -0.37
C ASP B 108 -11.66 -19.73 -0.85
N TRP B 109 -11.55 -19.56 -2.16
CA TRP B 109 -10.86 -18.42 -2.76
C TRP B 109 -11.80 -17.36 -3.31
N THR B 110 -13.08 -17.46 -2.97
CA THR B 110 -14.05 -16.49 -3.44
C THR B 110 -14.52 -15.61 -2.30
N ASP B 111 -14.77 -14.35 -2.61
CA ASP B 111 -15.23 -13.34 -1.67
C ASP B 111 -16.57 -13.67 -1.01
N ASP B 112 -16.99 -12.78 -0.12
CA ASP B 112 -18.29 -12.89 0.54
C ASP B 112 -19.16 -12.32 -0.58
N GLU B 113 -18.53 -11.46 -1.36
CA GLU B 113 -19.14 -10.86 -2.54
C GLU B 113 -18.82 -11.96 -3.56
N GLY B 114 -19.00 -11.71 -4.84
CA GLY B 114 -18.72 -12.79 -5.80
C GLY B 114 -17.31 -12.93 -6.34
N ARG B 115 -16.40 -12.04 -5.95
CA ARG B 115 -15.03 -12.03 -6.45
C ARG B 115 -14.10 -13.22 -6.15
N VAL B 116 -13.31 -13.61 -7.14
CA VAL B 116 -12.34 -14.70 -6.99
C VAL B 116 -10.99 -14.03 -6.81
N ARG B 117 -10.50 -14.04 -5.57
CA ARG B 117 -9.24 -13.39 -5.21
C ARG B 117 -8.03 -13.74 -6.06
N ALA B 118 -7.87 -15.03 -6.37
CA ALA B 118 -6.72 -15.46 -7.16
C ALA B 118 -6.90 -16.84 -7.77
N PHE B 119 -6.01 -17.17 -8.70
CA PHE B 119 -6.02 -18.47 -9.35
C PHE B 119 -5.44 -19.45 -8.35
N PRO B 120 -6.24 -20.41 -7.85
CA PRO B 120 -5.75 -21.39 -6.88
C PRO B 120 -4.66 -22.27 -7.49
N TYR B 121 -3.71 -22.72 -6.66
CA TYR B 121 -2.66 -23.60 -7.16
C TYR B 121 -2.21 -24.61 -6.12
N PHE B 122 -1.53 -24.17 -5.07
CA PHE B 122 -1.04 -25.08 -4.03
C PHE B 122 -2.09 -25.36 -2.96
N ALA B 123 -1.91 -26.47 -2.25
CA ALA B 123 -2.84 -26.87 -1.18
C ALA B 123 -2.11 -27.76 -0.19
N THR B 124 -2.81 -28.26 0.82
CA THR B 124 -2.17 -29.14 1.78
C THR B 124 -3.08 -30.22 2.34
N ASN B 125 -2.51 -31.41 2.46
CA ASN B 125 -3.18 -32.57 3.00
C ASN B 125 -2.52 -32.75 4.35
N TRP B 126 -3.34 -32.82 5.40
CA TRP B 126 -2.85 -32.92 6.77
C TRP B 126 -3.57 -34.08 7.46
N PRO B 127 -3.14 -35.33 7.19
CA PRO B 127 -3.75 -36.53 7.77
C PRO B 127 -3.01 -37.09 8.99
N VAL B 128 -3.49 -38.23 9.48
CA VAL B 128 -2.87 -38.89 10.61
C VAL B 128 -2.12 -40.15 10.16
N ALA B 129 -0.84 -40.25 10.55
CA ALA B 129 0.00 -41.39 10.20
C ALA B 129 0.05 -42.39 11.34
N TYR B 130 -0.18 -43.66 11.02
CA TYR B 130 -0.17 -44.74 11.99
C TYR B 130 0.94 -45.73 11.68
N ASN B 131 1.77 -46.06 12.67
CA ASN B 131 2.86 -47.01 12.44
C ASN B 131 2.39 -48.44 12.72
N ARG B 132 2.08 -49.15 11.64
CA ARG B 132 1.59 -50.53 11.71
C ARG B 132 2.49 -51.51 12.47
N ALA B 133 3.80 -51.43 12.22
CA ALA B 133 4.73 -52.33 12.89
C ALA B 133 4.62 -52.12 14.39
N LEU B 134 4.51 -50.86 14.79
CA LEU B 134 4.40 -50.50 16.19
C LEU B 134 3.06 -50.94 16.77
N LEU B 135 1.99 -50.81 16.00
CA LEU B 135 0.66 -51.25 16.46
C LEU B 135 0.65 -52.78 16.58
N ASP B 136 1.38 -53.45 15.69
CA ASP B 136 1.50 -54.91 15.70
C ASP B 136 2.22 -55.32 16.97
N ARG B 137 3.41 -54.77 17.20
CA ARG B 137 4.18 -55.13 18.39
C ARG B 137 3.32 -55.09 19.63
N ALA B 138 2.27 -54.29 19.61
CA ALA B 138 1.36 -54.24 20.72
C ALA B 138 0.32 -55.30 20.33
N GLY B 139 -0.93 -54.91 20.21
CA GLY B 139 -1.95 -55.87 19.81
C GLY B 139 -3.05 -55.08 19.15
N VAL B 140 -2.66 -54.28 18.15
CA VAL B 140 -3.62 -53.42 17.49
C VAL B 140 -3.65 -53.43 15.97
N ASP B 141 -4.65 -52.72 15.44
CA ASP B 141 -4.91 -52.53 14.02
C ASP B 141 -5.40 -51.09 13.91
N ALA B 142 -5.32 -50.47 12.73
CA ALA B 142 -5.76 -49.07 12.59
C ALA B 142 -7.02 -48.86 13.40
N ILE B 143 -7.30 -47.62 13.78
CA ILE B 143 -8.46 -47.35 14.62
C ILE B 143 -9.28 -46.09 14.31
N PRO B 144 -10.58 -46.26 14.00
CA PRO B 144 -11.43 -45.11 13.69
C PRO B 144 -12.39 -44.69 14.81
N THR B 145 -12.20 -45.23 16.00
CA THR B 145 -13.11 -44.90 17.08
C THR B 145 -12.48 -44.30 18.33
N THR B 146 -13.25 -43.39 18.93
CA THR B 146 -12.88 -42.70 20.15
C THR B 146 -12.46 -43.63 21.27
N GLY B 147 -13.42 -44.40 21.76
CA GLY B 147 -13.22 -45.30 22.86
C GLY B 147 -12.10 -46.31 22.67
N ASP B 148 -12.26 -47.44 23.36
CA ASP B 148 -11.31 -48.53 23.32
C ASP B 148 -10.41 -48.48 22.09
N GLN B 149 -10.96 -48.09 20.95
CA GLN B 149 -10.12 -48.05 19.77
C GLN B 149 -8.93 -47.10 19.99
N LEU B 150 -9.13 -45.78 19.92
CA LEU B 150 -7.99 -44.89 20.10
C LEU B 150 -7.39 -45.05 21.49
N ILE B 151 -8.24 -45.03 22.51
CA ILE B 151 -7.76 -45.16 23.88
C ILE B 151 -7.12 -46.51 24.25
N ALA B 152 -7.77 -47.63 23.89
CA ALA B 152 -7.19 -48.93 24.23
C ALA B 152 -5.93 -49.13 23.44
N ALA B 153 -5.89 -48.63 22.21
CA ALA B 153 -4.70 -48.76 21.41
C ALA B 153 -3.59 -48.03 22.17
N ALA B 154 -3.91 -46.83 22.66
CA ALA B 154 -2.95 -46.04 23.44
C ALA B 154 -2.52 -46.78 24.70
N ARG B 155 -3.48 -47.41 25.37
CA ARG B 155 -3.16 -48.17 26.57
C ARG B 155 -2.19 -49.31 26.26
N LYS B 156 -2.46 -49.99 25.15
CA LYS B 156 -1.64 -51.12 24.72
C LYS B 156 -0.26 -50.69 24.26
N LEU B 157 -0.18 -49.57 23.53
CA LEU B 157 1.12 -49.09 23.09
C LEU B 157 1.95 -48.77 24.34
N ARG B 158 1.40 -47.96 25.24
CA ARG B 158 2.09 -47.59 26.48
C ARG B 158 2.49 -48.84 27.27
N ALA B 159 1.62 -49.84 27.25
CA ALA B 159 1.88 -51.09 27.95
C ALA B 159 3.22 -51.66 27.47
N LYS B 160 3.52 -51.42 26.20
CA LYS B 160 4.77 -51.91 25.62
C LYS B 160 5.87 -50.85 25.58
N GLY B 161 5.73 -49.79 26.38
CA GLY B 161 6.75 -48.75 26.39
C GLY B 161 6.92 -47.97 25.10
N ILE B 162 5.81 -47.74 24.41
CA ILE B 162 5.80 -47.00 23.16
C ILE B 162 4.83 -45.83 23.30
N ALA B 163 5.26 -44.62 22.97
CA ALA B 163 4.40 -43.44 23.05
C ALA B 163 3.30 -43.58 22.01
N PRO B 164 2.06 -43.18 22.34
CA PRO B 164 0.96 -43.27 21.39
C PRO B 164 1.05 -42.20 20.32
N VAL B 165 0.28 -41.13 20.49
CA VAL B 165 0.32 -40.05 19.52
C VAL B 165 1.27 -38.97 20.04
N THR B 166 2.25 -38.61 19.22
CA THR B 166 3.21 -37.59 19.58
C THR B 166 2.77 -36.32 18.87
N VAL B 167 2.93 -35.18 19.52
CA VAL B 167 2.53 -33.91 18.95
C VAL B 167 3.23 -32.77 19.68
N GLY B 168 3.52 -31.69 18.95
CA GLY B 168 4.16 -30.55 19.57
C GLY B 168 3.17 -29.75 20.38
N GLY B 169 2.96 -30.15 21.62
CA GLY B 169 2.01 -29.45 22.46
C GLY B 169 2.28 -27.98 22.64
N ASN B 170 3.56 -27.57 22.57
CA ASN B 170 3.89 -26.16 22.77
C ASN B 170 4.11 -25.33 21.53
N ASP B 171 3.60 -25.77 20.38
CA ASP B 171 3.76 -24.99 19.17
C ASP B 171 2.63 -25.22 18.16
N TRP B 172 2.79 -24.67 16.97
CA TRP B 172 1.78 -24.79 15.94
C TRP B 172 1.20 -26.19 15.66
N THR B 173 2.01 -27.24 15.76
CA THR B 173 1.48 -28.57 15.49
C THR B 173 0.43 -28.93 16.53
N GLY B 174 0.69 -28.58 17.78
CA GLY B 174 -0.28 -28.85 18.82
C GLY B 174 -1.52 -28.00 18.64
N GLN B 175 -1.33 -26.70 18.39
CA GLN B 175 -2.47 -25.78 18.22
C GLN B 175 -3.43 -26.29 17.16
N LYS B 176 -2.89 -26.89 16.11
CA LYS B 176 -3.70 -27.43 15.02
C LYS B 176 -4.38 -28.76 15.39
N LEU B 177 -3.69 -29.64 16.12
CA LEU B 177 -4.30 -30.91 16.48
C LEU B 177 -5.47 -30.66 17.43
N LEU B 178 -5.26 -29.80 18.42
CA LEU B 178 -6.30 -29.45 19.38
C LEU B 178 -7.54 -28.98 18.59
N ALA B 179 -7.32 -28.04 17.67
CA ALA B 179 -8.42 -27.50 16.87
C ALA B 179 -9.13 -28.60 16.07
N GLN B 180 -8.36 -29.48 15.42
CA GLN B 180 -8.96 -30.55 14.65
C GLN B 180 -9.86 -31.44 15.53
N ILE B 181 -9.34 -31.87 16.67
CA ILE B 181 -10.11 -32.73 17.57
C ILE B 181 -11.37 -32.04 18.05
N ILE B 182 -11.25 -30.77 18.46
CA ILE B 182 -12.41 -30.02 18.92
C ILE B 182 -13.43 -29.96 17.78
N GLN B 183 -12.93 -29.97 16.55
CA GLN B 183 -13.78 -29.92 15.37
C GLN B 183 -14.55 -31.22 15.14
N THR B 184 -14.31 -32.22 15.99
CA THR B 184 -15.03 -33.48 15.85
C THR B 184 -16.53 -33.21 15.89
N PHE B 185 -16.94 -32.20 16.66
CA PHE B 185 -18.35 -31.87 16.78
C PHE B 185 -18.68 -30.52 16.13
N LEU B 186 -17.83 -30.10 15.20
CA LEU B 186 -18.04 -28.84 14.50
C LEU B 186 -17.84 -29.01 12.99
N SER B 187 -18.88 -28.66 12.23
CA SER B 187 -18.75 -28.75 10.78
C SER B 187 -17.95 -27.51 10.41
N GLN B 188 -17.39 -27.49 9.21
CA GLN B 188 -16.57 -26.36 8.81
C GLN B 188 -17.19 -24.99 9.03
N ASP B 189 -18.43 -24.80 8.58
CA ASP B 189 -19.10 -23.51 8.74
C ASP B 189 -19.07 -23.07 10.21
N GLU B 190 -19.26 -24.03 11.12
CA GLU B 190 -19.27 -23.74 12.56
C GLU B 190 -17.88 -23.43 13.13
N ALA B 191 -16.88 -24.16 12.66
CA ALA B 191 -15.52 -23.94 13.14
C ALA B 191 -15.04 -22.55 12.73
N ARG B 192 -15.48 -22.10 11.56
CA ARG B 192 -15.09 -20.78 11.07
C ARG B 192 -15.55 -19.72 12.06
N HIS B 193 -16.74 -19.90 12.60
CA HIS B 193 -17.25 -18.96 13.58
C HIS B 193 -16.40 -19.06 14.85
N VAL B 194 -16.32 -20.29 15.39
CA VAL B 194 -15.54 -20.53 16.59
C VAL B 194 -14.18 -19.87 16.56
N TYR B 195 -13.40 -20.20 15.53
CA TYR B 195 -12.06 -19.67 15.43
C TYR B 195 -11.83 -18.22 15.00
N SER B 196 -12.80 -17.60 14.35
CA SER B 196 -12.62 -16.21 13.96
C SER B 196 -13.09 -15.27 15.09
N THR B 197 -13.98 -15.76 15.93
CA THR B 197 -14.51 -14.97 17.05
C THR B 197 -13.91 -15.38 18.39
N GLY B 198 -13.59 -16.66 18.52
CA GLY B 198 -13.02 -17.16 19.75
C GLY B 198 -14.11 -17.57 20.73
N ASP B 199 -15.21 -18.11 20.19
CA ASP B 199 -16.34 -18.55 21.01
C ASP B 199 -16.33 -20.07 21.19
N PHE B 200 -15.61 -20.51 22.21
CA PHE B 200 -15.51 -21.94 22.51
C PHE B 200 -16.63 -22.32 23.46
N GLY B 201 -17.63 -21.45 23.52
CA GLY B 201 -18.77 -21.69 24.37
C GLY B 201 -19.93 -22.33 23.64
N VAL B 202 -19.74 -22.61 22.35
CA VAL B 202 -20.78 -23.24 21.54
C VAL B 202 -20.83 -24.73 21.85
N ARG B 203 -22.02 -25.32 21.78
CA ARG B 203 -22.21 -26.74 22.08
C ARG B 203 -21.17 -27.64 21.42
N GLY B 204 -21.05 -27.52 20.10
CA GLY B 204 -20.11 -28.35 19.37
C GLY B 204 -18.69 -28.26 19.90
N ALA B 205 -18.28 -27.05 20.26
CA ALA B 205 -16.94 -26.81 20.78
C ALA B 205 -16.77 -27.36 22.19
N ARG B 206 -17.83 -27.29 22.99
CA ARG B 206 -17.74 -27.79 24.35
C ARG B 206 -17.63 -29.30 24.31
N LEU B 207 -18.31 -29.90 23.35
CA LEU B 207 -18.26 -31.35 23.18
C LEU B 207 -16.88 -31.71 22.63
N GLY B 208 -16.35 -30.86 21.75
CA GLY B 208 -15.03 -31.09 21.17
C GLY B 208 -13.96 -31.03 22.25
N ILE B 209 -14.04 -30.00 23.10
CA ILE B 209 -13.09 -29.84 24.19
C ILE B 209 -13.18 -31.02 25.17
N GLU B 210 -14.39 -31.43 25.50
CA GLU B 210 -14.57 -32.54 26.43
C GLU B 210 -13.96 -33.78 25.83
N TYR B 211 -14.17 -33.99 24.54
CA TYR B 211 -13.61 -35.15 23.84
C TYR B 211 -12.10 -35.13 23.96
N PHE B 212 -11.50 -34.00 23.59
CA PHE B 212 -10.06 -33.86 23.66
C PHE B 212 -9.57 -34.14 25.09
N ALA B 213 -10.26 -33.57 26.07
CA ALA B 213 -9.87 -33.74 27.46
C ALA B 213 -9.93 -35.20 27.89
N HIS B 214 -10.90 -35.93 27.36
CA HIS B 214 -11.03 -37.33 27.71
C HIS B 214 -9.90 -38.18 27.12
N LEU B 215 -9.58 -37.96 25.85
CA LEU B 215 -8.50 -38.69 25.19
C LEU B 215 -7.18 -38.40 25.90
N ARG B 216 -6.93 -37.11 26.13
CA ARG B 216 -5.73 -36.63 26.79
C ARG B 216 -5.49 -37.27 28.14
N ASP B 217 -6.49 -37.21 29.02
CA ASP B 217 -6.35 -37.78 30.35
C ASP B 217 -6.22 -39.30 30.35
N ALA B 218 -6.52 -39.93 29.22
CA ALA B 218 -6.40 -41.38 29.12
C ALA B 218 -5.01 -41.80 28.62
N GLY B 219 -4.17 -40.83 28.30
CA GLY B 219 -2.83 -41.12 27.84
C GLY B 219 -2.66 -41.29 26.34
N VAL B 220 -3.59 -40.77 25.55
CA VAL B 220 -3.50 -40.87 24.11
C VAL B 220 -2.25 -40.15 23.57
N PHE B 221 -1.86 -39.05 24.22
CA PHE B 221 -0.71 -38.27 23.80
C PHE B 221 0.53 -38.66 24.60
N ALA B 222 1.71 -38.42 24.01
CA ALA B 222 2.97 -38.75 24.65
C ALA B 222 3.12 -37.98 25.96
N ASP B 223 3.89 -38.54 26.89
CA ASP B 223 4.09 -37.88 28.16
C ASP B 223 4.70 -36.50 27.95
N LYS B 224 4.24 -35.53 28.74
CA LYS B 224 4.75 -34.17 28.66
C LYS B 224 4.56 -33.55 27.29
N ALA B 225 3.46 -33.89 26.63
CA ALA B 225 3.19 -33.35 25.30
C ALA B 225 3.11 -31.81 25.30
N GLN B 226 2.62 -31.23 26.39
CA GLN B 226 2.49 -29.78 26.51
C GLN B 226 3.79 -29.02 26.26
N GLY B 227 4.92 -29.68 26.49
CA GLY B 227 6.20 -29.02 26.28
C GLY B 227 6.92 -29.41 25.00
N LEU B 228 6.30 -30.25 24.17
CA LEU B 228 6.94 -30.70 22.92
C LEU B 228 6.74 -29.75 21.74
N THR B 229 7.55 -29.94 20.71
CA THR B 229 7.49 -29.12 19.50
C THR B 229 7.47 -30.02 18.28
N SER B 230 7.47 -29.40 17.11
CA SER B 230 7.46 -30.09 15.83
C SER B 230 8.73 -30.94 15.67
N ASP B 231 9.80 -30.48 16.31
CA ASP B 231 11.06 -31.22 16.26
C ASP B 231 10.95 -32.51 17.07
N SER B 232 10.50 -32.37 18.30
CA SER B 232 10.37 -33.52 19.19
C SER B 232 9.45 -34.53 18.53
N THR B 234 8.41 -35.01 15.18
CA THR B 234 8.94 -35.74 14.04
C THR B 234 10.14 -36.62 14.40
N THR B 235 10.89 -36.26 15.44
CA THR B 235 12.01 -37.12 15.85
C THR B 235 11.45 -38.39 16.47
N GLN B 236 10.44 -38.26 17.34
CA GLN B 236 9.86 -39.44 17.99
C GLN B 236 9.27 -40.43 16.98
N PHE B 237 8.50 -39.93 16.04
CA PHE B 237 7.88 -40.80 15.04
C PHE B 237 8.90 -41.41 14.07
N ASN B 238 9.95 -40.66 13.73
CA ASN B 238 10.99 -41.11 12.81
C ASN B 238 11.94 -42.15 13.40
N THR B 239 12.06 -42.15 14.72
CA THR B 239 12.93 -43.09 15.41
C THR B 239 12.08 -44.23 15.99
N GLU B 240 10.78 -44.14 15.76
CA GLU B 240 9.81 -45.13 16.24
C GLU B 240 9.71 -45.25 17.75
N GLU B 241 9.57 -44.11 18.41
CA GLU B 241 9.40 -44.04 19.86
C GLU B 241 7.94 -43.70 20.16
N ALA B 242 7.22 -43.31 19.11
CA ALA B 242 5.80 -42.99 19.21
C ALA B 242 5.15 -43.68 18.02
N ALA B 243 3.87 -44.00 18.13
CA ALA B 243 3.22 -44.73 17.05
C ALA B 243 2.30 -43.96 16.14
N VAL B 244 1.95 -42.75 16.51
CA VAL B 244 1.03 -41.96 15.70
C VAL B 244 1.42 -40.48 15.62
N GLN B 245 1.08 -39.84 14.51
CA GLN B 245 1.35 -38.42 14.37
C GLN B 245 0.49 -37.78 13.30
N SER B 246 -0.18 -36.70 13.68
CA SER B 246 -1.00 -35.95 12.76
C SER B 246 -0.01 -34.91 12.23
N ALA B 247 0.21 -34.87 10.93
CA ALA B 247 1.17 -33.94 10.36
C ALA B 247 0.91 -33.60 8.91
N SER B 249 1.21 -33.39 5.04
CA SER B 249 1.74 -34.39 4.12
C SER B 249 3.19 -34.01 3.86
N SER B 250 3.43 -32.70 3.71
CA SER B 250 4.77 -32.17 3.47
C SER B 250 5.78 -32.62 4.53
N ALA B 251 5.29 -32.92 5.73
CA ALA B 251 6.15 -33.37 6.83
C ALA B 251 6.29 -34.90 6.76
N LEU B 252 5.23 -35.56 6.32
CA LEU B 252 5.22 -37.01 6.20
C LEU B 252 6.13 -37.37 5.02
N ALA B 253 6.45 -36.39 4.20
CA ALA B 253 7.31 -36.60 3.05
C ALA B 253 8.73 -36.96 3.50
N LYS B 254 9.14 -36.51 4.68
CA LYS B 254 10.48 -36.82 5.15
C LYS B 254 10.53 -37.95 6.18
N VAL B 255 9.54 -38.84 6.16
CA VAL B 255 9.60 -39.96 7.09
C VAL B 255 10.57 -40.95 6.44
N PRO B 256 11.61 -41.37 7.18
CA PRO B 256 12.60 -42.32 6.63
C PRO B 256 11.93 -43.44 5.84
N GLU B 257 12.53 -43.81 4.71
CA GLU B 257 11.99 -44.85 3.84
C GLU B 257 11.65 -46.13 4.60
N LYS B 258 12.53 -46.52 5.52
CA LYS B 258 12.35 -47.73 6.31
C LYS B 258 11.04 -47.67 7.11
N VAL B 259 10.88 -46.62 7.91
CA VAL B 259 9.69 -46.43 8.73
C VAL B 259 8.41 -46.23 7.90
N ALA B 260 8.52 -45.50 6.79
CA ALA B 260 7.37 -45.23 5.94
C ALA B 260 6.86 -46.50 5.24
N GLY B 261 7.71 -47.52 5.18
CA GLY B 261 7.32 -48.77 4.53
C GLY B 261 6.19 -49.50 5.23
N HIS B 262 6.15 -49.36 6.55
CA HIS B 262 5.10 -49.98 7.35
C HIS B 262 4.37 -48.90 8.13
N THR B 263 3.90 -47.89 7.38
CA THR B 263 3.17 -46.76 7.91
C THR B 263 1.95 -46.50 7.01
N GLU B 264 0.81 -46.25 7.62
CA GLU B 264 -0.42 -45.98 6.87
C GLU B 264 -1.05 -44.67 7.29
N VAL B 265 -1.71 -44.00 6.36
CA VAL B 265 -2.33 -42.73 6.68
C VAL B 265 -3.85 -42.80 6.69
N GLY B 266 -4.45 -42.10 7.65
CA GLY B 266 -5.89 -42.08 7.77
C GLY B 266 -6.37 -40.79 8.42
N GLY B 267 -7.44 -40.87 9.20
CA GLY B 267 -7.97 -39.69 9.86
C GLY B 267 -7.94 -39.86 11.37
N TRP B 268 -8.34 -38.82 12.11
CA TRP B 268 -8.38 -38.88 13.56
C TRP B 268 -9.67 -39.56 14.01
N PRO B 269 -9.57 -40.61 14.85
CA PRO B 269 -10.70 -41.38 15.37
C PRO B 269 -11.89 -40.53 15.78
N LEU B 270 -13.08 -40.92 15.36
CA LEU B 270 -14.29 -40.18 15.68
C LEU B 270 -14.92 -40.56 17.02
N ALA B 271 -15.62 -39.59 17.61
CA ALA B 271 -16.32 -39.79 18.87
C ALA B 271 -17.78 -39.98 18.50
N ASP B 272 -18.51 -40.73 19.31
CA ASP B 272 -19.92 -40.97 19.04
C ASP B 272 -20.63 -39.62 19.07
N GLY B 273 -21.50 -39.40 18.10
CA GLY B 273 -22.23 -38.15 18.02
C GLY B 273 -21.45 -37.05 17.31
N ALA B 274 -20.49 -37.45 16.49
CA ALA B 274 -19.66 -36.50 15.77
C ALA B 274 -20.41 -35.81 14.63
N ALA B 275 -19.91 -34.66 14.20
CA ALA B 275 -20.52 -33.90 13.12
C ALA B 275 -19.89 -34.26 11.78
N HIS B 276 -19.31 -35.45 11.70
CA HIS B 276 -18.66 -35.94 10.48
C HIS B 276 -18.93 -37.45 10.40
N ASP B 277 -18.95 -38.02 9.20
CA ASP B 277 -19.20 -39.45 9.11
C ASP B 277 -17.95 -40.32 9.06
N GLY B 278 -16.78 -39.69 9.08
CA GLY B 278 -15.54 -40.46 9.04
C GLY B 278 -14.35 -39.81 9.74
N PRO B 279 -13.34 -40.61 10.14
CA PRO B 279 -12.18 -40.02 10.80
C PRO B 279 -11.70 -38.79 10.03
N THR B 280 -11.45 -37.70 10.74
CA THR B 280 -11.06 -36.43 10.14
C THR B 280 -9.60 -36.22 9.79
N VAL B 281 -9.39 -35.28 8.86
CA VAL B 281 -8.06 -34.86 8.41
C VAL B 281 -8.21 -33.38 8.12
N ILE B 282 -7.11 -32.64 8.25
CA ILE B 282 -7.13 -31.20 7.98
C ILE B 282 -6.86 -30.97 6.50
N ARG B 283 -7.55 -30.00 5.92
CA ARG B 283 -7.34 -29.70 4.52
C ARG B 283 -7.49 -28.22 4.23
N ALA B 284 -6.48 -27.64 3.59
CA ALA B 284 -6.52 -26.23 3.21
C ALA B 284 -6.19 -26.17 1.72
N TYR B 285 -6.80 -25.24 1.02
CA TYR B 285 -6.59 -25.08 -0.42
C TYR B 285 -6.10 -23.66 -0.70
N THR B 286 -5.78 -22.94 0.37
CA THR B 286 -5.37 -21.55 0.22
C THR B 286 -3.89 -21.22 0.32
N LEU B 287 -3.04 -22.18 -0.01
CA LEU B 287 -1.62 -21.91 -0.02
C LEU B 287 -1.38 -21.11 -1.30
N ILE B 288 -0.13 -20.93 -1.69
CA ILE B 288 0.19 -20.15 -2.89
C ILE B 288 -0.78 -20.26 -4.07
N GLY B 289 -1.15 -19.09 -4.60
CA GLY B 289 -2.03 -18.99 -5.75
C GLY B 289 -1.56 -17.83 -6.62
N PHE B 290 -2.10 -17.69 -7.82
CA PHE B 290 -1.69 -16.61 -8.73
C PHE B 290 -2.61 -15.39 -8.70
N TRP B 291 -2.06 -14.23 -8.32
CA TRP B 291 -2.87 -13.01 -8.29
C TRP B 291 -2.44 -12.19 -9.50
N ILE B 292 -3.35 -11.35 -9.98
CA ILE B 292 -3.04 -10.49 -11.12
C ILE B 292 -3.19 -9.05 -10.66
N SER B 293 -2.20 -8.23 -11.02
CA SER B 293 -2.19 -6.84 -10.62
C SER B 293 -2.66 -5.91 -11.71
N PRO B 294 -2.90 -4.63 -11.36
CA PRO B 294 -3.35 -3.69 -12.39
C PRO B 294 -2.34 -3.67 -13.54
N ASN B 295 -1.05 -3.63 -13.22
CA ASN B 295 -0.05 -3.65 -14.29
C ASN B 295 -0.22 -4.91 -15.11
N GLY B 296 -0.67 -5.98 -14.45
CA GLY B 296 -0.85 -7.25 -15.11
C GLY B 296 -1.90 -7.22 -16.18
N VAL B 297 -2.99 -6.52 -15.91
CA VAL B 297 -4.12 -6.40 -16.82
C VAL B 297 -3.69 -5.68 -18.11
N ARG B 298 -2.78 -4.72 -17.99
CA ARG B 298 -2.29 -3.98 -19.16
C ARG B 298 -1.32 -4.85 -19.94
N LYS B 299 -1.05 -6.03 -19.39
CA LYS B 299 -0.14 -6.99 -19.99
C LYS B 299 -0.82 -8.35 -19.92
N ILE B 300 -2.14 -8.33 -19.94
CA ILE B 300 -2.98 -9.53 -19.81
C ILE B 300 -2.75 -10.67 -20.79
N GLU B 301 -2.34 -10.39 -22.02
CA GLU B 301 -2.13 -11.48 -22.96
C GLU B 301 -0.88 -12.26 -22.55
N GLN B 302 0.12 -11.55 -22.04
CA GLN B 302 1.36 -12.19 -21.60
C GLN B 302 1.09 -12.97 -20.32
N VAL B 303 0.19 -12.46 -19.49
CA VAL B 303 -0.18 -13.12 -18.24
C VAL B 303 -0.95 -14.42 -18.50
N GLU B 304 -1.94 -14.36 -19.38
CA GLU B 304 -2.74 -15.53 -19.74
C GLU B 304 -1.88 -16.68 -20.28
N LYS B 305 -0.81 -16.34 -20.96
CA LYS B 305 0.12 -17.31 -21.56
C LYS B 305 0.78 -18.12 -20.43
N PHE B 306 1.30 -17.40 -19.45
CA PHE B 306 1.96 -17.97 -18.28
C PHE B 306 1.02 -18.80 -17.43
N LEU B 307 -0.16 -18.26 -17.12
CA LEU B 307 -1.12 -18.99 -16.30
C LEU B 307 -1.70 -20.22 -16.97
N ARG B 308 -1.99 -20.15 -18.26
CA ARG B 308 -2.53 -21.32 -18.98
C ARG B 308 -1.48 -22.42 -18.91
N PHE B 309 -0.22 -22.02 -19.00
CA PHE B 309 0.90 -22.94 -18.94
C PHE B 309 0.97 -23.56 -17.54
N TYR B 311 -1.36 -23.98 -15.46
CA TYR B 311 -2.52 -24.82 -15.21
C TYR B 311 -2.55 -26.10 -16.03
N ARG B 312 -1.61 -26.26 -16.95
CA ARG B 312 -1.57 -27.46 -17.78
C ARG B 312 -1.32 -28.69 -16.89
N PRO B 313 -2.02 -29.81 -17.16
CA PRO B 313 -1.90 -31.07 -16.41
C PRO B 313 -0.42 -31.48 -16.40
N ASP B 314 0.18 -31.33 -17.56
CA ASP B 314 1.59 -31.59 -17.78
C ASP B 314 2.39 -30.95 -16.63
N VAL B 315 2.26 -29.62 -16.50
CA VAL B 315 2.98 -28.87 -15.48
C VAL B 315 2.54 -29.17 -14.05
N VAL B 316 1.24 -29.26 -13.84
CA VAL B 316 0.72 -29.56 -12.51
C VAL B 316 1.17 -30.92 -11.96
N ALA B 317 1.17 -31.94 -12.81
CA ALA B 317 1.59 -33.28 -12.35
C ALA B 317 3.05 -33.26 -11.86
N ARG B 318 3.85 -32.38 -12.44
CA ARG B 318 5.26 -32.25 -12.07
C ARG B 318 5.39 -31.86 -10.58
N PHE B 319 4.62 -30.88 -10.14
CA PHE B 319 4.61 -30.41 -8.74
C PHE B 319 4.21 -31.56 -7.83
N VAL B 320 3.23 -32.33 -8.25
CA VAL B 320 2.76 -33.50 -7.48
C VAL B 320 3.86 -34.55 -7.42
N THR B 321 4.29 -34.96 -8.59
CA THR B 321 5.29 -36.00 -8.79
C THR B 321 6.72 -35.74 -8.33
N GLU B 322 7.28 -34.60 -8.75
CA GLU B 322 8.65 -34.27 -8.40
C GLU B 322 8.87 -33.59 -7.04
N SER B 323 7.92 -32.78 -6.58
CA SER B 323 8.12 -32.14 -5.28
C SER B 323 7.10 -32.58 -4.24
N GLY B 324 6.33 -33.62 -4.55
CA GLY B 324 5.33 -34.14 -3.63
C GLY B 324 4.34 -33.13 -3.08
N ARG B 325 3.88 -32.24 -3.96
CA ARG B 325 2.98 -31.16 -3.61
C ARG B 325 1.50 -31.51 -3.75
N ASP B 326 0.68 -31.06 -2.78
CA ASP B 326 -0.77 -31.28 -2.84
C ASP B 326 -1.32 -30.10 -3.63
N ALA B 328 -4.65 -27.72 -5.58
CA ALA B 328 -6.02 -27.25 -5.52
C ALA B 328 -6.69 -27.45 -6.87
N LEU B 329 -5.94 -28.01 -7.82
CA LEU B 329 -6.46 -28.26 -9.15
C LEU B 329 -6.75 -29.75 -9.33
N ARG B 330 -7.57 -30.07 -10.32
CA ARG B 330 -7.92 -31.45 -10.61
C ARG B 330 -6.76 -32.09 -11.39
N THR B 331 -6.33 -33.27 -10.98
CA THR B 331 -5.25 -33.98 -11.68
C THR B 331 -5.28 -35.45 -11.26
N ASP B 332 -4.72 -36.31 -12.08
CA ASP B 332 -4.70 -37.74 -11.75
C ASP B 332 -3.33 -38.15 -11.24
N ALA B 333 -2.44 -37.18 -11.09
CA ALA B 333 -1.09 -37.49 -10.62
C ALA B 333 -1.08 -37.80 -9.14
N VAL B 334 -0.13 -38.62 -8.71
CA VAL B 334 0.01 -38.98 -7.32
C VAL B 334 1.47 -38.93 -6.93
N SER B 335 1.74 -38.44 -5.72
CA SER B 335 3.12 -38.34 -5.25
C SER B 335 3.63 -39.71 -4.82
N THR B 336 3.64 -40.63 -5.77
CA THR B 336 4.11 -41.99 -5.54
C THR B 336 5.63 -41.97 -5.64
N GLY B 337 6.26 -41.10 -4.87
CA GLY B 337 7.70 -40.96 -4.85
C GLY B 337 8.00 -40.49 -3.44
N PHE B 338 6.91 -40.05 -2.82
CA PHE B 338 6.90 -39.59 -1.44
C PHE B 338 5.69 -40.37 -0.93
N PRO B 339 5.86 -41.69 -0.76
CA PRO B 339 4.89 -42.68 -0.30
C PRO B 339 3.74 -42.22 0.58
N LEU B 340 4.04 -41.70 1.76
CA LEU B 340 2.99 -41.24 2.66
C LEU B 340 2.21 -40.09 2.03
N VAL B 341 2.92 -39.26 1.27
CA VAL B 341 2.29 -38.13 0.60
C VAL B 341 1.31 -38.70 -0.41
N GLY B 342 1.79 -39.61 -1.24
CA GLY B 342 0.94 -40.22 -2.24
C GLY B 342 -0.25 -40.95 -1.64
N ALA B 343 -0.02 -41.62 -0.50
CA ALA B 343 -1.08 -42.37 0.18
C ALA B 343 -2.17 -41.45 0.75
N ALA B 344 -1.79 -40.26 1.17
CA ALA B 344 -2.74 -39.32 1.72
C ALA B 344 -3.61 -38.74 0.60
N GLN B 345 -3.05 -38.63 -0.60
CA GLN B 345 -3.79 -38.09 -1.73
C GLN B 345 -4.80 -39.09 -2.21
N ARG B 346 -4.59 -40.36 -1.87
CA ARG B 346 -5.50 -41.42 -2.28
C ARG B 346 -6.61 -41.70 -1.28
N LEU B 347 -6.59 -40.99 -0.15
CA LEU B 347 -7.59 -41.21 0.90
C LEU B 347 -9.01 -41.22 0.35
N GLY B 348 -9.49 -40.09 -0.14
CA GLY B 348 -10.83 -40.08 -0.71
C GLY B 348 -12.01 -39.75 0.18
N SER B 349 -12.91 -40.72 0.35
CA SER B 349 -14.12 -40.51 1.15
C SER B 349 -14.19 -41.23 2.49
N GLU B 350 -13.20 -42.06 2.83
CA GLU B 350 -13.26 -42.74 4.12
C GLU B 350 -12.77 -41.83 5.25
N VAL B 351 -12.60 -40.54 4.94
CA VAL B 351 -12.18 -39.57 5.94
C VAL B 351 -12.93 -38.27 5.65
N SER B 352 -13.21 -37.51 6.70
CA SER B 352 -13.92 -36.25 6.56
C SER B 352 -13.00 -35.05 6.75
N GLN B 353 -13.28 -33.98 5.99
CA GLN B 353 -12.49 -32.77 5.99
C GLN B 353 -12.82 -31.75 7.09
N VAL B 354 -11.79 -31.25 7.76
CA VAL B 354 -11.96 -30.23 8.79
C VAL B 354 -11.05 -29.05 8.43
N LEU B 355 -11.36 -27.88 8.98
CA LEU B 355 -10.62 -26.65 8.71
C LEU B 355 -9.21 -26.50 9.24
N LEU B 356 -8.47 -25.63 8.59
CA LEU B 356 -7.14 -25.24 9.03
C LEU B 356 -7.55 -23.86 9.55
N PRO B 357 -7.46 -23.64 10.87
CA PRO B 357 -7.83 -22.37 11.51
C PRO B 357 -7.07 -21.11 11.07
N ASP B 358 -5.84 -21.29 10.62
CA ASP B 358 -4.98 -20.19 10.20
C ASP B 358 -5.63 -18.94 9.62
N VAL B 359 -6.26 -19.03 8.46
CA VAL B 359 -6.87 -17.83 7.85
C VAL B 359 -7.86 -17.07 8.72
N TYR B 360 -8.70 -17.80 9.46
CA TYR B 360 -9.72 -17.17 10.28
C TYR B 360 -9.29 -16.61 11.63
N VAL B 361 -8.29 -17.22 12.26
CA VAL B 361 -7.82 -16.74 13.56
C VAL B 361 -7.13 -15.39 13.44
N PRO B 362 -7.61 -14.37 14.19
CA PRO B 362 -7.00 -13.04 14.12
C PRO B 362 -5.53 -13.16 14.52
N PRO B 363 -4.64 -12.44 13.82
CA PRO B 363 -3.21 -12.49 14.12
C PRO B 363 -2.86 -12.32 15.60
N ALA B 364 -3.53 -11.40 16.28
CA ALA B 364 -3.26 -11.11 17.69
C ALA B 364 -3.59 -12.28 18.62
N ALA B 365 -4.37 -13.24 18.14
CA ALA B 365 -4.75 -14.39 18.95
C ALA B 365 -3.88 -15.63 18.62
N ALA B 366 -3.01 -15.50 17.63
CA ALA B 366 -2.15 -16.61 17.18
C ALA B 366 -1.18 -17.17 18.23
N GLN B 367 -0.27 -16.34 18.73
CA GLN B 367 0.69 -16.80 19.74
C GLN B 367 -0.01 -17.19 21.03
N PRO B 368 -0.98 -16.37 21.50
CA PRO B 368 -1.68 -16.72 22.75
C PRO B 368 -2.47 -18.02 22.58
N LEU B 369 -2.85 -18.34 21.35
CA LEU B 369 -3.62 -19.55 21.10
C LEU B 369 -2.76 -20.79 21.28
N ILE B 370 -1.46 -20.64 21.05
CA ILE B 370 -0.50 -21.73 21.18
C ILE B 370 -0.16 -21.95 22.65
N THR B 371 -0.07 -20.85 23.38
CA THR B 371 0.24 -20.89 24.81
C THR B 371 -0.93 -21.55 25.56
N ALA B 372 -2.15 -21.27 25.11
CA ALA B 372 -3.35 -21.84 25.71
C ALA B 372 -3.48 -23.33 25.30
N THR B 373 -2.97 -23.65 24.11
CA THR B 373 -3.02 -25.04 23.65
C THR B 373 -2.10 -25.85 24.55
N SER B 374 -0.90 -25.33 24.78
CA SER B 374 0.08 -25.98 25.63
C SER B 374 -0.46 -26.18 27.03
N THR B 375 -1.27 -25.23 27.51
CA THR B 375 -1.88 -25.32 28.82
C THR B 375 -2.93 -26.42 28.80
N SER B 376 -3.64 -26.52 27.68
CA SER B 376 -4.67 -27.52 27.49
C SER B 376 -4.18 -28.97 27.38
N PHE B 377 -3.00 -29.17 26.78
CA PHE B 377 -2.47 -30.54 26.65
C PHE B 377 -1.96 -31.08 27.98
N THR B 378 -2.03 -30.24 29.00
CA THR B 378 -1.57 -30.64 30.32
C THR B 378 -2.53 -31.60 31.00
N ARG B 379 -2.05 -32.82 31.19
CA ARG B 379 -2.79 -33.88 31.82
C ARG B 379 -3.54 -33.38 33.06
N GLY B 380 -4.86 -33.51 33.06
CA GLY B 380 -5.63 -33.10 34.21
C GLY B 380 -6.35 -31.77 34.16
N THR B 381 -5.98 -30.93 33.20
CA THR B 381 -6.60 -29.60 33.06
C THR B 381 -8.07 -29.71 32.65
N SER B 382 -8.96 -29.41 33.59
CA SER B 382 -10.40 -29.47 33.36
C SER B 382 -10.90 -28.77 32.10
N PRO B 383 -11.91 -29.36 31.44
CA PRO B 383 -12.49 -28.78 30.22
C PRO B 383 -12.85 -27.30 30.38
N ALA B 384 -13.26 -26.95 31.60
CA ALA B 384 -13.64 -25.58 31.92
C ALA B 384 -12.44 -24.64 31.82
N ARG B 385 -11.30 -25.12 32.30
CA ARG B 385 -10.08 -24.32 32.24
C ARG B 385 -9.55 -24.30 30.81
N VAL B 386 -9.74 -25.40 30.09
CA VAL B 386 -9.28 -25.48 28.71
C VAL B 386 -10.02 -24.39 27.93
N ARG B 387 -11.34 -24.39 28.06
CA ARG B 387 -12.15 -23.40 27.37
C ARG B 387 -11.76 -21.98 27.80
N ALA B 388 -11.43 -21.81 29.08
CA ALA B 388 -11.05 -20.50 29.59
C ALA B 388 -9.73 -20.02 28.96
N ALA B 389 -8.73 -20.90 28.93
CA ALA B 389 -7.43 -20.55 28.35
C ALA B 389 -7.60 -20.20 26.87
N LEU B 390 -8.27 -21.09 26.13
CA LEU B 390 -8.51 -20.87 24.70
C LEU B 390 -9.16 -19.52 24.46
N GLU B 391 -10.34 -19.31 25.04
CA GLU B 391 -11.04 -18.03 24.84
C GLU B 391 -10.22 -16.80 25.20
N SER B 392 -9.39 -16.90 26.24
CA SER B 392 -8.57 -15.77 26.67
C SER B 392 -7.49 -15.43 25.65
N ALA B 393 -7.25 -16.35 24.72
CA ALA B 393 -6.26 -16.14 23.68
C ALA B 393 -6.77 -15.05 22.74
N TYR B 394 -8.03 -14.68 22.92
CA TYR B 394 -8.65 -13.68 22.10
C TYR B 394 -8.85 -12.32 22.77
N ARG B 395 -8.27 -12.14 23.96
CA ARG B 395 -8.39 -10.87 24.68
C ARG B 395 -8.21 -9.70 23.74
N SER B 396 -7.12 -9.72 22.97
CA SER B 396 -6.87 -8.68 21.98
C SER B 396 -7.93 -9.00 20.92
N VAL B 397 -8.63 -7.98 20.44
CA VAL B 397 -9.71 -8.10 19.45
C VAL B 397 -10.91 -7.34 19.99
N ASP C 4 -13.08 -44.76 -31.20
CA ASP C 4 -13.39 -43.34 -31.54
C ASP C 4 -14.52 -42.90 -30.61
N SER C 5 -15.06 -41.68 -30.85
CA SER C 5 -16.21 -41.12 -30.16
C SER C 5 -16.23 -40.54 -28.76
N ASP C 6 -15.73 -41.29 -27.76
CA ASP C 6 -15.72 -40.76 -26.39
C ASP C 6 -14.98 -39.46 -26.30
N PRO C 7 -15.32 -38.64 -25.31
CA PRO C 7 -14.62 -37.36 -25.16
C PRO C 7 -13.22 -37.82 -24.76
N ASP C 8 -12.32 -36.90 -24.45
CA ASP C 8 -10.96 -37.27 -24.08
C ASP C 8 -10.33 -38.16 -25.16
N THR C 9 -10.94 -38.16 -26.35
CA THR C 9 -10.42 -38.93 -27.48
C THR C 9 -10.52 -38.02 -28.68
N LEU C 10 -9.40 -37.51 -29.13
CA LEU C 10 -9.39 -36.62 -30.25
C LEU C 10 -9.04 -37.45 -31.47
N VAL C 11 -9.90 -37.49 -32.50
CA VAL C 11 -9.60 -38.26 -33.70
C VAL C 11 -9.22 -37.26 -34.77
N VAL C 12 -8.03 -37.46 -35.35
CA VAL C 12 -7.49 -36.57 -36.38
C VAL C 12 -7.33 -37.28 -37.72
N HIS C 13 -8.00 -36.76 -38.74
CA HIS C 13 -7.92 -37.30 -40.11
C HIS C 13 -6.86 -36.46 -40.81
N THR C 14 -5.70 -37.06 -41.07
CA THR C 14 -4.54 -36.37 -41.64
C THR C 14 -3.89 -36.98 -42.86
N GLN C 15 -3.26 -36.12 -43.65
CA GLN C 15 -2.53 -36.55 -44.83
C GLN C 15 -1.09 -36.83 -44.41
N LEU C 16 -0.75 -36.43 -43.18
CA LEU C 16 0.58 -36.63 -42.62
C LEU C 16 0.63 -37.91 -41.81
N GLY C 17 1.79 -38.57 -41.80
CA GLY C 17 1.92 -39.79 -41.03
C GLY C 17 2.78 -40.86 -41.68
N THR C 18 2.96 -40.76 -42.99
CA THR C 18 3.78 -41.72 -43.72
C THR C 18 4.76 -41.05 -44.66
N THR C 19 4.40 -40.97 -45.95
CA THR C 19 5.27 -40.37 -46.96
C THR C 19 5.18 -38.86 -47.11
N ALA C 20 4.07 -38.27 -46.71
CA ALA C 20 3.91 -36.83 -46.85
C ALA C 20 5.01 -36.08 -46.11
N PRO C 21 5.50 -34.97 -46.70
CA PRO C 21 6.55 -34.18 -46.05
C PRO C 21 6.07 -33.65 -44.70
N GLY C 22 6.95 -33.67 -43.71
CA GLY C 22 6.58 -33.21 -42.37
C GLY C 22 6.03 -34.33 -41.50
N SER C 23 5.80 -35.50 -42.08
CA SER C 23 5.27 -36.63 -41.34
C SER C 23 6.12 -36.99 -40.12
N PRO C 24 7.46 -37.10 -40.27
CA PRO C 24 8.32 -37.45 -39.14
C PRO C 24 8.11 -36.51 -37.96
N THR C 25 8.15 -35.22 -38.21
CA THR C 25 7.97 -34.24 -37.15
C THR C 25 6.53 -34.19 -36.63
N TYR C 26 5.56 -34.55 -37.47
CA TYR C 26 4.16 -34.56 -37.01
C TYR C 26 4.00 -35.67 -35.98
N LEU C 27 4.52 -36.85 -36.30
CA LEU C 27 4.41 -37.97 -35.37
C LEU C 27 5.05 -37.61 -34.02
N ALA C 28 6.24 -37.03 -34.03
CA ALA C 28 6.91 -36.65 -32.79
C ALA C 28 6.07 -35.64 -32.02
N ALA C 29 5.41 -34.71 -32.73
CA ALA C 29 4.59 -33.72 -32.06
C ALA C 29 3.39 -34.41 -31.39
N VAL C 30 2.80 -35.39 -32.07
CA VAL C 30 1.65 -36.12 -31.51
C VAL C 30 2.04 -36.83 -30.22
N ASP C 31 3.19 -37.50 -30.24
CA ASP C 31 3.67 -38.22 -29.06
C ASP C 31 4.07 -37.26 -27.95
N ARG C 32 4.51 -36.08 -28.33
CA ARG C 32 4.89 -35.09 -27.33
C ARG C 32 3.57 -34.61 -26.69
N PHE C 33 2.57 -34.36 -27.52
CA PHE C 33 1.26 -33.92 -27.04
C PHE C 33 0.71 -34.94 -26.06
N ARG C 34 0.88 -36.21 -26.37
CA ARG C 34 0.40 -37.26 -25.48
C ARG C 34 1.10 -37.17 -24.12
N GLU C 35 2.42 -37.03 -24.15
CA GLU C 35 3.22 -36.92 -22.92
C GLU C 35 2.69 -35.77 -22.08
N GLU C 36 2.25 -34.70 -22.75
CA GLU C 36 1.73 -33.53 -22.07
C GLU C 36 0.32 -33.71 -21.50
N ASN C 37 -0.51 -34.45 -22.22
CA ASN C 37 -1.89 -34.68 -21.75
C ASN C 37 -2.13 -36.18 -21.66
N PRO C 38 -1.71 -36.80 -20.55
CA PRO C 38 -1.88 -38.25 -20.34
C PRO C 38 -3.33 -38.75 -20.40
N GLY C 39 -4.28 -37.92 -19.99
CA GLY C 39 -5.66 -38.35 -20.02
C GLY C 39 -6.40 -38.14 -21.33
N VAL C 40 -5.67 -37.81 -22.39
CA VAL C 40 -6.30 -37.59 -23.70
C VAL C 40 -5.76 -38.52 -24.79
N LYS C 41 -6.61 -39.40 -25.29
CA LYS C 41 -6.21 -40.33 -26.35
C LYS C 41 -6.24 -39.61 -27.69
N ILE C 42 -5.26 -39.91 -28.54
CA ILE C 42 -5.18 -39.32 -29.86
C ILE C 42 -5.13 -40.43 -30.89
N LYS C 43 -6.02 -40.36 -31.88
CA LYS C 43 -5.99 -41.37 -32.93
C LYS C 43 -5.82 -40.71 -34.27
N ASN C 44 -4.94 -41.26 -35.11
CA ASN C 44 -4.73 -40.69 -36.44
C ASN C 44 -5.27 -41.57 -37.56
N LEU C 45 -6.03 -40.96 -38.46
CA LEU C 45 -6.54 -41.67 -39.62
C LEU C 45 -5.75 -41.04 -40.76
N VAL C 46 -4.90 -41.82 -41.40
CA VAL C 46 -4.07 -41.28 -42.47
C VAL C 46 -4.57 -41.62 -43.86
N ASN C 47 -4.61 -40.61 -44.73
CA ASN C 47 -5.03 -40.75 -46.10
C ASN C 47 -4.26 -39.73 -46.94
N GLY C 48 -4.10 -40.01 -48.23
CA GLY C 48 -3.36 -39.11 -49.09
C GLY C 48 -4.26 -38.25 -49.95
N ASP C 49 -4.22 -38.50 -51.26
CA ASP C 49 -5.02 -37.76 -52.22
C ASP C 49 -6.51 -37.97 -52.05
N ASP C 50 -6.89 -39.10 -51.46
CA ASP C 50 -8.30 -39.41 -51.26
C ASP C 50 -8.84 -39.12 -49.85
N LEU C 51 -8.14 -38.29 -49.08
CA LEU C 51 -8.62 -37.98 -47.72
C LEU C 51 -9.94 -37.24 -47.78
N ALA C 52 -10.01 -36.22 -48.63
CA ALA C 52 -11.22 -35.43 -48.78
C ALA C 52 -12.43 -36.32 -49.07
N GLN C 53 -12.28 -37.27 -49.99
CA GLN C 53 -13.36 -38.19 -50.34
C GLN C 53 -13.73 -39.05 -49.14
N VAL C 54 -12.73 -39.60 -48.48
CA VAL C 54 -12.94 -40.46 -47.32
C VAL C 54 -13.58 -39.68 -46.19
N TYR C 55 -13.18 -38.41 -46.03
CA TYR C 55 -13.75 -37.59 -44.99
C TYR C 55 -15.24 -37.31 -45.26
N GLU C 56 -15.58 -37.02 -46.51
CA GLU C 56 -16.98 -36.75 -46.85
C GLU C 56 -17.87 -37.97 -46.62
N THR C 57 -17.34 -39.15 -46.90
CA THR C 57 -18.11 -40.36 -46.67
C THR C 57 -18.32 -40.53 -45.16
N SER C 58 -17.34 -40.13 -44.36
CA SER C 58 -17.46 -40.23 -42.90
C SER C 58 -18.42 -39.17 -42.36
N ARG C 59 -18.41 -38.00 -42.98
CA ARG C 59 -19.26 -36.89 -42.56
C ARG C 59 -20.74 -37.22 -42.77
N LEU C 60 -21.04 -37.85 -43.89
CA LEU C 60 -22.41 -38.24 -44.23
C LEU C 60 -22.92 -39.37 -43.32
N ALA C 61 -21.99 -40.15 -42.77
CA ALA C 61 -22.36 -41.24 -41.87
C ALA C 61 -22.35 -40.73 -40.43
N ARG C 62 -22.13 -39.43 -40.28
CA ARG C 62 -22.09 -38.80 -38.97
C ARG C 62 -21.07 -39.42 -38.02
N LYS C 63 -19.87 -39.69 -38.52
CA LYS C 63 -18.81 -40.25 -37.69
C LYS C 63 -17.44 -39.80 -38.18
N GLU C 64 -17.37 -38.57 -38.69
CA GLU C 64 -16.13 -38.02 -39.20
C GLU C 64 -15.17 -37.61 -38.08
N ALA C 65 -13.88 -37.57 -38.40
CA ALA C 65 -12.86 -37.19 -37.44
C ALA C 65 -13.18 -35.81 -36.85
N ASP C 66 -12.58 -35.50 -35.71
CA ASP C 66 -12.79 -34.22 -35.02
C ASP C 66 -11.99 -33.08 -35.64
N VAL C 67 -10.82 -33.42 -36.18
CA VAL C 67 -9.93 -32.45 -36.79
C VAL C 67 -9.39 -33.03 -38.09
N VAL C 68 -9.31 -32.20 -39.10
CA VAL C 68 -8.81 -32.65 -40.40
C VAL C 68 -7.55 -31.89 -40.78
N VAL C 70 -5.67 -31.11 -44.09
CA VAL C 70 -5.57 -31.14 -45.55
C VAL C 70 -5.24 -29.76 -46.10
N ASN C 71 -4.84 -29.72 -47.36
CA ASN C 71 -4.51 -28.46 -48.00
C ASN C 71 -5.79 -27.88 -48.59
N LEU C 72 -5.64 -26.73 -49.23
CA LEU C 72 -6.77 -26.05 -49.83
C LEU C 72 -6.75 -26.25 -51.34
N TYR C 73 -7.71 -27.02 -51.83
CA TYR C 73 -7.81 -27.26 -53.27
C TYR C 73 -9.28 -27.44 -53.62
N ASP C 74 -9.57 -27.57 -54.91
CA ASP C 74 -10.93 -27.72 -55.42
C ASP C 74 -11.97 -28.30 -54.47
N LYS C 75 -11.79 -29.56 -54.06
CA LYS C 75 -12.74 -30.22 -53.18
C LYS C 75 -12.93 -29.60 -51.79
N THR C 76 -11.85 -29.36 -51.05
CA THR C 76 -11.96 -28.79 -49.71
C THR C 76 -12.38 -27.33 -49.76
N LEU C 77 -12.34 -26.76 -50.96
CA LEU C 77 -12.72 -25.36 -51.17
C LEU C 77 -14.24 -25.23 -51.01
N ALA C 78 -14.93 -26.36 -51.07
CA ALA C 78 -16.40 -26.40 -50.96
C ALA C 78 -16.91 -26.81 -49.59
N TRP C 79 -16.02 -27.18 -48.68
CA TRP C 79 -16.43 -27.62 -47.35
C TRP C 79 -17.06 -26.56 -46.46
N THR C 80 -16.50 -25.36 -46.48
CA THR C 80 -16.99 -24.29 -45.63
C THR C 80 -18.41 -23.85 -45.92
N ASP C 81 -18.74 -23.59 -47.18
CA ASP C 81 -20.08 -23.14 -47.49
C ASP C 81 -21.17 -24.16 -47.20
N VAL C 82 -20.92 -25.44 -47.47
CA VAL C 82 -21.93 -26.46 -47.20
C VAL C 82 -21.93 -26.92 -45.75
N GLY C 83 -20.93 -26.51 -44.98
CA GLY C 83 -20.89 -26.91 -43.59
C GLY C 83 -20.29 -28.26 -43.27
N ALA C 84 -19.50 -28.83 -44.18
CA ALA C 84 -18.88 -30.13 -43.88
C ALA C 84 -17.78 -29.82 -42.85
N THR C 85 -17.42 -28.55 -42.80
CA THR C 85 -16.40 -28.04 -41.90
C THR C 85 -16.86 -26.67 -41.37
N VAL C 86 -16.68 -26.40 -40.07
CA VAL C 86 -17.14 -25.13 -39.50
C VAL C 86 -16.21 -23.93 -39.63
N ASP C 87 -16.79 -22.73 -39.53
CA ASP C 87 -16.03 -21.49 -39.61
C ASP C 87 -15.08 -21.49 -38.43
N VAL C 88 -13.81 -21.27 -38.71
CA VAL C 88 -12.79 -21.29 -37.70
C VAL C 88 -12.40 -19.90 -37.16
N LYS C 89 -12.91 -18.84 -37.79
CA LYS C 89 -12.58 -17.48 -37.33
C LYS C 89 -12.94 -17.22 -35.85
N PRO C 90 -14.12 -17.70 -35.40
CA PRO C 90 -14.50 -17.48 -34.01
C PRO C 90 -13.41 -18.01 -33.09
N TYR C 91 -12.76 -19.09 -33.53
CA TYR C 91 -11.70 -19.70 -32.75
C TYR C 91 -10.36 -18.97 -32.90
N LEU C 92 -10.00 -18.55 -34.11
CA LEU C 92 -8.75 -17.82 -34.27
C LEU C 92 -8.83 -16.58 -33.34
N ASP C 93 -10.05 -16.07 -33.16
CA ASP C 93 -10.28 -14.90 -32.33
C ASP C 93 -10.23 -15.13 -30.82
N ASP C 94 -10.97 -16.10 -30.28
CA ASP C 94 -10.85 -16.34 -28.84
C ASP C 94 -9.40 -16.83 -28.73
N TRP C 95 -9.00 -17.34 -27.56
CA TRP C 95 -7.64 -17.85 -27.39
C TRP C 95 -6.54 -17.20 -28.24
N GLY C 96 -6.74 -15.93 -28.58
CA GLY C 96 -5.78 -15.15 -29.37
C GLY C 96 -4.77 -15.88 -30.23
N LEU C 97 -5.24 -16.63 -31.22
CA LEU C 97 -4.32 -17.34 -32.08
C LEU C 97 -4.01 -16.56 -33.36
N ARG C 98 -4.95 -15.74 -33.82
CA ARG C 98 -4.67 -14.95 -35.00
C ARG C 98 -3.60 -13.98 -34.51
N GLY C 99 -2.65 -13.64 -35.36
CA GLY C 99 -1.59 -12.78 -34.89
C GLY C 99 -0.37 -13.68 -34.84
N ARG C 100 -0.65 -14.98 -34.72
CA ARG C 100 0.39 -16.00 -34.74
C ARG C 100 0.49 -16.42 -36.21
N VAL C 101 -0.49 -15.98 -37.00
CA VAL C 101 -0.59 -16.28 -38.43
C VAL C 101 -0.10 -15.14 -39.34
N LEU C 102 0.67 -15.49 -40.36
CA LEU C 102 1.15 -14.48 -41.29
C LEU C 102 -0.06 -13.81 -41.94
N PRO C 103 -0.14 -12.47 -41.92
CA PRO C 103 -1.28 -11.76 -42.51
C PRO C 103 -1.73 -12.30 -43.86
N ALA C 104 -0.80 -12.50 -44.78
CA ALA C 104 -1.14 -13.03 -46.10
C ALA C 104 -1.72 -14.44 -45.99
N ALA C 105 -1.18 -15.24 -45.08
CA ALA C 105 -1.69 -16.59 -44.89
C ALA C 105 -3.13 -16.58 -44.42
N LEU C 106 -3.44 -15.74 -43.44
CA LEU C 106 -4.79 -15.67 -42.91
C LEU C 106 -5.77 -15.17 -43.96
N ALA C 107 -5.31 -14.25 -44.80
CA ALA C 107 -6.16 -13.69 -45.84
C ALA C 107 -6.50 -14.75 -46.88
N ASP C 108 -5.48 -15.48 -47.33
CA ASP C 108 -5.67 -16.51 -48.34
C ASP C 108 -6.54 -17.66 -47.85
N TRP C 109 -6.69 -17.80 -46.53
CA TRP C 109 -7.52 -18.87 -45.97
C TRP C 109 -8.92 -18.37 -45.59
N THR C 110 -9.23 -17.13 -45.95
CA THR C 110 -10.54 -16.52 -45.68
C THR C 110 -11.33 -16.42 -46.98
N ASP C 111 -12.61 -16.82 -46.93
CA ASP C 111 -13.46 -16.78 -48.12
C ASP C 111 -14.16 -15.44 -48.26
N ASP C 112 -15.11 -15.36 -49.20
CA ASP C 112 -15.87 -14.15 -49.46
C ASP C 112 -16.71 -13.66 -48.28
N GLU C 113 -17.25 -14.60 -47.50
CA GLU C 113 -18.08 -14.24 -46.35
C GLU C 113 -17.28 -13.89 -45.10
N GLY C 114 -15.96 -13.77 -45.25
CA GLY C 114 -15.14 -13.44 -44.10
C GLY C 114 -15.00 -14.62 -43.16
N ARG C 115 -15.23 -15.82 -43.70
CA ARG C 115 -15.11 -17.04 -42.91
C ARG C 115 -13.70 -17.62 -43.10
N VAL C 116 -13.10 -18.11 -42.03
CA VAL C 116 -11.78 -18.71 -42.14
C VAL C 116 -11.96 -20.22 -42.25
N ARG C 117 -11.64 -20.76 -43.42
CA ARG C 117 -11.80 -22.18 -43.68
C ARG C 117 -11.06 -23.08 -42.69
N ALA C 118 -9.82 -22.74 -42.39
CA ALA C 118 -9.03 -23.55 -41.46
C ALA C 118 -7.90 -22.77 -40.79
N PHE C 119 -7.24 -23.43 -39.84
CA PHE C 119 -6.10 -22.83 -39.16
C PHE C 119 -4.92 -23.06 -40.10
N PRO C 120 -4.29 -21.98 -40.58
CA PRO C 120 -3.15 -22.17 -41.47
C PRO C 120 -2.00 -22.83 -40.73
N TYR C 121 -1.15 -23.55 -41.45
CA TYR C 121 -0.01 -24.21 -40.81
C TYR C 121 1.16 -24.38 -41.76
N PHE C 122 0.97 -25.15 -42.83
CA PHE C 122 2.06 -25.35 -43.79
C PHE C 122 2.07 -24.34 -44.93
N ALA C 123 3.27 -24.02 -45.41
CA ALA C 123 3.41 -23.06 -46.50
C ALA C 123 4.51 -23.50 -47.44
N THR C 124 4.74 -22.71 -48.49
CA THR C 124 5.80 -23.02 -49.43
C THR C 124 6.50 -21.76 -49.87
N ASN C 125 7.82 -21.85 -49.92
CA ASN C 125 8.68 -20.78 -50.40
C ASN C 125 9.18 -21.42 -51.69
N TRP C 126 9.03 -20.72 -52.80
CA TRP C 126 9.41 -21.24 -54.11
C TRP C 126 10.33 -20.23 -54.79
N PRO C 127 11.60 -20.17 -54.39
CA PRO C 127 12.57 -19.22 -54.97
C PRO C 127 13.40 -19.72 -56.16
N VAL C 128 14.35 -18.89 -56.57
CA VAL C 128 15.26 -19.20 -57.66
C VAL C 128 16.66 -19.43 -57.09
N ALA C 129 17.22 -20.61 -57.38
CA ALA C 129 18.54 -20.97 -56.92
C ALA C 129 19.57 -20.75 -58.03
N TYR C 130 20.69 -20.10 -57.68
CA TYR C 130 21.77 -19.79 -58.62
C TYR C 130 23.08 -20.46 -58.18
N ASN C 131 23.63 -21.30 -59.04
CA ASN C 131 24.88 -22.00 -58.75
C ASN C 131 26.05 -21.04 -59.02
N ARG C 132 26.71 -20.57 -57.95
CA ARG C 132 27.82 -19.64 -58.07
C ARG C 132 29.05 -20.21 -58.76
N ALA C 133 29.42 -21.42 -58.38
CA ALA C 133 30.57 -22.06 -58.98
C ALA C 133 30.46 -22.01 -60.50
N LEU C 134 29.27 -22.27 -61.01
CA LEU C 134 29.06 -22.26 -62.46
C LEU C 134 28.96 -20.84 -63.04
N LEU C 135 28.41 -19.89 -62.28
CA LEU C 135 28.33 -18.51 -62.75
C LEU C 135 29.75 -17.95 -62.82
N ASP C 136 30.61 -18.43 -61.93
CA ASP C 136 32.00 -17.99 -61.89
C ASP C 136 32.77 -18.54 -63.10
N ARG C 137 32.59 -19.81 -63.40
CA ARG C 137 33.28 -20.41 -64.54
C ARG C 137 32.93 -19.66 -65.82
N ALA C 138 31.69 -19.15 -65.88
CA ALA C 138 31.20 -18.44 -67.06
C ALA C 138 31.60 -16.98 -67.14
N GLY C 139 32.00 -16.41 -66.02
CA GLY C 139 32.40 -15.01 -66.03
C GLY C 139 31.35 -14.06 -65.52
N VAL C 140 30.21 -14.57 -65.05
CA VAL C 140 29.15 -13.72 -64.51
C VAL C 140 29.40 -13.72 -63.00
N ASP C 141 29.85 -12.57 -62.51
CA ASP C 141 30.21 -12.38 -61.11
C ASP C 141 29.11 -11.90 -60.16
N ALA C 142 27.90 -11.74 -60.68
CA ALA C 142 26.78 -11.31 -59.87
C ALA C 142 25.53 -12.04 -60.35
N ILE C 143 24.64 -12.41 -59.43
CA ILE C 143 23.44 -13.10 -59.85
C ILE C 143 22.54 -12.07 -60.55
N PRO C 144 22.04 -12.39 -61.75
CA PRO C 144 21.17 -11.48 -62.51
C PRO C 144 19.93 -10.98 -61.76
N THR C 145 19.68 -9.68 -61.85
CA THR C 145 18.54 -9.05 -61.19
C THR C 145 17.52 -8.56 -62.23
N THR C 146 17.98 -8.37 -63.46
CA THR C 146 17.10 -7.88 -64.50
C THR C 146 17.10 -8.82 -65.71
N GLY C 147 16.03 -8.72 -66.49
CA GLY C 147 15.89 -9.56 -67.67
C GLY C 147 17.09 -9.44 -68.58
N ASP C 148 17.62 -8.24 -68.73
CA ASP C 148 18.79 -8.03 -69.58
C ASP C 148 20.01 -8.76 -69.04
N GLN C 149 20.23 -8.68 -67.73
CA GLN C 149 21.37 -9.36 -67.13
C GLN C 149 21.19 -10.87 -67.20
N LEU C 150 19.96 -11.34 -66.99
CA LEU C 150 19.68 -12.78 -67.04
C LEU C 150 20.04 -13.31 -68.41
N ILE C 151 19.62 -12.59 -69.45
CA ILE C 151 19.92 -13.03 -70.79
C ILE C 151 21.43 -13.05 -71.02
N ALA C 152 22.11 -12.00 -70.54
CA ALA C 152 23.57 -11.88 -70.68
C ALA C 152 24.27 -13.02 -69.96
N ALA C 153 23.72 -13.42 -68.81
CA ALA C 153 24.31 -14.51 -68.05
C ALA C 153 24.07 -15.82 -68.82
N ALA C 154 22.88 -15.96 -69.40
CA ALA C 154 22.53 -17.16 -70.16
C ALA C 154 23.51 -17.34 -71.30
N ARG C 155 23.80 -16.25 -72.02
CA ARG C 155 24.75 -16.27 -73.13
C ARG C 155 26.11 -16.74 -72.64
N LYS C 156 26.63 -16.06 -71.63
CA LYS C 156 27.94 -16.42 -71.07
C LYS C 156 27.97 -17.89 -70.66
N LEU C 157 26.93 -18.34 -69.95
CA LEU C 157 26.84 -19.72 -69.50
C LEU C 157 26.88 -20.72 -70.67
N ARG C 158 26.08 -20.47 -71.69
CA ARG C 158 26.05 -21.36 -72.86
C ARG C 158 27.41 -21.40 -73.57
N ALA C 159 28.14 -20.28 -73.53
CA ALA C 159 29.45 -20.17 -74.17
C ALA C 159 30.46 -21.16 -73.59
N LYS C 160 30.30 -21.50 -72.32
CA LYS C 160 31.19 -22.45 -71.67
C LYS C 160 30.56 -23.83 -71.72
N GLY C 161 29.45 -23.93 -72.44
CA GLY C 161 28.76 -25.19 -72.57
C GLY C 161 27.92 -25.59 -71.37
N ILE C 162 27.52 -24.60 -70.57
CA ILE C 162 26.71 -24.84 -69.39
C ILE C 162 25.28 -24.34 -69.61
N ALA C 163 24.30 -25.20 -69.38
CA ALA C 163 22.91 -24.82 -69.56
C ALA C 163 22.57 -23.74 -68.54
N PRO C 164 21.74 -22.75 -68.94
CA PRO C 164 21.33 -21.65 -68.05
C PRO C 164 20.22 -22.05 -67.07
N VAL C 165 18.96 -21.77 -67.40
CA VAL C 165 17.87 -22.13 -66.50
C VAL C 165 17.26 -23.48 -66.91
N THR C 166 17.21 -24.41 -65.98
CA THR C 166 16.62 -25.70 -66.27
C THR C 166 15.22 -25.75 -65.66
N VAL C 167 14.27 -26.31 -66.41
CA VAL C 167 12.91 -26.40 -65.93
C VAL C 167 12.14 -27.42 -66.76
N GLY C 168 11.18 -28.10 -66.12
CA GLY C 168 10.39 -29.10 -66.82
C GLY C 168 9.25 -28.44 -67.58
N GLY C 169 9.50 -28.07 -68.83
CA GLY C 169 8.49 -27.43 -69.62
C GLY C 169 7.29 -28.28 -69.95
N ASN C 170 7.38 -29.59 -69.71
CA ASN C 170 6.24 -30.47 -70.01
C ASN C 170 5.54 -30.99 -68.76
N ASP C 171 5.70 -30.29 -67.64
CA ASP C 171 5.00 -30.66 -66.43
C ASP C 171 4.78 -29.48 -65.48
N TRP C 172 4.33 -29.76 -64.26
CA TRP C 172 4.04 -28.71 -63.28
C TRP C 172 5.12 -27.66 -63.01
N THR C 173 6.39 -28.03 -63.15
CA THR C 173 7.47 -27.08 -62.90
C THR C 173 7.43 -25.99 -63.97
N GLY C 174 7.37 -26.41 -65.23
CA GLY C 174 7.30 -25.47 -66.32
C GLY C 174 6.04 -24.61 -66.25
N GLN C 175 4.91 -25.23 -65.91
CA GLN C 175 3.65 -24.49 -65.83
C GLN C 175 3.66 -23.44 -64.72
N LYS C 176 4.33 -23.72 -63.61
CA LYS C 176 4.42 -22.76 -62.50
C LYS C 176 5.43 -21.63 -62.80
N LEU C 177 6.55 -21.96 -63.45
CA LEU C 177 7.57 -20.95 -63.76
C LEU C 177 7.05 -19.97 -64.81
N LEU C 178 6.33 -20.49 -65.81
CA LEU C 178 5.76 -19.65 -66.87
C LEU C 178 4.76 -18.67 -66.25
N ALA C 179 3.95 -19.16 -65.34
CA ALA C 179 2.95 -18.35 -64.67
C ALA C 179 3.61 -17.31 -63.77
N GLN C 180 4.75 -17.64 -63.20
CA GLN C 180 5.46 -16.70 -62.34
C GLN C 180 6.07 -15.58 -63.18
N ILE C 181 6.69 -15.95 -64.30
CA ILE C 181 7.30 -14.97 -65.19
C ILE C 181 6.20 -14.06 -65.76
N ILE C 182 5.10 -14.66 -66.22
CA ILE C 182 4.01 -13.84 -66.74
C ILE C 182 3.55 -12.88 -65.64
N GLN C 183 3.69 -13.29 -64.39
CA GLN C 183 3.27 -12.43 -63.29
C GLN C 183 4.22 -11.29 -63.00
N THR C 184 5.20 -11.09 -63.89
CA THR C 184 6.13 -10.00 -63.70
C THR C 184 5.33 -8.69 -63.80
N PHE C 185 4.24 -8.74 -64.57
CA PHE C 185 3.38 -7.58 -64.79
C PHE C 185 1.95 -7.77 -64.28
N LEU C 186 1.80 -8.50 -63.19
CA LEU C 186 0.47 -8.75 -62.63
C LEU C 186 0.51 -8.73 -61.11
N SER C 187 -0.40 -7.96 -60.50
CA SER C 187 -0.46 -7.90 -59.05
C SER C 187 -1.14 -9.18 -58.59
N GLN C 188 -1.18 -9.39 -57.28
CA GLN C 188 -1.82 -10.59 -56.74
C GLN C 188 -3.25 -10.75 -57.25
N ASP C 189 -4.04 -9.68 -57.16
CA ASP C 189 -5.44 -9.71 -57.59
C ASP C 189 -5.59 -9.97 -59.08
N GLU C 190 -4.72 -9.37 -59.89
CA GLU C 190 -4.77 -9.56 -61.33
C GLU C 190 -4.46 -10.99 -61.74
N ALA C 191 -3.45 -11.57 -61.12
CA ALA C 191 -3.06 -12.94 -61.42
C ALA C 191 -4.24 -13.84 -61.02
N ARG C 192 -4.92 -13.44 -59.94
CA ARG C 192 -6.07 -14.18 -59.44
C ARG C 192 -7.14 -14.27 -60.54
N HIS C 193 -7.43 -13.13 -61.17
CA HIS C 193 -8.41 -13.07 -62.24
C HIS C 193 -7.93 -13.81 -63.49
N VAL C 194 -6.67 -13.58 -63.87
CA VAL C 194 -6.10 -14.23 -65.04
C VAL C 194 -6.21 -15.75 -64.97
N TYR C 195 -5.70 -16.36 -63.90
CA TYR C 195 -5.74 -17.81 -63.78
C TYR C 195 -7.05 -18.43 -63.38
N SER C 196 -8.02 -17.60 -62.97
CA SER C 196 -9.35 -18.11 -62.61
C SER C 196 -10.27 -18.19 -63.83
N THR C 197 -10.18 -17.15 -64.68
CA THR C 197 -11.02 -17.04 -65.88
C THR C 197 -10.34 -17.44 -67.19
N GLY C 198 -9.01 -17.52 -67.17
CA GLY C 198 -8.26 -17.88 -68.35
C GLY C 198 -8.22 -16.72 -69.34
N ASP C 199 -8.19 -15.51 -68.81
CA ASP C 199 -8.16 -14.30 -69.63
C ASP C 199 -6.74 -13.72 -69.70
N PHE C 200 -5.98 -14.21 -70.67
CA PHE C 200 -4.61 -13.77 -70.86
C PHE C 200 -4.50 -12.55 -71.78
N GLY C 201 -5.62 -11.87 -71.95
CA GLY C 201 -5.64 -10.69 -72.81
C GLY C 201 -5.39 -9.40 -72.04
N VAL C 202 -5.62 -9.41 -70.73
CA VAL C 202 -5.39 -8.22 -69.92
C VAL C 202 -3.95 -7.78 -70.15
N ARG C 203 -3.75 -6.48 -70.28
CA ARG C 203 -2.44 -5.91 -70.56
C ARG C 203 -1.27 -6.51 -69.78
N GLY C 204 -1.51 -6.83 -68.50
CA GLY C 204 -0.46 -7.41 -67.68
C GLY C 204 0.00 -8.77 -68.17
N ALA C 205 -0.94 -9.63 -68.52
CA ALA C 205 -0.61 -10.96 -69.02
C ALA C 205 0.03 -10.88 -70.41
N ARG C 206 -0.38 -9.88 -71.17
CA ARG C 206 0.15 -9.68 -72.53
C ARG C 206 1.62 -9.30 -72.42
N LEU C 207 1.91 -8.35 -71.53
CA LEU C 207 3.26 -7.89 -71.31
C LEU C 207 4.13 -9.05 -70.81
N GLY C 208 3.64 -9.76 -69.80
CA GLY C 208 4.37 -10.89 -69.23
C GLY C 208 4.68 -11.97 -70.24
N ILE C 209 3.73 -12.21 -71.15
CA ILE C 209 3.92 -13.22 -72.19
C ILE C 209 5.00 -12.75 -73.16
N GLU C 210 5.12 -11.43 -73.34
CA GLU C 210 6.16 -10.89 -74.22
C GLU C 210 7.48 -11.12 -73.54
N TYR C 211 7.55 -10.68 -72.28
CA TYR C 211 8.76 -10.83 -71.49
C TYR C 211 9.20 -12.30 -71.57
N PHE C 212 8.29 -13.20 -71.25
CA PHE C 212 8.62 -14.63 -71.29
C PHE C 212 9.18 -15.05 -72.65
N ALA C 213 8.49 -14.65 -73.71
CA ALA C 213 8.90 -15.00 -75.07
C ALA C 213 10.27 -14.46 -75.41
N HIS C 214 10.57 -13.28 -74.89
CA HIS C 214 11.86 -12.64 -75.12
C HIS C 214 12.94 -13.51 -74.46
N LEU C 215 12.79 -13.76 -73.16
CA LEU C 215 13.75 -14.58 -72.41
C LEU C 215 13.99 -15.94 -73.07
N ARG C 216 12.90 -16.65 -73.35
CA ARG C 216 12.97 -17.97 -73.99
C ARG C 216 13.68 -17.97 -75.36
N ASP C 217 13.32 -17.01 -76.21
CA ASP C 217 13.94 -16.93 -77.53
C ASP C 217 15.41 -16.58 -77.40
N ALA C 218 15.77 -15.86 -76.34
CA ALA C 218 17.15 -15.46 -76.12
C ALA C 218 17.98 -16.64 -75.60
N GLY C 219 17.33 -17.78 -75.39
CA GLY C 219 18.01 -18.96 -74.90
C GLY C 219 18.25 -19.00 -73.41
N VAL C 220 17.33 -18.45 -72.63
CA VAL C 220 17.49 -18.45 -71.18
C VAL C 220 17.22 -19.82 -70.58
N PHE C 221 16.43 -20.64 -71.28
CA PHE C 221 16.13 -21.98 -70.79
C PHE C 221 16.99 -23.01 -71.49
N ALA C 222 17.16 -24.16 -70.86
CA ALA C 222 17.96 -25.25 -71.43
C ALA C 222 17.39 -25.65 -72.78
N ASP C 223 18.24 -26.14 -73.67
CA ASP C 223 17.77 -26.56 -74.98
C ASP C 223 16.71 -27.64 -74.77
N LYS C 224 15.65 -27.60 -75.56
CA LYS C 224 14.59 -28.59 -75.47
C LYS C 224 13.76 -28.58 -74.18
N ALA C 225 13.80 -27.48 -73.44
CA ALA C 225 13.07 -27.35 -72.17
C ALA C 225 11.61 -27.79 -72.27
N GLN C 226 11.02 -27.65 -73.46
CA GLN C 226 9.63 -28.00 -73.69
C GLN C 226 9.30 -29.47 -73.42
N GLY C 227 10.31 -30.33 -73.50
CA GLY C 227 10.09 -31.74 -73.25
C GLY C 227 10.66 -32.24 -71.94
N LEU C 228 11.26 -31.34 -71.15
CA LEU C 228 11.86 -31.73 -69.87
C LEU C 228 10.82 -31.91 -68.76
N THR C 229 11.22 -32.55 -67.67
CA THR C 229 10.36 -32.79 -66.52
C THR C 229 11.07 -32.41 -65.24
N SER C 230 10.33 -32.47 -64.13
CA SER C 230 10.88 -32.15 -62.84
C SER C 230 12.13 -33.01 -62.58
N ASP C 231 12.14 -34.23 -63.12
CA ASP C 231 13.29 -35.11 -62.93
C ASP C 231 14.47 -34.62 -63.74
N SER C 232 14.21 -34.22 -64.98
CA SER C 232 15.25 -33.70 -65.87
C SER C 232 15.87 -32.48 -65.20
N THR C 234 15.71 -31.46 -61.93
CA THR C 234 16.38 -31.85 -60.71
C THR C 234 17.75 -32.49 -60.99
N THR C 235 17.83 -33.31 -62.04
CA THR C 235 19.08 -33.94 -62.38
C THR C 235 20.08 -32.94 -62.93
N GLN C 236 19.68 -32.18 -63.94
CA GLN C 236 20.57 -31.20 -64.56
C GLN C 236 21.22 -30.24 -63.58
N PHE C 237 20.48 -29.81 -62.57
CA PHE C 237 21.04 -28.90 -61.58
C PHE C 237 21.95 -29.61 -60.57
N ASN C 238 21.55 -30.81 -60.14
CA ASN C 238 22.33 -31.58 -59.17
C ASN C 238 23.69 -32.06 -59.66
N THR C 239 23.79 -32.37 -60.95
CA THR C 239 25.05 -32.80 -61.53
C THR C 239 25.77 -31.56 -62.07
N GLU C 240 25.16 -30.41 -61.84
CA GLU C 240 25.72 -29.14 -62.27
C GLU C 240 25.89 -29.01 -63.78
N GLU C 241 24.86 -29.38 -64.53
CA GLU C 241 24.90 -29.24 -65.99
C GLU C 241 24.17 -27.94 -66.33
N ALA C 242 23.35 -27.45 -65.40
CA ALA C 242 22.63 -26.20 -65.58
C ALA C 242 22.89 -25.41 -64.29
N ALA C 243 22.99 -24.10 -64.40
CA ALA C 243 23.31 -23.26 -63.26
C ALA C 243 22.15 -22.58 -62.53
N VAL C 244 20.97 -22.51 -63.14
CA VAL C 244 19.85 -21.86 -62.48
C VAL C 244 18.62 -22.76 -62.43
N GLN C 245 17.89 -22.66 -61.33
CA GLN C 245 16.69 -23.48 -61.18
C GLN C 245 15.69 -22.88 -60.23
N SER C 246 14.46 -22.71 -60.69
CA SER C 246 13.40 -22.21 -59.84
C SER C 246 12.71 -23.45 -59.27
N ALA C 247 12.54 -23.55 -57.96
CA ALA C 247 11.91 -24.74 -57.44
C ALA C 247 11.47 -24.61 -56.00
N SER C 249 11.16 -24.91 -52.13
CA SER C 249 12.26 -25.08 -51.20
C SER C 249 12.41 -26.57 -50.84
N SER C 250 11.29 -27.29 -50.84
CA SER C 250 11.30 -28.72 -50.53
C SER C 250 12.16 -29.51 -51.51
N ALA C 251 12.25 -29.02 -52.75
CA ALA C 251 13.07 -29.70 -53.75
C ALA C 251 14.52 -29.25 -53.54
N LEU C 252 14.69 -27.97 -53.19
CA LEU C 252 16.01 -27.39 -52.94
C LEU C 252 16.67 -28.07 -51.74
N ALA C 253 15.85 -28.62 -50.86
CA ALA C 253 16.37 -29.28 -49.69
C ALA C 253 17.08 -30.57 -50.05
N LYS C 254 16.81 -31.09 -51.24
CA LYS C 254 17.42 -32.33 -51.70
C LYS C 254 18.62 -32.11 -52.61
N VAL C 255 19.08 -30.87 -52.72
CA VAL C 255 20.24 -30.54 -53.55
C VAL C 255 21.49 -31.05 -52.85
N PRO C 256 22.28 -31.90 -53.53
CA PRO C 256 23.51 -32.46 -52.97
C PRO C 256 24.33 -31.39 -52.27
N GLU C 257 24.59 -31.62 -50.98
CA GLU C 257 25.35 -30.70 -50.15
C GLU C 257 26.60 -30.09 -50.79
N LYS C 258 27.32 -30.89 -51.58
CA LYS C 258 28.52 -30.37 -52.25
C LYS C 258 28.11 -29.22 -53.17
N VAL C 259 27.02 -29.44 -53.91
CA VAL C 259 26.49 -28.44 -54.84
C VAL C 259 25.85 -27.28 -54.08
N ALA C 260 25.06 -27.60 -53.06
CA ALA C 260 24.37 -26.60 -52.24
C ALA C 260 25.35 -25.65 -51.56
N GLY C 261 26.55 -26.15 -51.26
CA GLY C 261 27.55 -25.33 -50.60
C GLY C 261 27.79 -24.00 -51.31
N HIS C 262 27.88 -24.05 -52.63
CA HIS C 262 28.09 -22.84 -53.42
C HIS C 262 26.87 -22.45 -54.26
N THR C 263 25.68 -22.54 -53.65
CA THR C 263 24.44 -22.17 -54.32
C THR C 263 23.80 -21.04 -53.54
N GLU C 264 23.22 -20.09 -54.25
CA GLU C 264 22.57 -18.95 -53.63
C GLU C 264 21.14 -18.81 -54.13
N VAL C 265 20.23 -18.42 -53.24
CA VAL C 265 18.83 -18.26 -53.63
C VAL C 265 18.43 -16.81 -53.74
N GLY C 266 17.56 -16.53 -54.72
CA GLY C 266 17.07 -15.19 -54.96
C GLY C 266 15.70 -15.28 -55.61
N GLY C 267 15.35 -14.26 -56.39
CA GLY C 267 14.08 -14.25 -57.08
C GLY C 267 14.31 -14.22 -58.58
N TRP C 268 13.23 -14.25 -59.35
CA TRP C 268 13.35 -14.21 -60.79
C TRP C 268 13.53 -12.76 -61.26
N PRO C 269 14.55 -12.51 -62.10
CA PRO C 269 14.85 -11.17 -62.61
C PRO C 269 13.61 -10.44 -63.14
N LEU C 270 13.64 -9.12 -63.04
CA LEU C 270 12.52 -8.29 -63.50
C LEU C 270 12.78 -7.61 -64.83
N ALA C 271 11.70 -7.34 -65.55
CA ALA C 271 11.78 -6.64 -66.83
C ALA C 271 11.56 -5.18 -66.44
N ASP C 272 11.79 -4.25 -67.35
CA ASP C 272 11.59 -2.84 -67.02
C ASP C 272 10.11 -2.61 -66.84
N GLY C 273 9.74 -1.90 -65.78
CA GLY C 273 8.33 -1.62 -65.53
C GLY C 273 7.50 -2.78 -65.01
N ALA C 274 8.09 -3.62 -64.18
CA ALA C 274 7.38 -4.77 -63.61
C ALA C 274 6.39 -4.25 -62.56
N ALA C 275 5.48 -5.13 -62.12
CA ALA C 275 4.50 -4.74 -61.11
C ALA C 275 4.95 -5.11 -59.71
N HIS C 276 6.24 -5.37 -59.53
CA HIS C 276 6.78 -5.75 -58.22
C HIS C 276 8.14 -5.10 -58.01
N ASP C 277 8.49 -4.82 -56.76
CA ASP C 277 9.81 -4.26 -56.49
C ASP C 277 10.82 -5.33 -56.88
N GLY C 278 10.32 -6.57 -56.97
CA GLY C 278 11.09 -7.76 -57.36
C GLY C 278 12.56 -7.85 -57.01
N PRO C 279 13.27 -8.92 -57.41
CA PRO C 279 12.85 -10.12 -58.12
C PRO C 279 11.76 -10.94 -57.42
N THR C 280 11.00 -11.68 -58.21
CA THR C 280 9.89 -12.47 -57.69
C THR C 280 10.16 -13.91 -57.29
N VAL C 281 9.42 -14.36 -56.27
CA VAL C 281 9.49 -15.73 -55.79
C VAL C 281 8.05 -16.14 -55.49
N ILE C 282 7.71 -17.39 -55.74
CA ILE C 282 6.37 -17.89 -55.46
C ILE C 282 6.22 -18.25 -53.97
N ARG C 283 5.10 -17.88 -53.39
CA ARG C 283 4.81 -18.21 -52.01
C ARG C 283 3.32 -18.53 -51.91
N ALA C 284 3.01 -19.68 -51.31
CA ALA C 284 1.64 -20.14 -51.12
C ALA C 284 1.53 -20.49 -49.64
N TYR C 285 0.39 -20.18 -49.03
CA TYR C 285 0.19 -20.46 -47.62
C TYR C 285 -0.98 -21.40 -47.40
N THR C 286 -1.40 -22.10 -48.44
CA THR C 286 -2.54 -22.99 -48.31
C THR C 286 -2.27 -24.48 -48.43
N LEU C 287 -1.11 -24.90 -47.95
CA LEU C 287 -0.78 -26.32 -47.91
C LEU C 287 -1.47 -26.77 -46.62
N ILE C 288 -1.33 -28.04 -46.26
CA ILE C 288 -1.98 -28.58 -45.07
C ILE C 288 -2.35 -27.59 -43.95
N GLY C 289 -3.64 -27.55 -43.61
CA GLY C 289 -4.14 -26.70 -42.56
C GLY C 289 -5.02 -27.51 -41.64
N PHE C 290 -5.38 -26.96 -40.48
CA PHE C 290 -6.24 -27.65 -39.50
C PHE C 290 -7.72 -27.28 -39.66
N TRP C 291 -8.57 -28.27 -39.93
CA TRP C 291 -9.99 -28.01 -40.08
C TRP C 291 -10.74 -28.64 -38.91
N ILE C 292 -11.85 -28.01 -38.49
CA ILE C 292 -12.62 -28.56 -37.39
C ILE C 292 -13.99 -29.02 -37.88
N SER C 293 -14.35 -30.26 -37.57
CA SER C 293 -15.63 -30.79 -38.00
C SER C 293 -16.71 -30.55 -36.95
N PRO C 294 -17.98 -30.76 -37.33
CA PRO C 294 -19.04 -30.55 -36.33
C PRO C 294 -18.82 -31.49 -35.15
N ASN C 295 -18.32 -32.70 -35.42
CA ASN C 295 -18.05 -33.65 -34.35
C ASN C 295 -16.96 -33.07 -33.45
N GLY C 296 -15.97 -32.44 -34.10
CA GLY C 296 -14.87 -31.82 -33.38
C GLY C 296 -15.36 -30.70 -32.49
N VAL C 297 -16.39 -29.98 -32.96
CA VAL C 297 -16.96 -28.89 -32.18
C VAL C 297 -17.51 -29.44 -30.87
N ARG C 298 -18.03 -30.67 -30.91
CA ARG C 298 -18.57 -31.30 -29.72
C ARG C 298 -17.44 -31.50 -28.72
N LYS C 299 -16.25 -31.79 -29.22
CA LYS C 299 -15.07 -31.98 -28.38
C LYS C 299 -14.16 -30.77 -28.51
N ILE C 300 -14.75 -29.57 -28.62
CA ILE C 300 -13.97 -28.35 -28.79
C ILE C 300 -12.98 -28.05 -27.67
N GLU C 301 -13.14 -28.68 -26.52
CA GLU C 301 -12.19 -28.46 -25.43
C GLU C 301 -10.91 -29.23 -25.77
N GLN C 302 -11.06 -30.46 -26.26
CA GLN C 302 -9.91 -31.27 -26.65
C GLN C 302 -9.22 -30.60 -27.84
N VAL C 303 -10.01 -30.19 -28.83
CA VAL C 303 -9.47 -29.53 -30.00
C VAL C 303 -8.69 -28.29 -29.58
N GLU C 304 -9.11 -27.68 -28.48
CA GLU C 304 -8.44 -26.49 -27.93
C GLU C 304 -7.01 -26.82 -27.59
N LYS C 305 -6.81 -27.88 -26.83
CA LYS C 305 -5.49 -28.32 -26.41
C LYS C 305 -4.58 -28.59 -27.62
N PHE C 306 -5.08 -29.41 -28.54
CA PHE C 306 -4.33 -29.81 -29.73
C PHE C 306 -3.86 -28.62 -30.58
N LEU C 307 -4.77 -27.69 -30.86
CA LEU C 307 -4.41 -26.52 -31.65
C LEU C 307 -3.50 -25.54 -30.95
N ARG C 308 -3.65 -25.37 -29.64
CA ARG C 308 -2.78 -24.45 -28.92
C ARG C 308 -1.37 -25.03 -28.95
N PHE C 309 -1.29 -26.36 -28.87
CA PHE C 309 -0.03 -27.09 -28.88
C PHE C 309 0.67 -26.90 -30.24
N TYR C 311 0.29 -24.83 -32.47
CA TYR C 311 0.59 -23.41 -32.70
C TYR C 311 1.65 -22.85 -31.74
N ARG C 312 2.10 -23.67 -30.78
CA ARG C 312 3.11 -23.20 -29.83
C ARG C 312 4.45 -23.03 -30.55
N PRO C 313 5.15 -21.90 -30.30
CA PRO C 313 6.44 -21.63 -30.93
C PRO C 313 7.46 -22.77 -30.99
N ASP C 314 7.63 -23.50 -29.89
CA ASP C 314 8.60 -24.59 -29.88
C ASP C 314 8.23 -25.72 -30.83
N VAL C 315 6.91 -25.95 -30.99
CA VAL C 315 6.43 -27.00 -31.86
C VAL C 315 6.60 -26.56 -33.31
N VAL C 316 6.31 -25.29 -33.57
CA VAL C 316 6.45 -24.72 -34.88
C VAL C 316 7.91 -24.80 -35.34
N ALA C 317 8.82 -24.39 -34.45
CA ALA C 317 10.25 -24.39 -34.72
C ALA C 317 10.79 -25.78 -35.07
N ARG C 318 10.20 -26.84 -34.53
CA ARG C 318 10.65 -28.19 -34.85
C ARG C 318 10.33 -28.49 -36.31
N PHE C 319 9.12 -28.11 -36.76
CA PHE C 319 8.75 -28.35 -38.15
C PHE C 319 9.74 -27.66 -39.05
N VAL C 320 10.11 -26.44 -38.68
CA VAL C 320 11.07 -25.64 -39.43
C VAL C 320 12.48 -26.23 -39.39
N THR C 321 12.99 -26.43 -38.18
CA THR C 321 14.34 -26.95 -37.93
C THR C 321 14.58 -28.42 -38.26
N GLU C 322 13.71 -29.29 -37.76
CA GLU C 322 13.86 -30.73 -37.96
C GLU C 322 13.30 -31.25 -39.29
N SER C 323 12.28 -30.60 -39.82
CA SER C 323 11.69 -31.05 -41.07
C SER C 323 12.00 -30.14 -42.26
N GLY C 324 12.45 -28.91 -41.99
CA GLY C 324 12.74 -27.98 -43.05
C GLY C 324 11.50 -27.50 -43.78
N ARG C 325 10.43 -27.30 -43.02
CA ARG C 325 9.15 -26.86 -43.56
C ARG C 325 8.99 -25.36 -43.50
N ASP C 326 8.41 -24.78 -44.54
CA ASP C 326 8.13 -23.35 -44.53
C ASP C 326 6.76 -23.35 -43.84
N ALA C 328 3.11 -21.19 -42.27
CA ALA C 328 2.16 -20.11 -42.48
C ALA C 328 2.05 -19.26 -41.22
N LEU C 329 2.81 -19.60 -40.18
CA LEU C 329 2.78 -18.84 -38.92
C LEU C 329 4.10 -18.12 -38.69
N ARG C 330 4.07 -17.10 -37.84
CA ARG C 330 5.28 -16.34 -37.51
C ARG C 330 6.22 -17.19 -36.68
N THR C 331 7.51 -17.19 -37.06
CA THR C 331 8.56 -17.93 -36.36
C THR C 331 9.84 -17.10 -36.45
N ASP C 332 10.83 -17.50 -35.66
CA ASP C 332 12.14 -16.86 -35.65
C ASP C 332 13.10 -17.96 -36.07
N ALA C 333 12.58 -19.19 -36.12
CA ALA C 333 13.35 -20.37 -36.51
C ALA C 333 13.68 -20.32 -38.00
N VAL C 334 14.77 -20.98 -38.36
CA VAL C 334 15.22 -21.03 -39.73
C VAL C 334 15.70 -22.44 -40.04
N SER C 335 15.34 -22.95 -41.20
CA SER C 335 15.74 -24.29 -41.59
C SER C 335 17.24 -24.34 -41.88
N THR C 336 18.03 -24.28 -40.81
CA THR C 336 19.48 -24.32 -40.87
C THR C 336 20.07 -25.62 -41.41
N GLY C 337 19.51 -26.75 -40.99
CA GLY C 337 20.01 -28.05 -41.43
C GLY C 337 19.74 -28.38 -42.89
N PHE C 338 18.98 -27.50 -43.55
CA PHE C 338 18.68 -27.65 -44.97
C PHE C 338 19.02 -26.27 -45.52
N PRO C 339 20.33 -25.98 -45.67
CA PRO C 339 20.93 -24.73 -46.16
C PRO C 339 20.14 -23.87 -47.14
N LEU C 340 19.77 -24.42 -48.29
CA LEU C 340 19.03 -23.64 -49.28
C LEU C 340 17.64 -23.27 -48.80
N VAL C 341 17.05 -24.14 -47.98
CA VAL C 341 15.73 -23.86 -47.42
C VAL C 341 15.85 -22.71 -46.44
N GLY C 342 16.87 -22.77 -45.58
CA GLY C 342 17.09 -21.72 -44.61
C GLY C 342 17.40 -20.39 -45.30
N ALA C 343 18.18 -20.44 -46.38
CA ALA C 343 18.53 -19.22 -47.12
C ALA C 343 17.30 -18.62 -47.81
N ALA C 344 16.40 -19.47 -48.31
CA ALA C 344 15.19 -18.96 -48.95
C ALA C 344 14.31 -18.26 -47.90
N GLN C 345 14.27 -18.84 -46.71
CA GLN C 345 13.47 -18.27 -45.62
C GLN C 345 14.00 -16.91 -45.17
N ARG C 346 15.33 -16.75 -45.23
CA ARG C 346 15.98 -15.51 -44.82
C ARG C 346 15.88 -14.38 -45.84
N LEU C 347 15.26 -14.67 -46.97
CA LEU C 347 15.05 -13.69 -48.03
C LEU C 347 13.98 -12.72 -47.51
N GLY C 348 14.20 -11.43 -47.69
CA GLY C 348 13.21 -10.47 -47.19
C GLY C 348 12.50 -9.63 -48.24
N SER C 349 12.66 -8.32 -48.15
CA SER C 349 12.01 -7.41 -49.08
C SER C 349 12.74 -7.31 -50.41
N GLU C 350 13.96 -7.84 -50.47
CA GLU C 350 14.73 -7.78 -51.72
C GLU C 350 14.16 -8.77 -52.73
N VAL C 351 13.04 -9.37 -52.37
CA VAL C 351 12.37 -10.35 -53.24
C VAL C 351 10.85 -10.15 -53.11
N SER C 352 10.15 -10.14 -54.23
CA SER C 352 8.70 -9.93 -54.23
C SER C 352 7.88 -11.21 -54.40
N GLN C 353 6.80 -11.32 -53.64
CA GLN C 353 5.92 -12.48 -53.70
C GLN C 353 4.98 -12.46 -54.88
N VAL C 354 4.86 -13.59 -55.58
CA VAL C 354 3.90 -13.72 -56.66
C VAL C 354 3.04 -14.91 -56.28
N LEU C 355 1.93 -15.12 -56.99
CA LEU C 355 1.05 -16.19 -56.61
C LEU C 355 1.20 -17.57 -57.26
N LEU C 356 0.74 -18.58 -56.51
CA LEU C 356 0.74 -19.96 -56.96
C LEU C 356 -0.68 -20.17 -57.52
N PRO C 357 -0.80 -20.33 -58.85
CA PRO C 357 -2.09 -20.51 -59.54
C PRO C 357 -2.98 -21.67 -59.10
N ASP C 358 -2.38 -22.78 -58.68
CA ASP C 358 -3.11 -23.99 -58.29
C ASP C 358 -4.52 -23.87 -57.74
N VAL C 359 -4.69 -23.17 -56.64
CA VAL C 359 -6.00 -23.03 -56.02
C VAL C 359 -7.05 -22.40 -56.91
N TYR C 360 -6.63 -21.52 -57.81
CA TYR C 360 -7.56 -20.79 -58.67
C TYR C 360 -7.84 -21.38 -60.05
N VAL C 361 -6.99 -22.29 -60.50
CA VAL C 361 -7.18 -22.91 -61.81
C VAL C 361 -8.26 -23.99 -61.75
N PRO C 362 -9.36 -23.83 -62.52
CA PRO C 362 -10.41 -24.85 -62.51
C PRO C 362 -9.74 -26.17 -62.86
N PRO C 363 -10.02 -27.24 -62.09
CA PRO C 363 -9.38 -28.53 -62.35
C PRO C 363 -9.43 -28.97 -63.83
N ALA C 364 -10.50 -28.60 -64.53
CA ALA C 364 -10.65 -28.97 -65.94
C ALA C 364 -9.57 -28.36 -66.82
N ALA C 365 -8.99 -27.25 -66.38
CA ALA C 365 -7.94 -26.56 -67.12
C ALA C 365 -6.52 -26.93 -66.69
N ALA C 366 -6.39 -27.58 -65.54
CA ALA C 366 -5.08 -27.97 -65.00
C ALA C 366 -4.18 -28.76 -65.94
N GLN C 367 -4.71 -29.83 -66.50
CA GLN C 367 -3.92 -30.66 -67.41
C GLN C 367 -3.66 -29.97 -68.74
N PRO C 368 -4.66 -29.30 -69.31
CA PRO C 368 -4.43 -28.61 -70.59
C PRO C 368 -3.50 -27.41 -70.46
N LEU C 369 -3.46 -26.82 -69.27
CA LEU C 369 -2.61 -25.66 -69.03
C LEU C 369 -1.13 -26.09 -69.06
N ILE C 370 -0.86 -27.34 -68.71
CA ILE C 370 0.49 -27.86 -68.73
C ILE C 370 0.87 -28.16 -70.17
N THR C 371 -0.10 -28.67 -70.94
CA THR C 371 0.15 -28.99 -72.34
C THR C 371 0.36 -27.71 -73.12
N ALA C 372 -0.34 -26.65 -72.72
CA ALA C 372 -0.23 -25.35 -73.38
C ALA C 372 1.11 -24.75 -73.01
N THR C 373 1.58 -25.08 -71.80
CA THR C 373 2.85 -24.58 -71.32
C THR C 373 4.00 -25.22 -72.08
N SER C 374 3.89 -26.49 -72.42
CA SER C 374 4.94 -27.14 -73.20
C SER C 374 5.07 -26.43 -74.54
N THR C 375 3.94 -26.21 -75.21
CA THR C 375 3.90 -25.53 -76.49
C THR C 375 4.58 -24.16 -76.38
N SER C 376 4.25 -23.44 -75.32
CA SER C 376 4.82 -22.11 -75.09
C SER C 376 6.33 -22.05 -74.89
N PHE C 377 6.93 -23.10 -74.33
CA PHE C 377 8.37 -23.09 -74.13
C PHE C 377 9.18 -23.34 -75.40
N THR C 378 8.51 -23.70 -76.48
CA THR C 378 9.18 -23.97 -77.76
C THR C 378 9.60 -22.65 -78.40
N ARG C 379 10.90 -22.45 -78.57
CA ARG C 379 11.43 -21.22 -79.15
C ARG C 379 10.80 -20.84 -80.48
N GLY C 380 10.57 -19.55 -80.66
CA GLY C 380 9.99 -19.06 -81.88
C GLY C 380 8.48 -18.95 -81.84
N THR C 381 7.85 -19.62 -80.87
CA THR C 381 6.39 -19.61 -80.72
C THR C 381 5.89 -18.22 -80.34
N SER C 382 5.25 -17.56 -81.29
CA SER C 382 4.74 -16.20 -81.10
C SER C 382 3.94 -16.01 -79.82
N PRO C 383 3.97 -14.79 -79.26
CA PRO C 383 3.25 -14.44 -78.03
C PRO C 383 1.76 -14.63 -78.25
N ALA C 384 1.34 -14.48 -79.51
CA ALA C 384 -0.05 -14.62 -79.89
C ALA C 384 -0.46 -16.08 -79.77
N ARG C 385 0.45 -16.98 -80.12
CA ARG C 385 0.17 -18.39 -80.04
C ARG C 385 0.25 -18.87 -78.60
N VAL C 386 1.15 -18.28 -77.82
CA VAL C 386 1.29 -18.63 -76.41
C VAL C 386 -0.04 -18.31 -75.75
N ARG C 387 -0.50 -17.08 -75.95
CA ARG C 387 -1.76 -16.62 -75.40
C ARG C 387 -2.95 -17.47 -75.84
N ALA C 388 -2.96 -17.88 -77.10
CA ALA C 388 -4.07 -18.70 -77.61
C ALA C 388 -4.04 -20.11 -76.98
N ALA C 389 -2.85 -20.67 -76.85
CA ALA C 389 -2.69 -22.00 -76.27
C ALA C 389 -3.10 -21.98 -74.79
N LEU C 390 -2.71 -20.93 -74.09
CA LEU C 390 -3.04 -20.81 -72.67
C LEU C 390 -4.56 -20.71 -72.51
N GLU C 391 -5.16 -19.76 -73.24
CA GLU C 391 -6.60 -19.55 -73.18
C GLU C 391 -7.43 -20.77 -73.58
N SER C 392 -6.89 -21.59 -74.49
CA SER C 392 -7.59 -22.78 -74.94
C SER C 392 -7.60 -23.87 -73.88
N ALA C 393 -6.73 -23.72 -72.89
CA ALA C 393 -6.65 -24.69 -71.81
C ALA C 393 -7.92 -24.60 -70.99
N TYR C 394 -8.63 -23.48 -71.12
CA TYR C 394 -9.86 -23.25 -70.38
C TYR C 394 -11.11 -23.55 -71.21
N ARG C 395 -10.95 -24.28 -72.31
CA ARG C 395 -12.06 -24.62 -73.18
C ARG C 395 -13.26 -25.22 -72.43
N SER C 396 -13.06 -25.54 -71.15
CA SER C 396 -14.13 -26.10 -70.31
C SER C 396 -14.54 -25.05 -69.27
N VAL C 397 -15.74 -24.50 -69.44
CA VAL C 397 -16.24 -23.48 -68.53
C VAL C 397 -17.70 -23.15 -68.86
N ASP D 8 14.00 30.67 34.11
CA ASP D 8 12.76 29.99 34.61
C ASP D 8 11.79 30.99 35.25
N THR D 9 12.12 32.28 35.13
CA THR D 9 11.27 33.34 35.68
C THR D 9 10.98 34.40 34.62
N LEU D 10 9.71 34.51 34.23
CA LEU D 10 9.33 35.50 33.22
C LEU D 10 8.88 36.77 33.92
N VAL D 11 9.50 37.89 33.58
CA VAL D 11 9.09 39.17 34.16
C VAL D 11 8.26 39.89 33.11
N VAL D 12 7.04 40.28 33.49
CA VAL D 12 6.16 40.97 32.56
C VAL D 12 5.77 42.36 33.07
N HIS D 13 6.13 43.38 32.31
CA HIS D 13 5.82 44.77 32.66
C HIS D 13 4.47 45.04 31.99
N THR D 14 3.40 45.11 32.79
CA THR D 14 2.05 45.29 32.25
C THR D 14 1.27 46.48 32.73
N GLN D 15 0.27 46.84 31.93
CA GLN D 15 -0.65 47.92 32.27
C GLN D 15 -1.87 47.23 32.84
N LEU D 16 -1.89 45.89 32.72
CA LEU D 16 -3.00 45.09 33.21
C LEU D 16 -2.65 44.50 34.57
N GLY D 17 -3.66 44.35 35.43
CA GLY D 17 -3.41 43.79 36.75
C GLY D 17 -4.21 44.47 37.84
N THR D 18 -4.51 45.76 37.65
CA THR D 18 -5.28 46.49 38.63
C THR D 18 -6.58 47.08 38.09
N THR D 19 -6.57 48.36 37.73
CA THR D 19 -7.77 49.02 37.24
C THR D 19 -8.05 48.97 35.74
N ALA D 20 -7.05 48.59 34.94
CA ALA D 20 -7.22 48.54 33.48
C ALA D 20 -8.21 47.48 33.04
N PRO D 21 -8.99 47.77 31.99
CA PRO D 21 -9.99 46.82 31.46
C PRO D 21 -9.32 45.54 30.97
N GLY D 22 -9.90 44.41 31.33
CA GLY D 22 -9.33 43.13 30.92
C GLY D 22 -8.40 42.57 31.99
N SER D 23 -8.16 43.35 33.04
CA SER D 23 -7.29 42.92 34.13
C SER D 23 -7.75 41.63 34.80
N PRO D 24 -9.07 41.52 35.08
CA PRO D 24 -9.58 40.30 35.72
C PRO D 24 -9.22 39.06 34.91
N THR D 25 -9.46 39.13 33.62
CA THR D 25 -9.19 38.01 32.74
C THR D 25 -7.70 37.78 32.55
N TYR D 26 -6.91 38.84 32.60
CA TYR D 26 -5.46 38.68 32.43
C TYR D 26 -4.90 37.90 33.61
N LEU D 27 -5.41 38.21 34.79
CA LEU D 27 -4.97 37.56 36.03
C LEU D 27 -5.38 36.10 36.12
N ALA D 28 -6.54 35.76 35.55
CA ALA D 28 -7.01 34.38 35.55
C ALA D 28 -6.11 33.66 34.57
N ALA D 29 -5.80 34.33 33.47
CA ALA D 29 -4.95 33.75 32.43
C ALA D 29 -3.58 33.43 32.98
N VAL D 30 -3.02 34.36 33.75
CA VAL D 30 -1.71 34.16 34.35
C VAL D 30 -1.77 33.00 35.33
N ASP D 31 -2.80 32.98 36.16
CA ASP D 31 -2.93 31.91 37.14
C ASP D 31 -3.09 30.54 36.50
N ARG D 32 -3.76 30.49 35.34
CA ARG D 32 -3.97 29.24 34.61
C ARG D 32 -2.66 28.84 33.93
N PHE D 33 -1.97 29.80 33.34
CA PHE D 33 -0.69 29.53 32.69
C PHE D 33 0.25 28.80 33.68
N ARG D 34 0.29 29.27 34.92
CA ARG D 34 1.14 28.67 35.96
C ARG D 34 0.66 27.25 36.19
N GLU D 35 -0.65 27.13 36.34
CA GLU D 35 -1.34 25.87 36.57
C GLU D 35 -0.92 24.86 35.49
N GLU D 36 -0.72 25.37 34.26
CA GLU D 36 -0.31 24.53 33.14
C GLU D 36 1.22 24.45 33.02
N ASN D 37 1.91 25.26 33.82
CA ASN D 37 3.37 25.25 33.76
C ASN D 37 4.02 25.41 35.13
N PRO D 38 3.85 24.40 36.00
CA PRO D 38 4.47 24.51 37.32
C PRO D 38 5.98 24.53 37.10
N GLY D 39 6.70 25.24 37.96
CA GLY D 39 8.14 25.32 37.80
C GLY D 39 8.56 26.56 37.04
N VAL D 40 7.65 27.10 36.23
CA VAL D 40 7.91 28.31 35.47
C VAL D 40 7.24 29.46 36.19
N LYS D 41 8.02 30.33 36.81
CA LYS D 41 7.44 31.44 37.54
C LYS D 41 7.14 32.63 36.64
N ILE D 42 6.11 33.37 37.02
CA ILE D 42 5.66 34.55 36.29
C ILE D 42 5.60 35.65 37.32
N LYS D 43 6.20 36.80 36.99
CA LYS D 43 6.18 37.92 37.91
C LYS D 43 5.66 39.12 37.14
N ASN D 44 4.56 39.69 37.63
CA ASN D 44 3.95 40.85 36.99
C ASN D 44 4.39 42.16 37.62
N LEU D 45 4.70 43.13 36.77
CA LEU D 45 5.08 44.46 37.23
C LEU D 45 4.01 45.34 36.61
N VAL D 46 3.11 45.86 37.43
CA VAL D 46 2.01 46.67 36.93
C VAL D 46 2.25 48.17 36.91
N ASN D 47 1.86 48.78 35.82
CA ASN D 47 2.01 50.22 35.63
C ASN D 47 1.01 50.68 34.59
N GLY D 48 0.50 51.89 34.78
CA GLY D 48 -0.45 52.42 33.83
C GLY D 48 -0.06 53.78 33.32
N ASP D 49 -0.13 53.98 32.02
CA ASP D 49 0.16 55.27 31.41
C ASP D 49 1.62 55.70 31.54
N ASP D 50 2.19 55.48 32.73
CA ASP D 50 3.59 55.81 33.00
C ASP D 50 4.45 54.56 32.84
N LEU D 51 3.91 53.52 32.21
CA LEU D 51 4.65 52.27 32.03
C LEU D 51 5.86 52.50 31.14
N ALA D 52 5.65 53.20 30.02
CA ALA D 52 6.73 53.46 29.09
C ALA D 52 7.94 54.06 29.80
N GLN D 53 7.71 55.12 30.58
CA GLN D 53 8.83 55.76 31.30
C GLN D 53 9.49 54.82 32.29
N VAL D 54 8.68 54.14 33.09
CA VAL D 54 9.23 53.21 34.08
C VAL D 54 10.03 52.13 33.38
N TYR D 55 9.54 51.72 32.20
CA TYR D 55 10.23 50.69 31.43
C TYR D 55 11.59 51.19 30.95
N GLU D 56 11.63 52.39 30.40
CA GLU D 56 12.88 52.97 29.90
C GLU D 56 13.91 53.15 31.02
N THR D 57 13.44 53.43 32.22
CA THR D 57 14.37 53.59 33.34
C THR D 57 14.94 52.21 33.64
N SER D 58 14.12 51.17 33.48
CA SER D 58 14.55 49.79 33.72
C SER D 58 15.66 49.42 32.77
N ARG D 59 15.52 49.90 31.53
CA ARG D 59 16.50 49.64 30.50
C ARG D 59 17.85 50.23 30.87
N LEU D 60 17.82 51.45 31.40
CA LEU D 60 19.04 52.14 31.80
C LEU D 60 19.75 51.33 32.89
N ALA D 61 18.96 50.80 33.81
CA ALA D 61 19.49 49.98 34.91
C ALA D 61 19.95 48.62 34.41
N ARG D 62 19.67 48.33 33.15
CA ARG D 62 20.02 47.07 32.51
C ARG D 62 19.39 45.88 33.22
N LYS D 63 18.17 46.09 33.71
CA LYS D 63 17.39 45.05 34.40
C LYS D 63 15.92 45.17 33.97
N GLU D 64 15.75 45.37 32.68
CA GLU D 64 14.47 45.52 32.00
C GLU D 64 13.66 44.22 32.08
N ALA D 65 12.35 44.34 31.95
CA ALA D 65 11.46 43.19 32.00
C ALA D 65 11.58 42.40 30.69
N ASP D 66 11.21 41.13 30.72
CA ASP D 66 11.31 40.27 29.53
C ASP D 66 10.18 40.51 28.55
N VAL D 67 9.01 40.81 29.08
CA VAL D 67 7.87 41.05 28.21
C VAL D 67 7.14 42.30 28.65
N VAL D 68 6.72 43.11 27.70
CA VAL D 68 5.99 44.31 28.04
C VAL D 68 4.60 44.22 27.43
N VAL D 70 1.85 46.79 26.45
CA VAL D 70 1.52 48.19 26.36
C VAL D 70 0.98 48.61 25.02
N ASN D 71 0.36 49.78 25.08
CA ASN D 71 -0.31 50.51 24.01
C ASN D 71 0.69 51.02 22.94
N LEU D 72 0.25 51.18 21.70
CA LEU D 72 1.15 51.75 20.68
C LEU D 72 0.80 53.24 20.59
N TYR D 73 1.63 54.10 21.16
CA TYR D 73 1.40 55.55 21.11
C TYR D 73 2.74 56.26 20.98
N ASP D 74 2.74 57.58 20.93
CA ASP D 74 3.99 58.33 20.75
C ASP D 74 5.23 57.76 21.45
N LYS D 75 5.18 57.53 22.75
CA LYS D 75 6.38 57.00 23.39
C LYS D 75 6.83 55.62 22.88
N THR D 76 5.91 54.67 22.74
CA THR D 76 6.31 53.33 22.29
C THR D 76 6.61 53.20 20.80
N LEU D 77 6.23 54.21 20.02
CA LEU D 77 6.46 54.20 18.58
C LEU D 77 7.94 54.32 18.18
N ALA D 78 8.75 54.85 19.10
CA ALA D 78 10.18 55.01 18.84
C ALA D 78 10.99 53.81 19.34
N TRP D 79 10.36 52.96 20.14
CA TRP D 79 11.04 51.79 20.71
C TRP D 79 11.76 50.84 19.78
N THR D 80 11.08 50.39 18.73
CA THR D 80 11.68 49.42 17.82
C THR D 80 12.92 49.92 17.11
N ASP D 81 12.89 51.14 16.62
CA ASP D 81 14.04 51.68 15.89
C ASP D 81 15.30 51.85 16.73
N VAL D 82 15.17 52.06 18.03
CA VAL D 82 16.36 52.22 18.88
C VAL D 82 16.66 50.88 19.55
N GLY D 83 15.85 49.88 19.26
CA GLY D 83 16.06 48.57 19.84
C GLY D 83 15.67 48.44 21.30
N ALA D 84 14.73 49.27 21.76
CA ALA D 84 14.27 49.19 23.15
C ALA D 84 13.44 47.92 23.25
N THR D 85 12.93 47.50 22.09
CA THR D 85 12.12 46.31 21.97
C THR D 85 12.54 45.75 20.61
N VAL D 86 12.55 44.43 20.47
CA VAL D 86 12.98 43.80 19.22
C VAL D 86 11.83 43.57 18.24
N ASP D 87 12.20 43.25 17.00
CA ASP D 87 11.24 42.97 15.94
C ASP D 87 10.70 41.58 16.25
N VAL D 88 9.39 41.41 16.25
CA VAL D 88 8.84 40.10 16.57
C VAL D 88 8.40 39.30 15.35
N LYS D 89 8.63 39.82 14.15
CA LYS D 89 8.23 39.09 12.95
C LYS D 89 8.83 37.68 12.88
N PRO D 90 10.15 37.54 13.13
CA PRO D 90 10.70 36.18 13.07
C PRO D 90 10.09 35.25 14.11
N TYR D 91 9.46 35.81 15.13
CA TYR D 91 8.85 34.99 16.17
C TYR D 91 7.39 34.70 15.79
N LEU D 92 6.78 35.63 15.09
CA LEU D 92 5.39 35.46 14.67
C LEU D 92 5.40 34.29 13.68
N ASP D 93 6.26 34.36 12.66
CA ASP D 93 6.42 33.28 11.68
C ASP D 93 7.45 32.40 12.32
N ASP D 94 7.21 31.09 12.38
CA ASP D 94 8.15 30.14 12.98
C ASP D 94 7.61 29.67 14.33
N TRP D 95 6.62 30.41 14.84
CA TRP D 95 5.92 30.05 16.08
C TRP D 95 4.52 29.68 15.59
N GLY D 96 4.28 29.92 14.30
CA GLY D 96 3.00 29.62 13.70
C GLY D 96 1.86 30.38 14.36
N LEU D 97 2.09 31.66 14.64
CA LEU D 97 1.08 32.50 15.28
C LEU D 97 0.58 33.57 14.31
N ARG D 98 1.32 33.76 13.22
CA ARG D 98 0.98 34.76 12.21
C ARG D 98 -0.50 34.75 11.83
N GLY D 99 -1.01 33.57 11.53
CA GLY D 99 -2.39 33.43 11.12
C GLY D 99 -3.45 33.75 12.16
N ARG D 100 -3.04 33.92 13.41
CA ARG D 100 -3.98 34.24 14.49
C ARG D 100 -4.30 35.73 14.45
N VAL D 101 -3.49 36.49 13.72
CA VAL D 101 -3.65 37.94 13.64
C VAL D 101 -4.54 38.45 12.51
N LEU D 102 -5.46 39.33 12.86
CA LEU D 102 -6.34 39.94 11.85
C LEU D 102 -5.40 40.68 10.90
N PRO D 103 -5.49 40.40 9.58
CA PRO D 103 -4.63 41.06 8.59
C PRO D 103 -4.40 42.55 8.80
N ALA D 104 -5.49 43.32 8.88
CA ALA D 104 -5.39 44.76 9.07
C ALA D 104 -4.61 45.11 10.34
N ALA D 105 -4.76 44.29 11.37
CA ALA D 105 -4.08 44.50 12.65
C ALA D 105 -2.58 44.27 12.53
N LEU D 106 -2.19 43.26 11.77
CA LEU D 106 -0.78 42.97 11.60
C LEU D 106 -0.15 44.13 10.85
N ALA D 107 -0.86 44.65 9.86
CA ALA D 107 -0.37 45.77 9.06
C ALA D 107 -0.22 47.04 9.90
N ASP D 108 -1.20 47.31 10.77
CA ASP D 108 -1.16 48.50 11.62
C ASP D 108 -0.01 48.45 12.63
N TRP D 109 0.45 47.25 12.95
CA TRP D 109 1.54 47.05 13.90
C TRP D 109 2.92 46.90 13.25
N THR D 110 2.99 47.08 11.94
CA THR D 110 4.26 46.96 11.23
C THR D 110 4.78 48.35 10.82
N ASP D 111 5.99 48.70 11.22
CA ASP D 111 6.54 50.00 10.84
C ASP D 111 6.89 49.96 9.36
N ASP D 112 7.61 50.96 8.87
CA ASP D 112 7.95 50.95 7.44
C ASP D 112 9.23 50.21 7.09
N GLU D 113 9.86 49.57 8.07
CA GLU D 113 11.06 48.78 7.84
C GLU D 113 10.61 47.33 7.72
N GLY D 114 9.31 47.12 7.94
CA GLY D 114 8.75 45.78 7.87
C GLY D 114 8.85 45.06 9.20
N ARG D 115 9.23 45.79 10.24
CA ARG D 115 9.36 45.21 11.56
C ARG D 115 8.04 45.22 12.31
N VAL D 116 7.67 44.08 12.88
CA VAL D 116 6.44 43.99 13.64
C VAL D 116 6.83 44.38 15.07
N ARG D 117 6.38 45.55 15.51
CA ARG D 117 6.69 46.08 16.83
C ARG D 117 6.35 45.17 18.01
N ALA D 118 5.16 44.56 17.96
CA ALA D 118 4.71 43.65 19.04
C ALA D 118 3.64 42.68 18.55
N PHE D 119 3.29 41.71 19.38
CA PHE D 119 2.24 40.76 19.01
C PHE D 119 0.91 41.46 19.29
N PRO D 120 0.09 41.66 18.26
CA PRO D 120 -1.19 42.33 18.53
C PRO D 120 -2.02 41.53 19.52
N TYR D 121 -2.86 42.21 20.29
CA TYR D 121 -3.74 41.50 21.20
C TYR D 121 -5.04 42.27 21.37
N PHE D 122 -5.01 43.43 22.02
CA PHE D 122 -6.22 44.20 22.21
C PHE D 122 -6.56 45.13 21.04
N ALA D 123 -7.84 45.47 20.92
CA ALA D 123 -8.32 46.33 19.84
C ALA D 123 -9.55 47.12 20.31
N THR D 124 -10.10 47.95 19.44
CA THR D 124 -11.29 48.71 19.84
C THR D 124 -12.29 49.02 18.76
N ASN D 125 -13.56 48.78 19.08
CA ASN D 125 -14.66 49.14 18.19
C ASN D 125 -15.19 50.39 18.88
N TRP D 126 -15.36 51.46 18.10
CA TRP D 126 -15.80 52.76 18.60
C TRP D 126 -16.96 53.21 17.73
N PRO D 127 -18.17 52.67 17.96
CA PRO D 127 -19.37 53.02 17.18
C PRO D 127 -20.20 54.15 17.79
N VAL D 128 -21.45 54.27 17.33
CA VAL D 128 -22.37 55.28 17.85
C VAL D 128 -23.60 54.61 18.49
N ALA D 129 -23.86 54.92 19.75
CA ALA D 129 -25.00 54.35 20.48
C ALA D 129 -26.23 55.25 20.29
N TYR D 130 -27.36 54.64 19.92
CA TYR D 130 -28.63 55.34 19.69
C TYR D 130 -29.70 54.86 20.67
N ASN D 131 -30.20 55.74 21.52
CA ASN D 131 -31.23 55.36 22.47
C ASN D 131 -32.58 55.37 21.75
N ARG D 132 -33.09 54.19 21.40
CA ARG D 132 -34.37 54.10 20.67
C ARG D 132 -35.57 54.57 21.49
N ALA D 133 -35.52 54.40 22.80
CA ALA D 133 -36.62 54.81 23.66
C ALA D 133 -36.79 56.31 23.53
N LEU D 134 -35.70 57.04 23.74
CA LEU D 134 -35.72 58.49 23.62
C LEU D 134 -36.06 58.88 22.18
N LEU D 135 -35.54 58.12 21.22
CA LEU D 135 -35.81 58.39 19.81
C LEU D 135 -37.31 58.24 19.60
N ASP D 136 -37.88 57.17 20.17
CA ASP D 136 -39.30 56.92 20.07
C ASP D 136 -40.08 57.99 20.84
N ARG D 137 -39.54 58.46 21.97
CA ARG D 137 -40.24 59.48 22.74
C ARG D 137 -40.41 60.67 21.81
N ALA D 138 -39.33 61.04 21.12
CA ALA D 138 -39.38 62.14 20.16
C ALA D 138 -40.06 61.46 18.97
N GLY D 139 -40.25 62.14 17.85
CA GLY D 139 -40.92 61.45 16.76
C GLY D 139 -40.01 60.75 15.76
N VAL D 140 -38.82 60.35 16.20
CA VAL D 140 -37.86 59.71 15.30
C VAL D 140 -38.03 58.21 15.32
N ASP D 141 -38.52 57.66 14.21
CA ASP D 141 -38.79 56.23 14.07
C ASP D 141 -37.63 55.35 13.65
N ALA D 142 -36.67 55.92 12.95
CA ALA D 142 -35.54 55.13 12.50
C ALA D 142 -34.23 55.85 12.81
N ILE D 143 -33.18 55.05 12.99
CA ILE D 143 -31.86 55.59 13.27
C ILE D 143 -31.41 56.39 12.04
N PRO D 144 -31.02 57.66 12.23
CA PRO D 144 -30.58 58.48 11.09
C PRO D 144 -29.34 57.90 10.41
N THR D 145 -29.29 58.03 9.08
CA THR D 145 -28.20 57.50 8.27
C THR D 145 -27.50 58.58 7.44
N THR D 146 -28.06 59.78 7.45
CA THR D 146 -27.51 60.90 6.71
C THR D 146 -27.54 62.17 7.53
N GLY D 147 -26.69 63.13 7.17
CA GLY D 147 -26.64 64.37 7.90
C GLY D 147 -28.01 64.99 8.11
N ASP D 148 -28.77 65.12 7.03
CA ASP D 148 -30.10 65.71 7.11
C ASP D 148 -31.03 65.00 8.10
N GLN D 149 -31.03 63.66 8.08
CA GLN D 149 -31.88 62.89 8.99
C GLN D 149 -31.42 63.12 10.42
N LEU D 150 -30.11 63.19 10.60
CA LEU D 150 -29.51 63.41 11.91
C LEU D 150 -29.96 64.76 12.47
N ILE D 151 -29.92 65.80 11.64
CA ILE D 151 -30.34 67.13 12.06
C ILE D 151 -31.84 67.13 12.39
N ALA D 152 -32.63 66.48 11.54
CA ALA D 152 -34.08 66.41 11.74
C ALA D 152 -34.39 65.68 13.04
N ALA D 153 -33.59 64.66 13.33
CA ALA D 153 -33.75 63.89 14.56
C ALA D 153 -33.32 64.71 15.77
N ALA D 154 -32.27 65.51 15.61
CA ALA D 154 -31.78 66.35 16.70
C ALA D 154 -32.81 67.44 17.02
N ARG D 155 -33.45 67.96 15.98
CA ARG D 155 -34.48 68.97 16.15
C ARG D 155 -35.66 68.37 16.93
N LYS D 156 -36.14 67.22 16.49
CA LYS D 156 -37.25 66.57 17.17
C LYS D 156 -36.92 66.20 18.61
N LEU D 157 -35.67 65.81 18.85
CA LEU D 157 -35.25 65.42 20.19
C LEU D 157 -35.30 66.63 21.11
N ARG D 158 -34.81 67.76 20.60
CA ARG D 158 -34.79 69.01 21.37
C ARG D 158 -36.19 69.58 21.61
N ALA D 159 -37.10 69.35 20.67
CA ALA D 159 -38.47 69.87 20.83
C ALA D 159 -39.12 69.18 22.02
N LYS D 160 -38.62 67.98 22.31
CA LYS D 160 -39.13 67.17 23.40
C LYS D 160 -38.32 67.44 24.67
N GLY D 161 -37.28 68.26 24.54
CA GLY D 161 -36.44 68.57 25.69
C GLY D 161 -35.30 67.61 25.95
N ILE D 162 -35.10 66.66 25.03
CA ILE D 162 -34.04 65.65 25.12
C ILE D 162 -32.80 66.12 24.36
N ALA D 163 -31.63 66.01 25.00
CA ALA D 163 -30.39 66.41 24.34
C ALA D 163 -30.08 65.36 23.26
N PRO D 164 -29.61 65.79 22.08
CA PRO D 164 -29.26 64.92 20.95
C PRO D 164 -27.93 64.19 21.09
N VAL D 165 -26.88 64.65 20.42
CA VAL D 165 -25.59 63.99 20.52
C VAL D 165 -24.73 64.59 21.64
N THR D 166 -24.49 63.81 22.68
CA THR D 166 -23.66 64.27 23.78
C THR D 166 -22.24 63.82 23.50
N VAL D 167 -21.27 64.67 23.86
CA VAL D 167 -19.86 64.39 23.64
C VAL D 167 -19.04 65.38 24.47
N GLY D 168 -17.85 64.98 24.90
CA GLY D 168 -16.99 65.86 25.67
C GLY D 168 -16.23 66.74 24.69
N GLY D 169 -16.81 67.88 24.35
CA GLY D 169 -16.17 68.77 23.41
C GLY D 169 -14.82 69.31 23.85
N ASN D 170 -14.53 69.24 25.15
CA ASN D 170 -13.26 69.74 25.66
C ASN D 170 -12.27 68.66 26.11
N ASP D 171 -12.31 67.51 25.47
CA ASP D 171 -11.39 66.43 25.78
C ASP D 171 -11.30 65.42 24.64
N TRP D 172 -10.52 64.37 24.86
CA TRP D 172 -10.31 63.34 23.84
C TRP D 172 -11.56 62.81 23.14
N THR D 173 -12.69 62.73 23.85
CA THR D 173 -13.92 62.24 23.20
C THR D 173 -14.30 63.20 22.08
N GLY D 174 -14.39 64.48 22.40
CA GLY D 174 -14.73 65.46 21.39
C GLY D 174 -13.65 65.46 20.31
N GLN D 175 -12.40 65.35 20.75
CA GLN D 175 -11.25 65.31 19.84
C GLN D 175 -11.44 64.24 18.76
N LYS D 176 -11.75 63.01 19.18
CA LYS D 176 -11.94 61.92 18.21
C LYS D 176 -13.21 62.00 17.35
N LEU D 177 -14.33 62.42 17.91
CA LEU D 177 -15.54 62.52 17.12
C LEU D 177 -15.36 63.58 16.04
N LEU D 178 -14.65 64.66 16.37
CA LEU D 178 -14.41 65.72 15.39
C LEU D 178 -13.51 65.21 14.28
N ALA D 179 -12.54 64.36 14.63
CA ALA D 179 -11.66 63.79 13.61
C ALA D 179 -12.49 62.84 12.74
N GLN D 180 -13.36 62.08 13.39
CA GLN D 180 -14.23 61.15 12.67
C GLN D 180 -15.22 61.86 11.73
N ILE D 181 -15.81 62.96 12.19
CA ILE D 181 -16.78 63.68 11.35
C ILE D 181 -16.07 64.23 10.10
N ILE D 182 -14.90 64.83 10.29
CA ILE D 182 -14.17 65.38 9.16
C ILE D 182 -13.79 64.27 8.19
N GLN D 183 -13.39 63.11 8.72
CA GLN D 183 -13.01 61.99 7.86
C GLN D 183 -14.16 61.47 7.02
N THR D 184 -15.33 62.09 7.17
CA THR D 184 -16.50 61.70 6.40
C THR D 184 -16.12 61.81 4.92
N PHE D 185 -15.19 62.73 4.65
CA PHE D 185 -14.72 62.97 3.30
C PHE D 185 -13.24 62.62 3.15
N LEU D 186 -12.73 61.74 4.00
CA LEU D 186 -11.33 61.35 3.93
C LEU D 186 -11.12 59.83 4.00
N SER D 187 -10.28 59.30 3.12
CA SER D 187 -9.98 57.87 3.13
C SER D 187 -9.00 57.69 4.29
N GLN D 188 -8.79 56.46 4.71
CA GLN D 188 -7.86 56.18 5.81
C GLN D 188 -6.49 56.79 5.54
N ASP D 189 -5.99 56.61 4.32
CA ASP D 189 -4.68 57.14 3.96
C ASP D 189 -4.64 58.66 3.91
N GLU D 190 -5.66 59.27 3.30
CA GLU D 190 -5.72 60.72 3.23
C GLU D 190 -5.74 61.28 4.66
N ALA D 191 -6.54 60.64 5.52
CA ALA D 191 -6.67 61.05 6.91
C ALA D 191 -5.35 60.87 7.67
N ARG D 192 -4.57 59.87 7.28
CA ARG D 192 -3.28 59.63 7.93
C ARG D 192 -2.33 60.78 7.62
N HIS D 193 -2.38 61.25 6.38
CA HIS D 193 -1.57 62.37 5.96
C HIS D 193 -2.00 63.66 6.68
N VAL D 194 -3.30 63.89 6.73
CA VAL D 194 -3.84 65.07 7.38
C VAL D 194 -3.41 65.17 8.83
N TYR D 195 -3.57 64.07 9.57
CA TYR D 195 -3.21 64.08 10.98
C TYR D 195 -1.73 63.93 11.27
N SER D 196 -0.95 63.65 10.23
CA SER D 196 0.50 63.54 10.36
C SER D 196 1.07 64.92 10.11
N THR D 197 0.58 65.55 9.04
CA THR D 197 1.02 66.87 8.60
C THR D 197 0.44 68.09 9.33
N GLY D 198 -0.83 68.02 9.70
CA GLY D 198 -1.47 69.16 10.34
C GLY D 198 -2.06 69.99 9.19
N ASP D 199 -2.08 69.35 8.03
CA ASP D 199 -2.58 69.93 6.79
C ASP D 199 -4.07 69.67 6.60
N PHE D 200 -4.90 70.51 7.20
CA PHE D 200 -6.35 70.38 7.10
C PHE D 200 -6.86 71.21 5.95
N GLY D 201 -6.03 71.37 4.93
CA GLY D 201 -6.41 72.16 3.78
C GLY D 201 -6.77 71.32 2.57
N VAL D 202 -6.50 70.02 2.64
CA VAL D 202 -6.82 69.13 1.52
C VAL D 202 -8.31 69.24 1.28
N ARG D 203 -8.76 68.91 0.06
CA ARG D 203 -10.18 69.01 -0.25
C ARG D 203 -11.03 68.25 0.76
N GLY D 204 -10.58 67.06 1.14
CA GLY D 204 -11.32 66.26 2.10
C GLY D 204 -11.46 66.86 3.49
N ALA D 205 -10.41 67.51 3.97
CA ALA D 205 -10.43 68.11 5.30
C ALA D 205 -11.41 69.28 5.41
N ARG D 206 -11.45 70.13 4.39
CA ARG D 206 -12.35 71.29 4.42
C ARG D 206 -13.80 70.92 4.18
N LEU D 207 -14.02 69.86 3.41
CA LEU D 207 -15.36 69.39 3.11
C LEU D 207 -15.94 68.79 4.40
N GLY D 208 -15.08 68.13 5.17
CA GLY D 208 -15.51 67.53 6.41
C GLY D 208 -15.69 68.55 7.53
N ILE D 209 -14.84 69.57 7.52
CA ILE D 209 -14.93 70.62 8.52
C ILE D 209 -16.24 71.39 8.35
N GLU D 210 -16.64 71.65 7.11
CA GLU D 210 -17.89 72.37 6.92
C GLU D 210 -19.06 71.45 7.29
N TYR D 211 -18.97 70.18 6.91
CA TYR D 211 -20.03 69.22 7.26
C TYR D 211 -20.19 69.25 8.78
N PHE D 212 -19.06 69.31 9.47
CA PHE D 212 -19.07 69.37 10.93
C PHE D 212 -19.78 70.64 11.39
N ALA D 213 -19.36 71.77 10.85
CA ALA D 213 -19.92 73.08 11.19
C ALA D 213 -21.45 73.10 11.05
N HIS D 214 -21.92 72.56 9.92
CA HIS D 214 -23.35 72.49 9.62
C HIS D 214 -24.10 71.74 10.72
N LEU D 215 -23.62 70.55 11.06
CA LEU D 215 -24.24 69.72 12.10
C LEU D 215 -24.19 70.45 13.43
N ARG D 216 -23.04 71.05 13.72
CA ARG D 216 -22.86 71.80 14.96
C ARG D 216 -23.81 73.00 15.01
N ASP D 217 -23.81 73.81 13.95
CA ASP D 217 -24.66 74.98 13.93
C ASP D 217 -26.16 74.65 13.96
N ALA D 218 -26.53 73.44 13.54
CA ALA D 218 -27.94 73.04 13.54
C ALA D 218 -28.40 72.41 14.85
N GLY D 219 -27.49 72.33 15.82
CA GLY D 219 -27.87 71.77 17.10
C GLY D 219 -27.78 70.27 17.24
N VAL D 220 -26.90 69.61 16.49
CA VAL D 220 -26.78 68.17 16.60
C VAL D 220 -26.15 67.78 17.94
N PHE D 221 -25.35 68.68 18.51
CA PHE D 221 -24.68 68.43 19.79
C PHE D 221 -25.40 69.10 20.96
N ALA D 222 -25.33 68.50 22.14
CA ALA D 222 -25.97 69.07 23.33
C ALA D 222 -25.50 70.51 23.52
N ASP D 223 -26.29 71.31 24.21
CA ASP D 223 -25.91 72.70 24.42
C ASP D 223 -24.57 72.81 25.15
N LYS D 224 -23.79 73.80 24.78
CA LYS D 224 -22.47 74.04 25.36
C LYS D 224 -21.60 72.78 25.43
N ALA D 225 -21.61 72.02 24.34
CA ALA D 225 -20.81 70.80 24.22
C ALA D 225 -19.31 71.09 24.32
N GLN D 226 -18.91 72.29 23.88
CA GLN D 226 -17.51 72.67 23.90
C GLN D 226 -16.83 72.56 25.26
N GLY D 227 -17.62 72.52 26.33
CA GLY D 227 -17.06 72.42 27.66
C GLY D 227 -17.31 71.12 28.39
N LEU D 228 -17.86 70.12 27.70
CA LEU D 228 -18.15 68.83 28.32
C LEU D 228 -16.95 67.89 28.25
N THR D 229 -16.99 66.84 29.07
CA THR D 229 -15.92 65.85 29.10
C THR D 229 -16.51 64.45 29.06
N SER D 230 -15.65 63.45 28.88
CA SER D 230 -16.08 62.07 28.82
C SER D 230 -17.05 61.76 29.93
N ASP D 231 -16.82 62.40 31.07
CA ASP D 231 -17.65 62.21 32.25
C ASP D 231 -19.09 62.68 32.08
N SER D 232 -19.26 63.96 31.77
CA SER D 232 -20.61 64.48 31.58
C SER D 232 -21.28 63.80 30.40
N THR D 234 -20.83 60.50 29.30
CA THR D 234 -21.35 59.19 29.66
C THR D 234 -22.44 59.31 30.73
N THR D 235 -22.37 60.36 31.54
CA THR D 235 -23.37 60.61 32.56
C THR D 235 -24.67 61.04 31.89
N GLN D 236 -24.54 61.86 30.86
CA GLN D 236 -25.72 62.33 30.13
C GLN D 236 -26.43 61.20 29.42
N PHE D 237 -25.68 60.26 28.85
CA PHE D 237 -26.29 59.15 28.14
C PHE D 237 -26.85 58.08 29.08
N ASN D 238 -26.10 57.74 30.12
CA ASN D 238 -26.54 56.70 31.07
C ASN D 238 -27.83 57.10 31.80
N THR D 239 -28.05 58.41 31.97
CA THR D 239 -29.24 58.88 32.66
C THR D 239 -30.33 59.22 31.64
N GLU D 240 -30.06 58.93 30.37
CA GLU D 240 -31.02 59.20 29.31
C GLU D 240 -31.42 60.66 29.20
N GLU D 241 -30.44 61.55 29.32
CA GLU D 241 -30.67 62.98 29.19
C GLU D 241 -30.30 63.36 27.76
N ALA D 242 -29.50 62.51 27.13
CA ALA D 242 -29.05 62.70 25.76
C ALA D 242 -29.37 61.37 25.10
N ALA D 243 -29.72 61.40 23.82
CA ALA D 243 -30.11 60.18 23.11
C ALA D 243 -29.03 59.51 22.26
N VAL D 244 -27.94 60.22 21.97
CA VAL D 244 -26.89 59.68 21.15
C VAL D 244 -25.50 59.88 21.75
N GLN D 245 -24.61 58.93 21.47
CA GLN D 245 -23.24 59.01 21.99
C GLN D 245 -22.30 58.12 21.19
N SER D 246 -21.22 58.71 20.70
CA SER D 246 -20.20 57.98 19.96
C SER D 246 -19.22 57.65 21.07
N ALA D 247 -18.83 56.38 21.21
CA ALA D 247 -17.89 56.03 22.28
C ALA D 247 -17.30 54.64 22.14
N SER D 249 -16.15 50.93 22.70
CA SER D 249 -16.92 49.77 23.16
C SER D 249 -16.70 49.60 24.65
N SER D 250 -15.49 49.91 25.09
CA SER D 250 -15.15 49.78 26.49
C SER D 250 -16.07 50.65 27.38
N ALA D 251 -16.51 51.79 26.88
CA ALA D 251 -17.39 52.66 27.67
C ALA D 251 -18.85 52.22 27.52
N LEU D 252 -19.17 51.58 26.40
CA LEU D 252 -20.53 51.10 26.14
C LEU D 252 -20.89 49.91 27.03
N ALA D 253 -19.88 49.17 27.49
CA ALA D 253 -20.10 48.01 28.35
C ALA D 253 -20.53 48.45 29.75
N LYS D 254 -20.32 49.73 30.06
CA LYS D 254 -20.65 50.30 31.37
C LYS D 254 -22.05 50.94 31.42
N VAL D 255 -22.74 50.95 30.29
CA VAL D 255 -24.09 51.52 30.22
C VAL D 255 -25.05 50.66 31.04
N PRO D 256 -25.84 51.29 31.93
CA PRO D 256 -26.80 50.55 32.76
C PRO D 256 -27.67 49.61 31.93
N GLU D 257 -27.87 48.40 32.44
CA GLU D 257 -28.66 47.39 31.73
C GLU D 257 -30.02 47.89 31.28
N LYS D 258 -30.70 48.65 32.13
CA LYS D 258 -32.02 49.17 31.79
C LYS D 258 -31.92 50.04 30.54
N VAL D 259 -30.88 50.88 30.47
CA VAL D 259 -30.67 51.75 29.32
C VAL D 259 -30.14 50.97 28.10
N ALA D 260 -29.15 50.10 28.31
CA ALA D 260 -28.61 49.30 27.22
C ALA D 260 -29.72 48.49 26.58
N GLY D 261 -30.72 48.14 27.39
CA GLY D 261 -31.85 47.36 26.91
C GLY D 261 -32.54 47.90 25.67
N HIS D 262 -32.61 49.22 25.55
CA HIS D 262 -33.24 49.83 24.39
C HIS D 262 -32.27 50.74 23.64
N THR D 263 -31.01 50.29 23.58
CA THR D 263 -29.96 51.02 22.90
C THR D 263 -29.47 50.17 21.74
N GLU D 264 -29.09 50.82 20.66
CA GLU D 264 -28.56 50.14 19.49
C GLU D 264 -27.32 50.85 19.02
N VAL D 265 -26.43 50.12 18.37
CA VAL D 265 -25.20 50.71 17.86
C VAL D 265 -25.17 50.70 16.34
N GLY D 266 -24.49 51.71 15.78
CA GLY D 266 -24.33 51.85 14.34
C GLY D 266 -23.24 52.89 14.14
N GLY D 267 -23.22 53.53 12.96
CA GLY D 267 -22.21 54.54 12.69
C GLY D 267 -22.73 55.96 12.59
N TRP D 268 -21.82 56.90 12.33
CA TRP D 268 -22.19 58.31 12.20
C TRP D 268 -22.72 58.64 10.79
N PRO D 269 -23.93 59.23 10.73
CA PRO D 269 -24.64 59.63 9.51
C PRO D 269 -23.73 60.27 8.48
N LEU D 270 -23.83 59.80 7.23
CA LEU D 270 -23.00 60.36 6.17
C LEU D 270 -23.61 61.60 5.52
N ALA D 271 -22.74 62.43 4.97
CA ALA D 271 -23.16 63.62 4.24
C ALA D 271 -23.01 63.16 2.80
N ASP D 272 -23.69 63.81 1.87
CA ASP D 272 -23.56 63.42 0.47
C ASP D 272 -22.13 63.59 0.00
N GLY D 273 -21.71 62.73 -0.93
CA GLY D 273 -20.35 62.82 -1.44
C GLY D 273 -19.31 62.30 -0.46
N ALA D 274 -19.77 61.57 0.54
CA ALA D 274 -18.87 61.00 1.55
C ALA D 274 -17.83 60.13 0.84
N ALA D 275 -16.71 59.86 1.50
CA ALA D 275 -15.67 59.03 0.91
C ALA D 275 -15.75 57.62 1.47
N HIS D 276 -16.90 57.29 2.06
CA HIS D 276 -17.12 55.98 2.65
C HIS D 276 -18.50 55.45 2.32
N ASP D 277 -18.66 54.14 2.41
CA ASP D 277 -19.95 53.54 2.15
C ASP D 277 -20.80 53.84 3.38
N GLY D 278 -20.11 54.21 4.46
CA GLY D 278 -20.69 54.57 5.76
C GLY D 278 -22.06 54.08 6.12
N PRO D 279 -22.60 54.44 7.29
CA PRO D 279 -22.13 55.32 8.36
C PRO D 279 -20.75 54.89 8.90
N THR D 280 -20.04 55.80 9.53
CA THR D 280 -18.70 55.49 10.02
C THR D 280 -18.54 55.16 11.49
N VAL D 281 -17.51 54.39 11.78
CA VAL D 281 -17.18 54.03 13.16
C VAL D 281 -15.67 54.01 13.20
N ILE D 282 -15.12 54.33 14.35
CA ILE D 282 -13.68 54.31 14.53
C ILE D 282 -13.29 52.90 14.93
N ARG D 283 -12.16 52.45 14.43
CA ARG D 283 -11.66 51.12 14.76
C ARG D 283 -10.15 51.16 14.71
N ALA D 284 -9.53 50.63 15.75
CA ALA D 284 -8.09 50.58 15.84
C ALA D 284 -7.69 49.19 16.31
N TYR D 285 -6.45 48.80 16.03
CA TYR D 285 -5.96 47.48 16.41
C TYR D 285 -4.66 47.62 17.18
N THR D 286 -4.32 48.85 17.56
CA THR D 286 -3.08 49.13 18.25
C THR D 286 -3.15 49.38 19.75
N LEU D 287 -4.09 48.73 20.43
CA LEU D 287 -4.15 48.89 21.88
C LEU D 287 -3.15 47.89 22.47
N ILE D 288 -3.21 47.65 23.78
CA ILE D 288 -2.28 46.74 24.43
C ILE D 288 -1.85 45.52 23.60
N GLY D 289 -0.53 45.39 23.44
CA GLY D 289 0.07 44.28 22.70
C GLY D 289 1.27 43.73 23.47
N PHE D 290 1.85 42.63 22.99
CA PHE D 290 3.00 41.99 23.65
C PHE D 290 4.32 42.37 23.00
N TRP D 291 5.19 43.03 23.76
CA TRP D 291 6.50 43.44 23.26
C TRP D 291 7.58 42.59 23.91
N ILE D 292 8.63 42.28 23.15
CA ILE D 292 9.75 41.50 23.69
C ILE D 292 10.98 42.39 23.76
N SER D 293 11.63 42.41 24.93
CA SER D 293 12.83 43.21 25.13
C SER D 293 14.08 42.37 24.90
N PRO D 294 15.26 43.01 24.90
CA PRO D 294 16.49 42.24 24.69
C PRO D 294 16.68 41.21 25.79
N ASN D 295 16.24 41.52 27.00
CA ASN D 295 16.34 40.58 28.12
C ASN D 295 15.45 39.37 27.84
N GLY D 296 14.31 39.64 27.22
CA GLY D 296 13.35 38.61 26.91
C GLY D 296 13.82 37.68 25.81
N VAL D 297 14.77 38.11 25.00
CA VAL D 297 15.25 37.24 23.95
C VAL D 297 16.27 36.24 24.52
N ARG D 298 17.02 36.66 25.55
CA ARG D 298 18.00 35.79 26.17
C ARG D 298 17.32 34.73 27.04
N LYS D 299 16.05 34.46 26.74
CA LYS D 299 15.27 33.46 27.45
C LYS D 299 13.90 33.42 26.81
N ILE D 300 13.95 33.33 25.49
CA ILE D 300 12.82 33.29 24.60
C ILE D 300 12.05 31.97 24.71
N GLU D 301 12.59 31.03 25.50
CA GLU D 301 11.94 29.75 25.70
C GLU D 301 10.68 29.94 26.54
N GLN D 302 10.82 30.70 27.63
CA GLN D 302 9.69 30.97 28.50
C GLN D 302 8.72 31.95 27.83
N VAL D 303 9.23 32.74 26.89
CA VAL D 303 8.41 33.72 26.17
C VAL D 303 7.53 32.98 25.15
N GLU D 304 8.06 31.89 24.64
CA GLU D 304 7.35 31.06 23.66
C GLU D 304 6.06 30.52 24.26
N LYS D 305 6.16 29.94 25.45
CA LYS D 305 5.01 29.35 26.13
C LYS D 305 3.93 30.38 26.45
N PHE D 306 4.36 31.51 26.98
CA PHE D 306 3.49 32.61 27.38
C PHE D 306 2.64 33.19 26.25
N LEU D 307 3.26 33.38 25.08
CA LEU D 307 2.54 33.95 23.95
C LEU D 307 1.70 32.94 23.21
N ARG D 308 2.09 31.68 23.30
CA ARG D 308 1.32 30.63 22.67
C ARG D 308 0.08 30.48 23.54
N PHE D 309 0.27 30.56 24.85
CA PHE D 309 -0.84 30.45 25.78
C PHE D 309 -1.80 31.62 25.59
N TYR D 311 -2.26 33.44 23.04
CA TYR D 311 -2.86 33.40 21.70
C TYR D 311 -3.79 32.20 21.45
N ARG D 312 -3.98 31.35 22.45
CA ARG D 312 -4.85 30.18 22.30
C ARG D 312 -6.30 30.66 22.17
N PRO D 313 -7.01 30.21 21.11
CA PRO D 313 -8.41 30.64 20.91
C PRO D 313 -9.11 30.58 22.27
N ASP D 314 -8.72 29.54 22.99
CA ASP D 314 -9.17 29.24 24.33
C ASP D 314 -9.15 30.47 25.25
N VAL D 315 -7.96 31.05 25.39
CA VAL D 315 -7.73 32.22 26.23
C VAL D 315 -8.36 33.49 25.66
N VAL D 316 -8.19 33.67 24.36
CA VAL D 316 -8.73 34.82 23.67
C VAL D 316 -10.23 34.96 23.92
N ALA D 317 -10.95 33.85 23.85
CA ALA D 317 -12.40 33.87 24.08
C ALA D 317 -12.75 34.36 25.49
N ARG D 318 -11.91 34.03 26.47
CA ARG D 318 -12.14 34.47 27.85
C ARG D 318 -12.12 35.99 27.92
N PHE D 319 -11.21 36.60 27.16
CA PHE D 319 -11.07 38.05 27.14
C PHE D 319 -12.32 38.67 26.52
N VAL D 320 -12.74 38.12 25.39
CA VAL D 320 -13.92 38.60 24.69
C VAL D 320 -15.17 38.39 25.55
N THR D 321 -15.40 37.14 25.91
CA THR D 321 -16.56 36.71 26.68
C THR D 321 -16.62 37.12 28.13
N GLU D 322 -15.47 37.16 28.79
CA GLU D 322 -15.44 37.46 30.21
C GLU D 322 -15.13 38.90 30.61
N SER D 323 -14.44 39.66 29.76
CA SER D 323 -14.10 41.05 30.06
C SER D 323 -14.72 42.06 29.08
N GLY D 324 -15.32 41.56 28.00
CA GLY D 324 -15.93 42.44 27.03
C GLY D 324 -14.89 43.14 26.16
N ARG D 325 -13.78 42.43 25.94
CA ARG D 325 -12.66 42.93 25.15
C ARG D 325 -12.80 42.72 23.64
N ASP D 326 -12.38 43.73 22.87
CA ASP D 326 -12.39 43.65 21.40
C ASP D 326 -10.96 43.20 21.12
N ALA D 328 -7.50 41.90 18.51
CA ALA D 328 -6.77 42.09 17.26
C ALA D 328 -6.53 40.76 16.55
N LEU D 329 -6.93 39.66 17.19
CA LEU D 329 -6.77 38.32 16.65
C LEU D 329 -8.12 37.77 16.21
N ARG D 330 -8.11 36.78 15.33
CA ARG D 330 -9.34 36.18 14.84
C ARG D 330 -9.99 35.37 15.96
N THR D 331 -11.31 35.50 16.10
CA THR D 331 -12.10 34.76 17.08
C THR D 331 -13.51 34.59 16.58
N ASP D 332 -14.23 33.66 17.20
CA ASP D 332 -15.62 33.41 16.84
C ASP D 332 -16.46 33.83 18.03
N ALA D 333 -15.80 34.18 19.13
CA ALA D 333 -16.48 34.61 20.34
C ALA D 333 -16.98 36.04 20.23
N VAL D 334 -18.09 36.31 20.91
CA VAL D 334 -18.72 37.64 20.92
C VAL D 334 -19.11 37.95 22.36
N SER D 335 -18.80 39.16 22.82
CA SER D 335 -19.11 39.50 24.21
C SER D 335 -20.59 39.81 24.46
N THR D 336 -21.39 38.75 24.50
CA THR D 336 -22.83 38.89 24.72
C THR D 336 -23.21 39.26 26.15
N GLY D 337 -22.25 39.23 27.06
CA GLY D 337 -22.52 39.59 28.44
C GLY D 337 -22.44 41.10 28.60
N PHE D 338 -22.02 41.75 27.53
CA PHE D 338 -21.90 43.21 27.46
C PHE D 338 -22.54 43.56 26.12
N PRO D 339 -23.87 43.36 26.03
CA PRO D 339 -24.70 43.59 24.86
C PRO D 339 -24.25 44.64 23.85
N LEU D 340 -24.00 45.86 24.30
CA LEU D 340 -23.57 46.89 23.35
C LEU D 340 -22.22 46.55 22.70
N VAL D 341 -21.30 45.97 23.48
CA VAL D 341 -20.00 45.57 22.95
C VAL D 341 -20.25 44.44 21.95
N GLY D 342 -21.07 43.49 22.37
CA GLY D 342 -21.40 42.37 21.51
C GLY D 342 -22.02 42.86 20.22
N ALA D 343 -22.93 43.82 20.34
CA ALA D 343 -23.59 44.38 19.16
C ALA D 343 -22.55 45.02 18.24
N ALA D 344 -21.68 45.85 18.80
CA ALA D 344 -20.65 46.52 18.01
C ALA D 344 -19.75 45.51 17.31
N GLN D 345 -19.37 44.44 18.01
CA GLN D 345 -18.51 43.42 17.40
C GLN D 345 -19.23 42.81 16.17
N ARG D 346 -20.57 42.79 16.20
CA ARG D 346 -21.37 42.22 15.11
C ARG D 346 -21.73 43.17 13.95
N LEU D 347 -21.25 44.41 13.98
CA LEU D 347 -21.56 45.39 12.95
C LEU D 347 -21.19 45.02 11.50
N GLY D 348 -19.89 44.91 11.20
CA GLY D 348 -19.53 44.54 9.84
C GLY D 348 -19.83 45.48 8.67
N SER D 349 -20.38 44.91 7.60
CA SER D 349 -20.70 45.60 6.35
C SER D 349 -21.37 46.98 6.29
N GLU D 350 -22.56 47.10 6.88
CA GLU D 350 -23.32 48.35 6.85
C GLU D 350 -22.69 49.52 7.60
N VAL D 351 -21.40 49.42 7.86
CA VAL D 351 -20.67 50.46 8.56
C VAL D 351 -19.26 50.54 8.01
N SER D 352 -18.75 51.75 7.81
CA SER D 352 -17.41 51.95 7.30
C SER D 352 -16.50 52.37 8.45
N GLN D 353 -15.28 51.85 8.45
CA GLN D 353 -14.31 52.14 9.49
C GLN D 353 -13.43 53.32 9.13
N VAL D 354 -13.24 54.24 10.09
CA VAL D 354 -12.39 55.40 9.86
C VAL D 354 -11.22 55.34 10.82
N LEU D 355 -10.29 56.26 10.64
CA LEU D 355 -9.08 56.29 11.44
C LEU D 355 -9.07 56.85 12.86
N LEU D 356 -8.36 56.17 13.75
CA LEU D 356 -8.14 56.63 15.12
C LEU D 356 -6.81 57.36 14.88
N PRO D 357 -6.83 58.70 14.84
CA PRO D 357 -5.64 59.52 14.60
C PRO D 357 -4.43 59.36 15.53
N ASP D 358 -4.69 59.20 16.82
CA ASP D 358 -3.65 59.08 17.85
C ASP D 358 -2.20 58.77 17.45
N VAL D 359 -1.94 57.58 16.91
CA VAL D 359 -0.58 57.19 16.54
C VAL D 359 0.09 58.09 15.53
N TYR D 360 -0.69 58.70 14.65
CA TYR D 360 -0.15 59.59 13.62
C TYR D 360 0.05 61.03 14.07
N VAL D 361 -0.56 61.43 15.18
CA VAL D 361 -0.42 62.80 15.66
C VAL D 361 0.88 63.05 16.44
N PRO D 362 1.72 64.00 15.97
CA PRO D 362 2.97 64.28 16.71
C PRO D 362 2.61 64.64 18.14
N PRO D 363 3.36 64.09 19.12
CA PRO D 363 3.09 64.38 20.53
C PRO D 363 2.93 65.84 20.92
N ALA D 364 3.64 66.74 20.25
CA ALA D 364 3.56 68.15 20.58
C ALA D 364 2.23 68.78 20.15
N ALA D 365 1.50 68.10 19.27
CA ALA D 365 0.23 68.62 18.80
C ALA D 365 -0.96 67.99 19.52
N ALA D 366 -0.71 66.96 20.31
CA ALA D 366 -1.77 66.26 21.03
C ALA D 366 -2.68 67.15 21.89
N GLN D 367 -2.10 67.87 22.84
CA GLN D 367 -2.89 68.73 23.71
C GLN D 367 -3.47 69.94 22.97
N PRO D 368 -2.65 70.64 22.17
CA PRO D 368 -3.20 71.80 21.46
C PRO D 368 -4.34 71.38 20.55
N LEU D 369 -4.32 70.13 20.11
CA LEU D 369 -5.37 69.60 19.23
C LEU D 369 -6.68 69.44 20.03
N ILE D 370 -6.56 69.15 21.31
CA ILE D 370 -7.75 69.06 22.14
C ILE D 370 -8.31 70.46 22.36
N THR D 371 -7.44 71.41 22.66
CA THR D 371 -7.85 72.79 22.88
C THR D 371 -8.59 73.35 21.66
N ALA D 372 -8.01 73.14 20.49
CA ALA D 372 -8.61 73.60 19.24
C ALA D 372 -9.95 72.91 18.98
N THR D 373 -10.15 71.76 19.61
CA THR D 373 -11.38 71.02 19.43
C THR D 373 -12.55 71.67 20.18
N SER D 374 -12.26 72.19 21.36
CA SER D 374 -13.27 72.85 22.16
C SER D 374 -13.77 74.09 21.41
N THR D 375 -12.83 74.80 20.79
CA THR D 375 -13.15 76.01 20.03
C THR D 375 -14.06 75.68 18.85
N SER D 376 -13.74 74.59 18.16
CA SER D 376 -14.51 74.16 17.00
C SER D 376 -15.94 73.74 17.33
N PHE D 377 -16.16 73.27 18.54
CA PHE D 377 -17.50 72.84 18.98
C PHE D 377 -18.40 74.00 19.37
N THR D 378 -17.86 75.21 19.35
CA THR D 378 -18.63 76.38 19.72
C THR D 378 -19.43 76.79 18.49
N ARG D 379 -20.76 76.80 18.62
CA ARG D 379 -21.63 77.18 17.52
C ARG D 379 -21.26 78.55 16.96
N GLY D 380 -21.19 78.64 15.64
CA GLY D 380 -20.86 79.91 15.01
C GLY D 380 -19.41 80.05 14.59
N THR D 381 -18.54 79.24 15.17
CA THR D 381 -17.11 79.29 14.82
C THR D 381 -17.02 78.83 13.38
N SER D 382 -16.69 79.76 12.49
CA SER D 382 -16.60 79.49 11.05
C SER D 382 -15.65 78.36 10.67
N PRO D 383 -15.93 77.68 9.54
CA PRO D 383 -15.10 76.58 9.05
C PRO D 383 -13.64 77.04 8.96
N ALA D 384 -13.44 78.25 8.46
CA ALA D 384 -12.11 78.83 8.33
C ALA D 384 -11.42 78.87 9.69
N ARG D 385 -12.14 79.30 10.72
CA ARG D 385 -11.57 79.37 12.06
C ARG D 385 -11.34 77.98 12.65
N VAL D 386 -12.16 76.99 12.25
CA VAL D 386 -11.99 75.63 12.75
C VAL D 386 -10.69 75.11 12.13
N ARG D 387 -10.49 75.37 10.84
CA ARG D 387 -9.27 74.94 10.15
C ARG D 387 -8.05 75.60 10.81
N ALA D 388 -8.14 76.90 11.02
CA ALA D 388 -7.04 77.66 11.64
C ALA D 388 -6.58 77.08 12.97
N ALA D 389 -7.52 76.88 13.89
CA ALA D 389 -7.21 76.34 15.22
C ALA D 389 -6.56 74.96 15.13
N LEU D 390 -7.13 74.10 14.28
CA LEU D 390 -6.62 72.74 14.08
C LEU D 390 -5.16 72.76 13.64
N GLU D 391 -4.86 73.57 12.63
CA GLU D 391 -3.51 73.68 12.09
C GLU D 391 -2.54 74.41 13.03
N SER D 392 -3.06 75.25 13.90
CA SER D 392 -2.20 75.98 14.84
C SER D 392 -1.79 75.01 15.95
N ALA D 393 -2.47 73.88 16.03
CA ALA D 393 -2.16 72.88 17.05
C ALA D 393 -0.79 72.28 16.75
N TYR D 394 -0.39 72.32 15.48
CA TYR D 394 0.88 71.77 15.03
C TYR D 394 2.02 72.79 14.93
N ARG D 395 1.89 73.93 15.60
CA ARG D 395 2.93 74.95 15.51
C ARG D 395 4.22 74.64 16.28
N SER D 396 4.12 73.79 17.30
CA SER D 396 5.30 73.44 18.09
C SER D 396 6.10 72.25 17.58
N VAL D 397 5.62 71.61 16.51
CA VAL D 397 6.32 70.47 15.92
C VAL D 397 7.20 71.03 14.79
N GLU D 398 8.03 70.19 14.17
CA GLU D 398 8.90 70.64 13.08
C GLU D 398 8.11 71.23 11.89
#